data_4NE3
# 
_entry.id   4NE3 
# 
_audit_conform.dict_name       mmcif_pdbx.dic 
_audit_conform.dict_version    5.398 
_audit_conform.dict_location   http://mmcif.pdb.org/dictionaries/ascii/mmcif_pdbx.dic 
# 
loop_
_database_2.database_id 
_database_2.database_code 
_database_2.pdbx_database_accession 
_database_2.pdbx_DOI 
PDB   4NE3         pdb_00004ne3 10.2210/pdb4ne3/pdb 
RCSB  RCSB083086   ?            ?                   
WWPDB D_1000083086 ?            ?                   
# 
loop_
_pdbx_audit_revision_history.ordinal 
_pdbx_audit_revision_history.data_content_type 
_pdbx_audit_revision_history.major_revision 
_pdbx_audit_revision_history.minor_revision 
_pdbx_audit_revision_history.revision_date 
1 'Structure model' 1 0 2013-12-25 
2 'Structure model' 1 1 2014-02-12 
3 'Structure model' 1 2 2024-11-06 
# 
_pdbx_audit_revision_details.ordinal             1 
_pdbx_audit_revision_details.revision_ordinal    1 
_pdbx_audit_revision_details.data_content_type   'Structure model' 
_pdbx_audit_revision_details.provider            repository 
_pdbx_audit_revision_details.type                'Initial release' 
_pdbx_audit_revision_details.description         ? 
_pdbx_audit_revision_details.details             ? 
# 
loop_
_pdbx_audit_revision_group.ordinal 
_pdbx_audit_revision_group.revision_ordinal 
_pdbx_audit_revision_group.data_content_type 
_pdbx_audit_revision_group.group 
1 2 'Structure model' 'Database references'  
2 3 'Structure model' 'Data collection'      
3 3 'Structure model' 'Database references'  
4 3 'Structure model' 'Derived calculations' 
5 3 'Structure model' 'Structure summary'    
# 
loop_
_pdbx_audit_revision_category.ordinal 
_pdbx_audit_revision_category.revision_ordinal 
_pdbx_audit_revision_category.data_content_type 
_pdbx_audit_revision_category.category 
1 3 'Structure model' chem_comp_atom            
2 3 'Structure model' chem_comp_bond            
3 3 'Structure model' database_2                
4 3 'Structure model' pdbx_entry_details        
5 3 'Structure model' pdbx_modification_feature 
6 3 'Structure model' struct_conn               
7 3 'Structure model' struct_ref_seq_dif        
# 
loop_
_pdbx_audit_revision_item.ordinal 
_pdbx_audit_revision_item.revision_ordinal 
_pdbx_audit_revision_item.data_content_type 
_pdbx_audit_revision_item.item 
1 3 'Structure model' '_database_2.pdbx_DOI'                
2 3 'Structure model' '_database_2.pdbx_database_accession' 
3 3 'Structure model' '_struct_conn.pdbx_leaving_atom_flag' 
4 3 'Structure model' '_struct_ref_seq_dif.details'         
# 
_pdbx_database_status.entry_id                        4NE3 
_pdbx_database_status.deposit_site                    RCSB 
_pdbx_database_status.process_site                    RCSB 
_pdbx_database_status.recvd_initial_deposition_date   2013-10-28 
_pdbx_database_status.status_code                     REL 
_pdbx_database_status.status_code_sf                  REL 
_pdbx_database_status.status_code_mr                  ? 
_pdbx_database_status.SG_entry                        ? 
_pdbx_database_status.status_code_cs                  ? 
_pdbx_database_status.methods_development_category    ? 
_pdbx_database_status.pdb_format_compatible           Y 
_pdbx_database_status.status_code_nmr_data            ? 
# 
loop_
_pdbx_database_related.db_name 
_pdbx_database_related.db_id 
_pdbx_database_related.details 
_pdbx_database_related.content_type 
PDB 4NE1 'protein-DNA complex' unspecified 
PDB 4NDY 'protein-DNA complex' unspecified 
PDB 4NE5 'Same complex'        unspecified 
PDB 4NE6 'Same complex'        unspecified 
# 
loop_
_audit_author.name 
_audit_author.pdbx_ordinal 
'Zhao, Q.'         1 
'Saro, D.'         2 
'Sachpatzidis, A.' 3 
'Sung, P.'         4 
'Xiong, Y.'        5 
# 
_citation.id                        primary 
_citation.title                     'The MHF complex senses branched DNA by binding a pair of crossover DNA duplexes.' 
_citation.journal_abbrev            'Nat Commun' 
_citation.journal_volume            5 
_citation.page_first                2987 
_citation.page_last                 2987 
_citation.year                      2014 
_citation.journal_id_ASTM           ? 
_citation.country                   UK 
_citation.journal_id_ISSN           2041-1723 
_citation.journal_id_CSD            ? 
_citation.book_publisher            ? 
_citation.pdbx_database_id_PubMed   24390579 
_citation.pdbx_database_id_DOI      10.1038/ncomms3987 
# 
loop_
_citation_author.citation_id 
_citation_author.name 
_citation_author.ordinal 
_citation_author.identifier_ORCID 
primary 'Zhao, Q.'         1  ? 
primary 'Saro, D.'         2  ? 
primary 'Sachpatzidis, A.' 3  ? 
primary 'Singh, T.R.'      4  ? 
primary 'Schlingman, D.'   5  ? 
primary 'Zheng, X.F.'      6  ? 
primary 'Mack, A.'         7  ? 
primary 'Tsai, M.S.'       8  ? 
primary 'Mochrie, S.'      9  ? 
primary 'Regan, L.'        10 ? 
primary 'Meetei, A.R.'     11 ? 
primary 'Sung, P.'         12 ? 
primary 'Xiong, Y.'        13 ? 
# 
loop_
_entity.id 
_entity.type 
_entity.src_method 
_entity.pdbx_description 
_entity.formula_weight 
_entity.pdbx_number_of_molecules 
_entity.pdbx_ec 
_entity.pdbx_mutation 
_entity.pdbx_fragment 
_entity.details 
1 polymer man 'Centromere protein S' 10739.987 1  ? ? ? ? 
2 polymer man 'Centromere protein X' 8445.690  1  ? ? ? ? 
3 water   nat water                  18.015    56 ? ? ? ? 
# 
loop_
_entity_name_com.entity_id 
_entity_name_com.name 
1 
;CENP-S, Apoptosis-inducing TAF9-like domain-containing protein 1, FANCM-interacting histone fold protein 1, Fanconi anemia-associated polypeptide of 16 kDa
;
2 
;CENP-X, FANCM-interacting histone fold protein 2, Fanconi anemia-associated polypeptide of 10 kDa, Retinoic acid-inducible gene D9 protein homolog, Stimulated by retinoic acid gene 13 protein homolog
;
# 
loop_
_entity_poly.entity_id 
_entity_poly.type 
_entity_poly.nstd_linkage 
_entity_poly.nstd_monomer 
_entity_poly.pdbx_seq_one_letter_code 
_entity_poly.pdbx_seq_one_letter_code_can 
_entity_poly.pdbx_strand_id 
_entity_poly.pdbx_target_identifier 
1 'polypeptide(L)' no yes 
;SYQQRLKAAVHYTVGCLCEEVALDKA(MSE)QFSKQTIAAISELTFRQCENFAKDLE(MSE)FARHAKRTTINTEDVKLL
ARRSNSLLKYITDKSEEIAQA
;
;SYQQRLKAAVHYTVGCLCEEVALDKAMQFSKQTIAAISELTFRQCENFAKDLEMFARHAKRTTINTEDVKLLARRSNSLL
KYITDKSEEIAQA
;
A ? 
2 'polypeptide(L)' no yes 'SGFRKELVSRLLHLHFKDDKTKVSGDALQL(MSE)VELLKVFVVEAAVRGVRQAQAEDALRVDVDQLEKVLPQLLLDF'                         
SGFRKELVSRLLHLHFKDDKTKVSGDALQLMVELLKVFVVEAAVRGVRQAQAEDALRVDVDQLEKVLPQLLLDF                       B ? 
# 
_pdbx_entity_nonpoly.entity_id   3 
_pdbx_entity_nonpoly.name        water 
_pdbx_entity_nonpoly.comp_id     HOH 
# 
loop_
_entity_poly_seq.entity_id 
_entity_poly_seq.num 
_entity_poly_seq.mon_id 
_entity_poly_seq.hetero 
1 1  SER n 
1 2  TYR n 
1 3  GLN n 
1 4  GLN n 
1 5  ARG n 
1 6  LEU n 
1 7  LYS n 
1 8  ALA n 
1 9  ALA n 
1 10 VAL n 
1 11 HIS n 
1 12 TYR n 
1 13 THR n 
1 14 VAL n 
1 15 GLY n 
1 16 CYS n 
1 17 LEU n 
1 18 CYS n 
1 19 GLU n 
1 20 GLU n 
1 21 VAL n 
1 22 ALA n 
1 23 LEU n 
1 24 ASP n 
1 25 LYS n 
1 26 ALA n 
1 27 MSE n 
1 28 GLN n 
1 29 PHE n 
1 30 SER n 
1 31 LYS n 
1 32 GLN n 
1 33 THR n 
1 34 ILE n 
1 35 ALA n 
1 36 ALA n 
1 37 ILE n 
1 38 SER n 
1 39 GLU n 
1 40 LEU n 
1 41 THR n 
1 42 PHE n 
1 43 ARG n 
1 44 GLN n 
1 45 CYS n 
1 46 GLU n 
1 47 ASN n 
1 48 PHE n 
1 49 ALA n 
1 50 LYS n 
1 51 ASP n 
1 52 LEU n 
1 53 GLU n 
1 54 MSE n 
1 55 PHE n 
1 56 ALA n 
1 57 ARG n 
1 58 HIS n 
1 59 ALA n 
1 60 LYS n 
1 61 ARG n 
1 62 THR n 
1 63 THR n 
1 64 ILE n 
1 65 ASN n 
1 66 THR n 
1 67 GLU n 
1 68 ASP n 
1 69 VAL n 
1 70 LYS n 
1 71 LEU n 
1 72 LEU n 
1 73 ALA n 
1 74 ARG n 
1 75 ARG n 
1 76 SER n 
1 77 ASN n 
1 78 SER n 
1 79 LEU n 
1 80 LEU n 
1 81 LYS n 
1 82 TYR n 
1 83 ILE n 
1 84 THR n 
1 85 ASP n 
1 86 LYS n 
1 87 SER n 
1 88 GLU n 
1 89 GLU n 
1 90 ILE n 
1 91 ALA n 
1 92 GLN n 
1 93 ALA n 
2 1  SER n 
2 2  GLY n 
2 3  PHE n 
2 4  ARG n 
2 5  LYS n 
2 6  GLU n 
2 7  LEU n 
2 8  VAL n 
2 9  SER n 
2 10 ARG n 
2 11 LEU n 
2 12 LEU n 
2 13 HIS n 
2 14 LEU n 
2 15 HIS n 
2 16 PHE n 
2 17 LYS n 
2 18 ASP n 
2 19 ASP n 
2 20 LYS n 
2 21 THR n 
2 22 LYS n 
2 23 VAL n 
2 24 SER n 
2 25 GLY n 
2 26 ASP n 
2 27 ALA n 
2 28 LEU n 
2 29 GLN n 
2 30 LEU n 
2 31 MSE n 
2 32 VAL n 
2 33 GLU n 
2 34 LEU n 
2 35 LEU n 
2 36 LYS n 
2 37 VAL n 
2 38 PHE n 
2 39 VAL n 
2 40 VAL n 
2 41 GLU n 
2 42 ALA n 
2 43 ALA n 
2 44 VAL n 
2 45 ARG n 
2 46 GLY n 
2 47 VAL n 
2 48 ARG n 
2 49 GLN n 
2 50 ALA n 
2 51 GLN n 
2 52 ALA n 
2 53 GLU n 
2 54 ASP n 
2 55 ALA n 
2 56 LEU n 
2 57 ARG n 
2 58 VAL n 
2 59 ASP n 
2 60 VAL n 
2 61 ASP n 
2 62 GLN n 
2 63 LEU n 
2 64 GLU n 
2 65 LYS n 
2 66 VAL n 
2 67 LEU n 
2 68 PRO n 
2 69 GLN n 
2 70 LEU n 
2 71 LEU n 
2 72 LEU n 
2 73 ASP n 
2 74 PHE n 
# 
loop_
_entity_src_gen.entity_id 
_entity_src_gen.pdbx_src_id 
_entity_src_gen.pdbx_alt_source_flag 
_entity_src_gen.pdbx_seq_type 
_entity_src_gen.pdbx_beg_seq_num 
_entity_src_gen.pdbx_end_seq_num 
_entity_src_gen.gene_src_common_name 
_entity_src_gen.gene_src_genus 
_entity_src_gen.pdbx_gene_src_gene 
_entity_src_gen.gene_src_species 
_entity_src_gen.gene_src_strain 
_entity_src_gen.gene_src_tissue 
_entity_src_gen.gene_src_tissue_fraction 
_entity_src_gen.gene_src_details 
_entity_src_gen.pdbx_gene_src_fragment 
_entity_src_gen.pdbx_gene_src_scientific_name 
_entity_src_gen.pdbx_gene_src_ncbi_taxonomy_id 
_entity_src_gen.pdbx_gene_src_variant 
_entity_src_gen.pdbx_gene_src_cell_line 
_entity_src_gen.pdbx_gene_src_atcc 
_entity_src_gen.pdbx_gene_src_organ 
_entity_src_gen.pdbx_gene_src_organelle 
_entity_src_gen.pdbx_gene_src_cell 
_entity_src_gen.pdbx_gene_src_cellular_location 
_entity_src_gen.host_org_common_name 
_entity_src_gen.pdbx_host_org_scientific_name 
_entity_src_gen.pdbx_host_org_ncbi_taxonomy_id 
_entity_src_gen.host_org_genus 
_entity_src_gen.pdbx_host_org_gene 
_entity_src_gen.pdbx_host_org_organ 
_entity_src_gen.host_org_species 
_entity_src_gen.pdbx_host_org_tissue 
_entity_src_gen.pdbx_host_org_tissue_fraction 
_entity_src_gen.pdbx_host_org_strain 
_entity_src_gen.pdbx_host_org_variant 
_entity_src_gen.pdbx_host_org_cell_line 
_entity_src_gen.pdbx_host_org_atcc 
_entity_src_gen.pdbx_host_org_culture_collection 
_entity_src_gen.pdbx_host_org_cell 
_entity_src_gen.pdbx_host_org_organelle 
_entity_src_gen.pdbx_host_org_cellular_location 
_entity_src_gen.pdbx_host_org_vector_type 
_entity_src_gen.pdbx_host_org_vector 
_entity_src_gen.host_org_details 
_entity_src_gen.expression_system_id 
_entity_src_gen.plasmid_name 
_entity_src_gen.plasmid_details 
_entity_src_gen.pdbx_description 
1 1 sample ? ? ? human ? 'APITD1, CENPS, FAAP16, MHF1' ? ? ? ? ? ? 'Homo sapiens' 9606 ? ? ? ? ? ? ? ? 'Escherichia coli' 511693 ? 
? ? ? ? ? 'BL21 Rossetta' ? ? ? ? ? ? ? ? ? ? ? ? ? ? 
2 1 sample ? ? ? human ? 'STRA13, CENPX, FAAP10, MHF2' ? ? ? ? ? ? 'Homo sapiens' 9606 ? ? ? ? ? ? ? ? 'Escherichia coli' 511693 ? 
? ? ? ? ? 'BL21 Rossetta' ? ? ? ? ? ? ? ? ? ? ? ? ? ? 
# 
loop_
_chem_comp.id 
_chem_comp.type 
_chem_comp.mon_nstd_flag 
_chem_comp.name 
_chem_comp.pdbx_synonyms 
_chem_comp.formula 
_chem_comp.formula_weight 
ALA 'L-peptide linking' y ALANINE          ? 'C3 H7 N O2'     89.093  
ARG 'L-peptide linking' y ARGININE         ? 'C6 H15 N4 O2 1' 175.209 
ASN 'L-peptide linking' y ASPARAGINE       ? 'C4 H8 N2 O3'    132.118 
ASP 'L-peptide linking' y 'ASPARTIC ACID'  ? 'C4 H7 N O4'     133.103 
CYS 'L-peptide linking' y CYSTEINE         ? 'C3 H7 N O2 S'   121.158 
GLN 'L-peptide linking' y GLUTAMINE        ? 'C5 H10 N2 O3'   146.144 
GLU 'L-peptide linking' y 'GLUTAMIC ACID'  ? 'C5 H9 N O4'     147.129 
GLY 'peptide linking'   y GLYCINE          ? 'C2 H5 N O2'     75.067  
HIS 'L-peptide linking' y HISTIDINE        ? 'C6 H10 N3 O2 1' 156.162 
HOH non-polymer         . WATER            ? 'H2 O'           18.015  
ILE 'L-peptide linking' y ISOLEUCINE       ? 'C6 H13 N O2'    131.173 
LEU 'L-peptide linking' y LEUCINE          ? 'C6 H13 N O2'    131.173 
LYS 'L-peptide linking' y LYSINE           ? 'C6 H15 N2 O2 1' 147.195 
MSE 'L-peptide linking' n SELENOMETHIONINE ? 'C5 H11 N O2 Se' 196.106 
PHE 'L-peptide linking' y PHENYLALANINE    ? 'C9 H11 N O2'    165.189 
PRO 'L-peptide linking' y PROLINE          ? 'C5 H9 N O2'     115.130 
SER 'L-peptide linking' y SERINE           ? 'C3 H7 N O3'     105.093 
THR 'L-peptide linking' y THREONINE        ? 'C4 H9 N O3'     119.119 
TYR 'L-peptide linking' y TYROSINE         ? 'C9 H11 N O3'    181.189 
VAL 'L-peptide linking' y VALINE           ? 'C5 H11 N O2'    117.146 
# 
loop_
_pdbx_poly_seq_scheme.asym_id 
_pdbx_poly_seq_scheme.entity_id 
_pdbx_poly_seq_scheme.seq_id 
_pdbx_poly_seq_scheme.mon_id 
_pdbx_poly_seq_scheme.ndb_seq_num 
_pdbx_poly_seq_scheme.pdb_seq_num 
_pdbx_poly_seq_scheme.auth_seq_num 
_pdbx_poly_seq_scheme.pdb_mon_id 
_pdbx_poly_seq_scheme.auth_mon_id 
_pdbx_poly_seq_scheme.pdb_strand_id 
_pdbx_poly_seq_scheme.pdb_ins_code 
_pdbx_poly_seq_scheme.hetero 
A 1 1  SER 1  14  14  SER SER A . n 
A 1 2  TYR 2  15  15  TYR TYR A . n 
A 1 3  GLN 3  16  16  GLN GLN A . n 
A 1 4  GLN 4  17  17  GLN GLN A . n 
A 1 5  ARG 5  18  18  ARG ARG A . n 
A 1 6  LEU 6  19  19  LEU LEU A . n 
A 1 7  LYS 7  20  20  LYS LYS A . n 
A 1 8  ALA 8  21  21  ALA ALA A . n 
A 1 9  ALA 9  22  22  ALA ALA A . n 
A 1 10 VAL 10 23  23  VAL VAL A . n 
A 1 11 HIS 11 24  24  HIS HIS A . n 
A 1 12 TYR 12 25  25  TYR TYR A . n 
A 1 13 THR 13 26  26  THR THR A . n 
A 1 14 VAL 14 27  27  VAL VAL A . n 
A 1 15 GLY 15 28  28  GLY GLY A . n 
A 1 16 CYS 16 29  29  CYS CYS A . n 
A 1 17 LEU 17 30  30  LEU LEU A . n 
A 1 18 CYS 18 31  31  CYS CYS A . n 
A 1 19 GLU 19 32  32  GLU GLU A . n 
A 1 20 GLU 20 33  33  GLU GLU A . n 
A 1 21 VAL 21 34  34  VAL VAL A . n 
A 1 22 ALA 22 35  35  ALA ALA A . n 
A 1 23 LEU 23 36  36  LEU LEU A . n 
A 1 24 ASP 24 37  37  ASP ASP A . n 
A 1 25 LYS 25 38  38  LYS LYS A . n 
A 1 26 ALA 26 39  39  ALA ALA A . n 
A 1 27 MSE 27 40  40  MSE MSE A . n 
A 1 28 GLN 28 41  41  GLN GLN A . n 
A 1 29 PHE 29 42  42  PHE PHE A . n 
A 1 30 SER 30 43  43  SER SER A . n 
A 1 31 LYS 31 44  44  LYS LYS A . n 
A 1 32 GLN 32 45  45  GLN GLN A . n 
A 1 33 THR 33 46  46  THR THR A . n 
A 1 34 ILE 34 47  47  ILE ILE A . n 
A 1 35 ALA 35 48  48  ALA ALA A . n 
A 1 36 ALA 36 49  49  ALA ALA A . n 
A 1 37 ILE 37 50  50  ILE ILE A . n 
A 1 38 SER 38 51  51  SER SER A . n 
A 1 39 GLU 39 52  52  GLU GLU A . n 
A 1 40 LEU 40 53  53  LEU LEU A . n 
A 1 41 THR 41 54  54  THR THR A . n 
A 1 42 PHE 42 55  55  PHE PHE A . n 
A 1 43 ARG 43 56  56  ARG ARG A . n 
A 1 44 GLN 44 57  57  GLN GLN A . n 
A 1 45 CYS 45 58  58  CYS CYS A . n 
A 1 46 GLU 46 59  59  GLU GLU A . n 
A 1 47 ASN 47 60  60  ASN ASN A . n 
A 1 48 PHE 48 61  61  PHE PHE A . n 
A 1 49 ALA 49 62  62  ALA ALA A . n 
A 1 50 LYS 50 63  63  LYS LYS A . n 
A 1 51 ASP 51 64  64  ASP ASP A . n 
A 1 52 LEU 52 65  65  LEU LEU A . n 
A 1 53 GLU 53 66  66  GLU GLU A . n 
A 1 54 MSE 54 67  67  MSE MSE A . n 
A 1 55 PHE 55 68  68  PHE PHE A . n 
A 1 56 ALA 56 69  69  ALA ALA A . n 
A 1 57 ARG 57 70  70  ARG ARG A . n 
A 1 58 HIS 58 71  71  HIS HIS A . n 
A 1 59 ALA 59 72  72  ALA ALA A . n 
A 1 60 LYS 60 73  73  LYS LYS A . n 
A 1 61 ARG 61 74  74  ARG ARG A . n 
A 1 62 THR 62 75  75  THR THR A . n 
A 1 63 THR 63 76  76  THR THR A . n 
A 1 64 ILE 64 77  77  ILE ILE A . n 
A 1 65 ASN 65 78  78  ASN ASN A . n 
A 1 66 THR 66 79  79  THR THR A . n 
A 1 67 GLU 67 80  80  GLU GLU A . n 
A 1 68 ASP 68 81  81  ASP ASP A . n 
A 1 69 VAL 69 82  82  VAL VAL A . n 
A 1 70 LYS 70 83  83  LYS LYS A . n 
A 1 71 LEU 71 84  84  LEU LEU A . n 
A 1 72 LEU 72 85  85  LEU LEU A . n 
A 1 73 ALA 73 86  86  ALA ALA A . n 
A 1 74 ARG 74 87  87  ARG ARG A . n 
A 1 75 ARG 75 88  88  ARG ARG A . n 
A 1 76 SER 76 89  89  SER SER A . n 
A 1 77 ASN 77 90  90  ASN ASN A . n 
A 1 78 SER 78 91  91  SER SER A . n 
A 1 79 LEU 79 92  92  LEU LEU A . n 
A 1 80 LEU 80 93  93  LEU LEU A . n 
A 1 81 LYS 81 94  94  LYS LYS A . n 
A 1 82 TYR 82 95  95  TYR TYR A . n 
A 1 83 ILE 83 96  96  ILE ILE A . n 
A 1 84 THR 84 97  97  THR THR A . n 
A 1 85 ASP 85 98  98  ASP ASP A . n 
A 1 86 LYS 86 99  99  LYS LYS A . n 
A 1 87 SER 87 100 100 SER SER A . n 
A 1 88 GLU 88 101 101 GLU GLU A . n 
A 1 89 GLU 89 102 102 GLU GLU A . n 
A 1 90 ILE 90 103 103 ILE ILE A . n 
A 1 91 ALA 91 104 104 ALA ALA A . n 
A 1 92 GLN 92 105 105 GLN GLN A . n 
A 1 93 ALA 93 106 106 ALA ALA A . n 
B 2 1  SER 1  8   8   SER SER B . n 
B 2 2  GLY 2  9   9   GLY GLY B . n 
B 2 3  PHE 3  10  10  PHE PHE B . n 
B 2 4  ARG 4  11  11  ARG ARG B . n 
B 2 5  LYS 5  12  12  LYS LYS B . n 
B 2 6  GLU 6  13  13  GLU GLU B . n 
B 2 7  LEU 7  14  14  LEU LEU B . n 
B 2 8  VAL 8  15  15  VAL VAL B . n 
B 2 9  SER 9  16  16  SER SER B . n 
B 2 10 ARG 10 17  17  ARG ARG B . n 
B 2 11 LEU 11 18  18  LEU LEU B . n 
B 2 12 LEU 12 19  19  LEU LEU B . n 
B 2 13 HIS 13 20  20  HIS HIS B . n 
B 2 14 LEU 14 21  21  LEU LEU B . n 
B 2 15 HIS 15 22  22  HIS HIS B . n 
B 2 16 PHE 16 23  23  PHE PHE B . n 
B 2 17 LYS 17 24  24  LYS LYS B . n 
B 2 18 ASP 18 25  25  ASP ASP B . n 
B 2 19 ASP 19 26  26  ASP ASP B . n 
B 2 20 LYS 20 27  27  LYS LYS B . n 
B 2 21 THR 21 28  28  THR THR B . n 
B 2 22 LYS 22 29  29  LYS LYS B . n 
B 2 23 VAL 23 30  30  VAL VAL B . n 
B 2 24 SER 24 31  31  SER SER B . n 
B 2 25 GLY 25 32  32  GLY GLY B . n 
B 2 26 ASP 26 33  33  ASP ASP B . n 
B 2 27 ALA 27 34  34  ALA ALA B . n 
B 2 28 LEU 28 35  35  LEU LEU B . n 
B 2 29 GLN 29 36  36  GLN GLN B . n 
B 2 30 LEU 30 37  37  LEU LEU B . n 
B 2 31 MSE 31 38  38  MSE MSE B . n 
B 2 32 VAL 32 39  39  VAL VAL B . n 
B 2 33 GLU 33 40  40  GLU GLU B . n 
B 2 34 LEU 34 41  41  LEU LEU B . n 
B 2 35 LEU 35 42  42  LEU LEU B . n 
B 2 36 LYS 36 43  43  LYS LYS B . n 
B 2 37 VAL 37 44  44  VAL VAL B . n 
B 2 38 PHE 38 45  45  PHE PHE B . n 
B 2 39 VAL 39 46  46  VAL VAL B . n 
B 2 40 VAL 40 47  47  VAL VAL B . n 
B 2 41 GLU 41 48  48  GLU GLU B . n 
B 2 42 ALA 42 49  49  ALA ALA B . n 
B 2 43 ALA 43 50  50  ALA ALA B . n 
B 2 44 VAL 44 51  51  VAL VAL B . n 
B 2 45 ARG 45 52  52  ARG ARG B . n 
B 2 46 GLY 46 53  53  GLY GLY B . n 
B 2 47 VAL 47 54  54  VAL VAL B . n 
B 2 48 ARG 48 55  55  ARG ARG B . n 
B 2 49 GLN 49 56  56  GLN GLN B . n 
B 2 50 ALA 50 57  57  ALA ALA B . n 
B 2 51 GLN 51 58  58  GLN GLN B . n 
B 2 52 ALA 52 59  59  ALA ALA B . n 
B 2 53 GLU 53 60  60  GLU GLU B . n 
B 2 54 ASP 54 61  61  ASP ASP B . n 
B 2 55 ALA 55 62  62  ALA ALA B . n 
B 2 56 LEU 56 63  63  LEU LEU B . n 
B 2 57 ARG 57 64  64  ARG ARG B . n 
B 2 58 VAL 58 65  65  VAL VAL B . n 
B 2 59 ASP 59 66  66  ASP ASP B . n 
B 2 60 VAL 60 67  67  VAL VAL B . n 
B 2 61 ASP 61 68  68  ASP ASP B . n 
B 2 62 GLN 62 69  69  GLN GLN B . n 
B 2 63 LEU 63 70  70  LEU LEU B . n 
B 2 64 GLU 64 71  71  GLU GLU B . n 
B 2 65 LYS 65 72  72  LYS LYS B . n 
B 2 66 VAL 66 73  73  VAL VAL B . n 
B 2 67 LEU 67 74  74  LEU LEU B . n 
B 2 68 PRO 68 75  75  PRO PRO B . n 
B 2 69 GLN 69 76  76  GLN GLN B . n 
B 2 70 LEU 70 77  77  LEU LEU B . n 
B 2 71 LEU 71 78  78  LEU LEU B . n 
B 2 72 LEU 72 79  79  LEU LEU B . n 
B 2 73 ASP 73 80  80  ASP ASP B . n 
B 2 74 PHE 74 81  81  PHE PHE B . n 
# 
loop_
_pdbx_nonpoly_scheme.asym_id 
_pdbx_nonpoly_scheme.entity_id 
_pdbx_nonpoly_scheme.mon_id 
_pdbx_nonpoly_scheme.ndb_seq_num 
_pdbx_nonpoly_scheme.pdb_seq_num 
_pdbx_nonpoly_scheme.auth_seq_num 
_pdbx_nonpoly_scheme.pdb_mon_id 
_pdbx_nonpoly_scheme.auth_mon_id 
_pdbx_nonpoly_scheme.pdb_strand_id 
_pdbx_nonpoly_scheme.pdb_ins_code 
C 3 HOH 1  201 1  HOH HOH A . 
C 3 HOH 2  202 4  HOH HOH A . 
C 3 HOH 3  203 8  HOH HOH A . 
C 3 HOH 4  204 9  HOH HOH A . 
C 3 HOH 5  205 13 HOH HOH A . 
C 3 HOH 6  206 14 HOH HOH A . 
C 3 HOH 7  207 16 HOH HOH A . 
C 3 HOH 8  208 17 HOH HOH A . 
C 3 HOH 9  209 18 HOH HOH A . 
C 3 HOH 10 210 19 HOH HOH A . 
C 3 HOH 11 211 21 HOH HOH A . 
C 3 HOH 12 212 23 HOH HOH A . 
C 3 HOH 13 213 24 HOH HOH A . 
C 3 HOH 14 214 27 HOH HOH A . 
C 3 HOH 15 215 28 HOH HOH A . 
C 3 HOH 16 216 31 HOH HOH A . 
C 3 HOH 17 217 32 HOH HOH A . 
C 3 HOH 18 218 35 HOH HOH A . 
C 3 HOH 19 219 36 HOH HOH A . 
C 3 HOH 20 220 37 HOH HOH A . 
C 3 HOH 21 221 38 HOH HOH A . 
C 3 HOH 22 222 40 HOH HOH A . 
C 3 HOH 23 223 41 HOH HOH A . 
C 3 HOH 24 224 43 HOH HOH A . 
C 3 HOH 25 225 44 HOH HOH A . 
C 3 HOH 26 226 48 HOH HOH A . 
C 3 HOH 27 227 49 HOH HOH A . 
C 3 HOH 28 228 50 HOH HOH A . 
C 3 HOH 29 229 53 HOH HOH A . 
C 3 HOH 30 230 54 HOH HOH A . 
D 3 HOH 1  101 2  HOH HOH B . 
D 3 HOH 2  102 3  HOH HOH B . 
D 3 HOH 3  103 5  HOH HOH B . 
D 3 HOH 4  104 6  HOH HOH B . 
D 3 HOH 5  105 7  HOH HOH B . 
D 3 HOH 6  106 10 HOH HOH B . 
D 3 HOH 7  107 11 HOH HOH B . 
D 3 HOH 8  108 12 HOH HOH B . 
D 3 HOH 9  109 15 HOH HOH B . 
D 3 HOH 10 110 20 HOH HOH B . 
D 3 HOH 11 111 22 HOH HOH B . 
D 3 HOH 12 112 25 HOH HOH B . 
D 3 HOH 13 113 26 HOH HOH B . 
D 3 HOH 14 114 29 HOH HOH B . 
D 3 HOH 15 115 30 HOH HOH B . 
D 3 HOH 16 116 33 HOH HOH B . 
D 3 HOH 17 117 34 HOH HOH B . 
D 3 HOH 18 118 39 HOH HOH B . 
D 3 HOH 19 119 42 HOH HOH B . 
D 3 HOH 20 120 45 HOH HOH B . 
D 3 HOH 21 121 46 HOH HOH B . 
D 3 HOH 22 122 47 HOH HOH B . 
D 3 HOH 23 123 51 HOH HOH B . 
D 3 HOH 24 124 52 HOH HOH B . 
D 3 HOH 25 125 55 HOH HOH B . 
D 3 HOH 26 126 56 HOH HOH B . 
# 
loop_
_pdbx_unobs_or_zero_occ_atoms.id 
_pdbx_unobs_or_zero_occ_atoms.PDB_model_num 
_pdbx_unobs_or_zero_occ_atoms.polymer_flag 
_pdbx_unobs_or_zero_occ_atoms.occupancy_flag 
_pdbx_unobs_or_zero_occ_atoms.auth_asym_id 
_pdbx_unobs_or_zero_occ_atoms.auth_comp_id 
_pdbx_unobs_or_zero_occ_atoms.auth_seq_id 
_pdbx_unobs_or_zero_occ_atoms.PDB_ins_code 
_pdbx_unobs_or_zero_occ_atoms.auth_atom_id 
_pdbx_unobs_or_zero_occ_atoms.label_alt_id 
_pdbx_unobs_or_zero_occ_atoms.label_asym_id 
_pdbx_unobs_or_zero_occ_atoms.label_comp_id 
_pdbx_unobs_or_zero_occ_atoms.label_seq_id 
_pdbx_unobs_or_zero_occ_atoms.label_atom_id 
1 1 Y 1 A ARG 88 ? CG  ? A ARG 75 CG  
2 1 Y 1 A ARG 88 ? CD  ? A ARG 75 CD  
3 1 Y 1 A ARG 88 ? NE  ? A ARG 75 NE  
4 1 Y 1 A ARG 88 ? CZ  ? A ARG 75 CZ  
5 1 Y 1 A ARG 88 ? NH1 ? A ARG 75 NH1 
6 1 Y 1 A ARG 88 ? NH2 ? A ARG 75 NH2 
# 
loop_
_software.pdbx_ordinal 
_software.name 
_software.version 
_software.date 
_software.type 
_software.contact_author 
_software.contact_author_email 
_software.classification 
_software.location 
_software.language 
_software.citation_id 
1 PHENIX      1.6.4_486 ?                package 'Paul D. Adams' PDAdams@lbl.gov          refinement        
http://www.phenix-online.org/             C++ ? 
2 PDB_EXTRACT 3.11      'April 22, 2011' package PDB             deposit@deposit.rcsb.org 'data extraction' 
http://sw-tools.pdb.org/apps/PDB_EXTRACT/ C++ ? 
3 ADSC        Quantum   ?                ?       ?               ?                        'data collection' ? ?   ? 
4 HKL-2000    .         ?                ?       ?               ?                        'data reduction'  ? ?   ? 
5 HKL-2000    .         ?                ?       ?               ?                        'data scaling'    ? ?   ? 
6 PHASER      .         ?                ?       ?               ?                        phasing           ? ?   ? 
# 
_cell.length_a           61.969 
_cell.length_b           52.945 
_cell.length_c           60.283 
_cell.angle_alpha        90.000 
_cell.angle_beta         114.910 
_cell.angle_gamma        90.000 
_cell.entry_id           4NE3 
_cell.pdbx_unique_axis   ? 
_cell.Z_PDB              4 
_cell.length_a_esd       ? 
_cell.length_b_esd       ? 
_cell.length_c_esd       ? 
_cell.angle_alpha_esd    ? 
_cell.angle_beta_esd     ? 
_cell.angle_gamma_esd    ? 
# 
_symmetry.space_group_name_H-M             'C 1 2 1' 
_symmetry.entry_id                         4NE3 
_symmetry.pdbx_full_space_group_name_H-M   ? 
_symmetry.Int_Tables_number                5 
_symmetry.cell_setting                     ? 
_symmetry.space_group_name_Hall            ? 
# 
_exptl.crystals_number   1 
_exptl.entry_id          4NE3 
_exptl.method            'X-RAY DIFFRACTION' 
# 
_exptl_crystal.id                    1 
_exptl_crystal.density_Matthews      2.34 
_exptl_crystal.density_meas          ? 
_exptl_crystal.density_percent_sol   47.38 
_exptl_crystal.description           ? 
_exptl_crystal.F_000                 ? 
_exptl_crystal.preparation           ? 
# 
_diffrn.id                     1 
_diffrn.ambient_temp           100 
_diffrn.ambient_temp_details   ? 
_diffrn.crystal_id             1 
# 
_diffrn_detector.diffrn_id              1 
_diffrn_detector.detector               CCD 
_diffrn_detector.type                   'ADSC QUANTUM 315' 
_diffrn_detector.pdbx_collection_date   ? 
_diffrn_detector.details                ? 
# 
_diffrn_radiation.diffrn_id                        1 
_diffrn_radiation.wavelength_id                    1 
_diffrn_radiation.pdbx_diffrn_protocol             'SINGLE WAVELENGTH' 
_diffrn_radiation.monochromator                    ? 
_diffrn_radiation.pdbx_monochromatic_or_laue_m_l   M 
_diffrn_radiation.pdbx_scattering_type             x-ray 
# 
_diffrn_radiation_wavelength.id           1 
_diffrn_radiation_wavelength.wavelength   1 
_diffrn_radiation_wavelength.wt           1.0 
# 
_diffrn_source.diffrn_id                   1 
_diffrn_source.source                      SYNCHROTRON 
_diffrn_source.type                        'APS BEAMLINE 24-ID-C' 
_diffrn_source.pdbx_wavelength             ? 
_diffrn_source.pdbx_wavelength_list        1 
_diffrn_source.pdbx_synchrotron_site       APS 
_diffrn_source.pdbx_synchrotron_beamline   24-ID-C 
# 
_reflns.entry_id                     4NE3 
_reflns.observed_criterion_sigma_F   0 
_reflns.observed_criterion_sigma_I   ? 
_reflns.d_resolution_high            1.8007 
_reflns.d_resolution_low             28.102 
_reflns.number_all                   16522 
_reflns.number_obs                   16358 
_reflns.percent_possible_obs         99.01 
_reflns.pdbx_Rmerge_I_obs            ? 
_reflns.pdbx_Rsym_value              ? 
_reflns.pdbx_netI_over_sigmaI        ? 
_reflns.B_iso_Wilson_estimate        ? 
_reflns.pdbx_redundancy              ? 
_reflns.R_free_details               ? 
_reflns.limit_h_max                  ? 
_reflns.limit_h_min                  ? 
_reflns.limit_k_max                  ? 
_reflns.limit_k_min                  ? 
_reflns.limit_l_max                  ? 
_reflns.limit_l_min                  ? 
_reflns.observed_criterion_F_max     ? 
_reflns.observed_criterion_F_min     ? 
_reflns.pdbx_chi_squared             ? 
_reflns.pdbx_scaling_rejects         ? 
_reflns.pdbx_ordinal                 1 
_reflns.pdbx_diffrn_id               1 
# 
_refine.entry_id                                 4NE3 
_refine.ls_d_res_high                            1.8007 
_refine.ls_d_res_low                             28.1020 
_refine.pdbx_ls_sigma_F                          0.000 
_refine.pdbx_data_cutoff_high_absF               ? 
_refine.pdbx_data_cutoff_low_absF                ? 
_refine.ls_percent_reflns_obs                    99.0100 
_refine.ls_number_reflns_obs                     16358 
_refine.ls_number_reflns_all                     ? 
_refine.pdbx_ls_cross_valid_method               ? 
_refine.pdbx_R_Free_selection_details            RANDOM 
_refine.details                                  ? 
_refine.ls_R_factor_all                          ? 
_refine.ls_R_factor_obs                          0.2324 
_refine.ls_R_factor_R_work                       0.2313 
_refine.ls_wR_factor_R_work                      ? 
_refine.ls_R_factor_R_free                       0.2520 
_refine.ls_wR_factor_R_free                      ? 
_refine.ls_percent_reflns_R_free                 5.0500 
_refine.ls_number_reflns_R_free                  826 
_refine.ls_R_factor_R_free_error                 ? 
_refine.B_iso_mean                               39.9791 
_refine.solvent_model_param_bsol                 61.3750 
_refine.solvent_model_param_ksol                 0.4090 
_refine.pdbx_isotropic_thermal_model             ? 
_refine.aniso_B[1][1]                            7.9043 
_refine.aniso_B[2][2]                            -0.9802 
_refine.aniso_B[3][3]                            -6.9242 
_refine.aniso_B[1][2]                            -0.0000 
_refine.aniso_B[1][3]                            2.1373 
_refine.aniso_B[2][3]                            0.0000 
_refine.correlation_coeff_Fo_to_Fc               ? 
_refine.correlation_coeff_Fo_to_Fc_free          ? 
_refine.overall_SU_R_Cruickshank_DPI             ? 
_refine.overall_SU_R_free                        ? 
_refine.pdbx_overall_ESU_R                       ? 
_refine.pdbx_overall_ESU_R_Free                  ? 
_refine.overall_SU_ML                            0.2400 
_refine.overall_SU_B                             ? 
_refine.solvent_model_details                    'FLAT BULK SOLVENT MODEL' 
_refine.pdbx_solvent_vdw_probe_radii             1.3000 
_refine.pdbx_solvent_ion_probe_radii             ? 
_refine.pdbx_solvent_shrinkage_radii             1.0600 
_refine.ls_number_parameters                     ? 
_refine.ls_number_restraints                     ? 
_refine.pdbx_starting_model                      ? 
_refine.pdbx_method_to_determine_struct          'MOLECULAR REPLACEMENT' 
_refine.pdbx_stereochemistry_target_values       'MAXIMUM LIKELIHOOD' 
_refine.pdbx_stereochem_target_val_spec_case     ? 
_refine.overall_FOM_work_R_set                   0.8007 
_refine.B_iso_max                                92.750 
_refine.B_iso_min                                18.140 
_refine.pdbx_overall_phase_error                 27.0500 
_refine.occupancy_max                            1.000 
_refine.occupancy_min                            0.470 
_refine.pdbx_ls_sigma_I                          ? 
_refine.ls_redundancy_reflns_obs                 ? 
_refine.ls_R_factor_R_free_error_details         ? 
_refine.pdbx_data_cutoff_high_rms_absF           ? 
_refine.overall_FOM_free_R_set                   ? 
_refine.pdbx_diffrn_id                           1 
_refine.pdbx_refine_id                           'X-RAY DIFFRACTION' 
_refine.pdbx_TLS_residual_ADP_flag               ? 
_refine.pdbx_overall_SU_R_free_Cruickshank_DPI   ? 
_refine.pdbx_overall_SU_R_Blow_DPI               ? 
_refine.pdbx_overall_SU_R_free_Blow_DPI          ? 
# 
_refine_hist.pdbx_refine_id                   'X-RAY DIFFRACTION' 
_refine_hist.cycle_id                         LAST 
_refine_hist.pdbx_number_atoms_protein        1327 
_refine_hist.pdbx_number_atoms_nucleic_acid   0 
_refine_hist.pdbx_number_atoms_ligand         0 
_refine_hist.number_atoms_solvent             56 
_refine_hist.number_atoms_total               1383 
_refine_hist.d_res_high                       1.8007 
_refine_hist.d_res_low                        28.1020 
# 
loop_
_refine_ls_restr.type 
_refine_ls_restr.number 
_refine_ls_restr.dev_ideal 
_refine_ls_restr.dev_ideal_target 
_refine_ls_restr.weight 
_refine_ls_restr.pdbx_restraint_function 
_refine_ls_restr.pdbx_refine_id 
f_bond_d           1341 0.007  ? ? ? 'X-RAY DIFFRACTION' 
f_angle_d          1801 0.928  ? ? ? 'X-RAY DIFFRACTION' 
f_chiral_restr     214  0.063  ? ? ? 'X-RAY DIFFRACTION' 
f_plane_restr      229  0.003  ? ? ? 'X-RAY DIFFRACTION' 
f_dihedral_angle_d 507  13.085 ? ? ? 'X-RAY DIFFRACTION' 
# 
loop_
_refine_ls_shell.d_res_high 
_refine_ls_shell.d_res_low 
_refine_ls_shell.pdbx_total_number_of_bins_used 
_refine_ls_shell.percent_reflns_obs 
_refine_ls_shell.number_reflns_R_work 
_refine_ls_shell.R_factor_all 
_refine_ls_shell.R_factor_R_work 
_refine_ls_shell.R_factor_R_free 
_refine_ls_shell.percent_reflns_R_free 
_refine_ls_shell.number_reflns_R_free 
_refine_ls_shell.R_factor_R_free_error 
_refine_ls_shell.number_reflns_all 
_refine_ls_shell.number_reflns_obs 
_refine_ls_shell.redundancy_reflns_obs 
_refine_ls_shell.pdbx_refine_id 
1.8007 1.9135  6 99.0000  2579 . 0.3264 0.3773 . 133 . 2712 . . 'X-RAY DIFFRACTION' 
1.9135 2.0612  6 100.0000 2579 . 0.2688 0.3355 . 163 . 2742 . . 'X-RAY DIFFRACTION' 
2.0612 2.2686  6 100.0000 2597 . 0.2322 0.2631 . 129 . 2726 . . 'X-RAY DIFFRACTION' 
2.2686 2.5967  6 100.0000 2588 . 0.2137 0.2395 . 140 . 2728 . . 'X-RAY DIFFRACTION' 
2.5967 3.2707  6 99.0000  2592 . 0.2185 0.2722 . 131 . 2723 . . 'X-RAY DIFFRACTION' 
3.2707 28.1054 6 97.0000  2597 . 0.2282 0.2228 . 130 . 2727 . . 'X-RAY DIFFRACTION' 
# 
_struct.entry_id                  4NE3 
_struct.title                     'Human MHF1-MHF2 complex' 
_struct.pdbx_model_details        ? 
_struct.pdbx_CASP_flag            ? 
_struct.pdbx_model_type_details   ? 
# 
_struct_keywords.entry_id        4NE3 
_struct_keywords.pdbx_keywords   'DNA BINDING PROTEIN' 
_struct_keywords.text            'Histone fold, DNA repair, genome maintenance, Fanconi Anemia, FancM, DNA Binding Protein' 
# 
loop_
_struct_asym.id 
_struct_asym.pdbx_blank_PDB_chainid_flag 
_struct_asym.pdbx_modified 
_struct_asym.entity_id 
_struct_asym.details 
A N N 1 ? 
B N N 2 ? 
C N N 3 ? 
D N N 3 ? 
# 
loop_
_struct_ref.id 
_struct_ref.db_name 
_struct_ref.db_code 
_struct_ref.pdbx_db_accession 
_struct_ref.entity_id 
_struct_ref.pdbx_seq_one_letter_code 
_struct_ref.pdbx_align_begin 
_struct_ref.pdbx_db_isoform 
1 UNP CENPS_HUMAN Q8N2Z9 1 
;SYQQRLKAAVHYTVGCLCEEVALDKEMQFSKQTIAAISELTFRQCENFAKDLEMFARHAKRTTINTEDVKLLARRSNSLL
KYITDKSEEIAQ
;
14 ? 
2 UNP CENPX_HUMAN A8MT69 2 SGFRKELVSRLLHLHFKDDKTKVSGDALQLMVELLKVFVVEAAVRGVRQAQAEDALRVDVDQLEKVLPQLLLDF                      8  ? 
# 
loop_
_struct_ref_seq.align_id 
_struct_ref_seq.ref_id 
_struct_ref_seq.pdbx_PDB_id_code 
_struct_ref_seq.pdbx_strand_id 
_struct_ref_seq.seq_align_beg 
_struct_ref_seq.pdbx_seq_align_beg_ins_code 
_struct_ref_seq.seq_align_end 
_struct_ref_seq.pdbx_seq_align_end_ins_code 
_struct_ref_seq.pdbx_db_accession 
_struct_ref_seq.db_align_beg 
_struct_ref_seq.pdbx_db_align_beg_ins_code 
_struct_ref_seq.db_align_end 
_struct_ref_seq.pdbx_db_align_end_ins_code 
_struct_ref_seq.pdbx_auth_seq_align_beg 
_struct_ref_seq.pdbx_auth_seq_align_end 
1 1 4NE3 A 1 ? 92 ? Q8N2Z9 14 ? 105 ? 14 105 
2 2 4NE3 B 1 ? 74 ? A8MT69 8  ? 81  ? 8  81  
# 
loop_
_struct_ref_seq_dif.align_id 
_struct_ref_seq_dif.pdbx_pdb_id_code 
_struct_ref_seq_dif.mon_id 
_struct_ref_seq_dif.pdbx_pdb_strand_id 
_struct_ref_seq_dif.seq_num 
_struct_ref_seq_dif.pdbx_pdb_ins_code 
_struct_ref_seq_dif.pdbx_seq_db_name 
_struct_ref_seq_dif.pdbx_seq_db_accession_code 
_struct_ref_seq_dif.db_mon_id 
_struct_ref_seq_dif.pdbx_seq_db_seq_num 
_struct_ref_seq_dif.details 
_struct_ref_seq_dif.pdbx_auth_seq_num 
_struct_ref_seq_dif.pdbx_ordinal 
1 4NE3 ALA A 26 ? UNP Q8N2Z9 GLU 39 conflict         39  1 
1 4NE3 ALA A 93 ? UNP Q8N2Z9 ?   ?  'expression tag' 106 2 
# 
_pdbx_struct_assembly.id                   1 
_pdbx_struct_assembly.details              author_and_software_defined_assembly 
_pdbx_struct_assembly.method_details       PISA 
_pdbx_struct_assembly.oligomeric_details   tetrameric 
_pdbx_struct_assembly.oligomeric_count     4 
# 
loop_
_pdbx_struct_assembly_prop.biol_id 
_pdbx_struct_assembly_prop.type 
_pdbx_struct_assembly_prop.value 
_pdbx_struct_assembly_prop.details 
1 'ABSA (A^2)' 10400 ? 
1 MORE         -107  ? 
1 'SSA (A^2)'  16550 ? 
# 
_pdbx_struct_assembly_gen.assembly_id       1 
_pdbx_struct_assembly_gen.oper_expression   1,2 
_pdbx_struct_assembly_gen.asym_id_list      A,B,C,D 
# 
loop_
_pdbx_struct_oper_list.id 
_pdbx_struct_oper_list.type 
_pdbx_struct_oper_list.name 
_pdbx_struct_oper_list.symmetry_operation 
_pdbx_struct_oper_list.matrix[1][1] 
_pdbx_struct_oper_list.matrix[1][2] 
_pdbx_struct_oper_list.matrix[1][3] 
_pdbx_struct_oper_list.vector[1] 
_pdbx_struct_oper_list.matrix[2][1] 
_pdbx_struct_oper_list.matrix[2][2] 
_pdbx_struct_oper_list.matrix[2][3] 
_pdbx_struct_oper_list.vector[2] 
_pdbx_struct_oper_list.matrix[3][1] 
_pdbx_struct_oper_list.matrix[3][2] 
_pdbx_struct_oper_list.matrix[3][3] 
_pdbx_struct_oper_list.vector[3] 
1 'identity operation'         1_555 x,y,z   1.0000000000  0.0000000000  0.0000000000  0.0000000000   0.0000000000  1.0000000000  0.0000000000 0.0000000000   0.0000000000  0.0000000000 1.0000000000 0.0000000000  
2 'crystal symmetry operation' 2_555 -x,y,-z -0.9146803760 -0.0037418401 -0.4041606219 -17.1405399803 -0.0037418401 -0.9998358951 0.0177251651 -22.5338017661 -0.4041606219 0.0177251651 0.9145162712 -3.4097991431 
# 
_struct_biol.id        1 
_struct_biol.details   ? 
# 
loop_
_struct_conf.conf_type_id 
_struct_conf.id 
_struct_conf.pdbx_PDB_helix_id 
_struct_conf.beg_label_comp_id 
_struct_conf.beg_label_asym_id 
_struct_conf.beg_label_seq_id 
_struct_conf.pdbx_beg_PDB_ins_code 
_struct_conf.end_label_comp_id 
_struct_conf.end_label_asym_id 
_struct_conf.end_label_seq_id 
_struct_conf.pdbx_end_PDB_ins_code 
_struct_conf.beg_auth_comp_id 
_struct_conf.beg_auth_asym_id 
_struct_conf.beg_auth_seq_id 
_struct_conf.end_auth_comp_id 
_struct_conf.end_auth_asym_id 
_struct_conf.end_auth_seq_id 
_struct_conf.pdbx_PDB_helix_class 
_struct_conf.details 
_struct_conf.pdbx_PDB_helix_length 
HELX_P HELX_P1 1 SER A 1  ? ALA A 26 ? SER A 14 ALA A 39  1 ? 26 
HELX_P HELX_P2 2 SER A 30 ? ALA A 59 ? SER A 43 ALA A 72  1 ? 30 
HELX_P HELX_P3 3 ASN A 65 ? ALA A 73 ? ASN A 78 ALA A 86  1 ? 9  
HELX_P HELX_P4 4 SER A 76 ? ALA A 91 ? SER A 89 ALA A 104 1 ? 16 
HELX_P HELX_P5 5 ARG B 4  ? LEU B 14 ? ARG B 11 LEU B 21  1 ? 11 
HELX_P HELX_P6 6 SER B 24 ? GLU B 53 ? SER B 31 GLU B 60  1 ? 30 
HELX_P HELX_P7 7 ASP B 59 ? PHE B 74 ? ASP B 66 PHE B 81  1 ? 16 
# 
_struct_conf_type.id          HELX_P 
_struct_conf_type.criteria    ? 
_struct_conf_type.reference   ? 
# 
loop_
_struct_conn.id 
_struct_conn.conn_type_id 
_struct_conn.pdbx_leaving_atom_flag 
_struct_conn.pdbx_PDB_id 
_struct_conn.ptnr1_label_asym_id 
_struct_conn.ptnr1_label_comp_id 
_struct_conn.ptnr1_label_seq_id 
_struct_conn.ptnr1_label_atom_id 
_struct_conn.pdbx_ptnr1_label_alt_id 
_struct_conn.pdbx_ptnr1_PDB_ins_code 
_struct_conn.pdbx_ptnr1_standard_comp_id 
_struct_conn.ptnr1_symmetry 
_struct_conn.ptnr2_label_asym_id 
_struct_conn.ptnr2_label_comp_id 
_struct_conn.ptnr2_label_seq_id 
_struct_conn.ptnr2_label_atom_id 
_struct_conn.pdbx_ptnr2_label_alt_id 
_struct_conn.pdbx_ptnr2_PDB_ins_code 
_struct_conn.ptnr1_auth_asym_id 
_struct_conn.ptnr1_auth_comp_id 
_struct_conn.ptnr1_auth_seq_id 
_struct_conn.ptnr2_auth_asym_id 
_struct_conn.ptnr2_auth_comp_id 
_struct_conn.ptnr2_auth_seq_id 
_struct_conn.ptnr2_symmetry 
_struct_conn.pdbx_ptnr3_label_atom_id 
_struct_conn.pdbx_ptnr3_label_seq_id 
_struct_conn.pdbx_ptnr3_label_comp_id 
_struct_conn.pdbx_ptnr3_label_asym_id 
_struct_conn.pdbx_ptnr3_label_alt_id 
_struct_conn.pdbx_ptnr3_PDB_ins_code 
_struct_conn.details 
_struct_conn.pdbx_dist_value 
_struct_conn.pdbx_value_order 
_struct_conn.pdbx_role 
covale1 covale both ? A ALA 26 C ? ? ? 1_555 A MSE 27 N ? ? A ALA 39 A MSE 40 1_555 ? ? ? ? ? ? ? 1.328 ? ? 
covale2 covale both ? A MSE 27 C ? ? ? 1_555 A GLN 28 N ? ? A MSE 40 A GLN 41 1_555 ? ? ? ? ? ? ? 1.320 ? ? 
covale3 covale both ? A GLU 53 C ? ? ? 1_555 A MSE 54 N ? ? A GLU 66 A MSE 67 1_555 ? ? ? ? ? ? ? 1.330 ? ? 
covale4 covale both ? A MSE 54 C ? ? ? 1_555 A PHE 55 N ? ? A MSE 67 A PHE 68 1_555 ? ? ? ? ? ? ? 1.326 ? ? 
covale5 covale both ? B LEU 30 C ? ? ? 1_555 B MSE 31 N ? ? B LEU 37 B MSE 38 1_555 ? ? ? ? ? ? ? 1.331 ? ? 
covale6 covale both ? B MSE 31 C ? ? ? 1_555 B VAL 32 N ? ? B MSE 38 B VAL 39 1_555 ? ? ? ? ? ? ? 1.332 ? ? 
# 
_struct_conn_type.id          covale 
_struct_conn_type.criteria    ? 
_struct_conn_type.reference   ? 
# 
loop_
_pdbx_modification_feature.ordinal 
_pdbx_modification_feature.label_comp_id 
_pdbx_modification_feature.label_asym_id 
_pdbx_modification_feature.label_seq_id 
_pdbx_modification_feature.label_alt_id 
_pdbx_modification_feature.modified_residue_label_comp_id 
_pdbx_modification_feature.modified_residue_label_asym_id 
_pdbx_modification_feature.modified_residue_label_seq_id 
_pdbx_modification_feature.modified_residue_label_alt_id 
_pdbx_modification_feature.auth_comp_id 
_pdbx_modification_feature.auth_asym_id 
_pdbx_modification_feature.auth_seq_id 
_pdbx_modification_feature.PDB_ins_code 
_pdbx_modification_feature.symmetry 
_pdbx_modification_feature.modified_residue_auth_comp_id 
_pdbx_modification_feature.modified_residue_auth_asym_id 
_pdbx_modification_feature.modified_residue_auth_seq_id 
_pdbx_modification_feature.modified_residue_PDB_ins_code 
_pdbx_modification_feature.modified_residue_symmetry 
_pdbx_modification_feature.comp_id_linking_atom 
_pdbx_modification_feature.modified_residue_id_linking_atom 
_pdbx_modification_feature.modified_residue_id 
_pdbx_modification_feature.ref_pcm_id 
_pdbx_modification_feature.ref_comp_id 
_pdbx_modification_feature.type 
_pdbx_modification_feature.category 
1 MSE A 27 ? . . . . MSE A 40 ? 1_555 . . . . . . . MET 1 MSE Selenomethionine 'Named protein modification' 
2 MSE A 54 ? . . . . MSE A 67 ? 1_555 . . . . . . . MET 1 MSE Selenomethionine 'Named protein modification' 
3 MSE B 31 ? . . . . MSE B 38 ? 1_555 . . . . . . . MET 1 MSE Selenomethionine 'Named protein modification' 
# 
_struct_sheet.id               A 
_struct_sheet.type             ? 
_struct_sheet.number_strands   2 
_struct_sheet.details          ? 
# 
_struct_sheet_order.sheet_id     A 
_struct_sheet_order.range_id_1   1 
_struct_sheet_order.range_id_2   2 
_struct_sheet_order.offset       ? 
_struct_sheet_order.sense        parallel 
# 
loop_
_struct_sheet_range.sheet_id 
_struct_sheet_range.id 
_struct_sheet_range.beg_label_comp_id 
_struct_sheet_range.beg_label_asym_id 
_struct_sheet_range.beg_label_seq_id 
_struct_sheet_range.pdbx_beg_PDB_ins_code 
_struct_sheet_range.end_label_comp_id 
_struct_sheet_range.end_label_asym_id 
_struct_sheet_range.end_label_seq_id 
_struct_sheet_range.pdbx_end_PDB_ins_code 
_struct_sheet_range.beg_auth_comp_id 
_struct_sheet_range.beg_auth_asym_id 
_struct_sheet_range.beg_auth_seq_id 
_struct_sheet_range.end_auth_comp_id 
_struct_sheet_range.end_auth_asym_id 
_struct_sheet_range.end_auth_seq_id 
A 1 THR A 63 ? ILE A 64 ? THR A 76 ILE A 77 
A 2 LYS B 22 ? VAL B 23 ? LYS B 29 VAL B 30 
# 
_pdbx_struct_sheet_hbond.sheet_id                A 
_pdbx_struct_sheet_hbond.range_id_1              1 
_pdbx_struct_sheet_hbond.range_id_2              2 
_pdbx_struct_sheet_hbond.range_1_label_atom_id   N 
_pdbx_struct_sheet_hbond.range_1_label_comp_id   ILE 
_pdbx_struct_sheet_hbond.range_1_label_asym_id   A 
_pdbx_struct_sheet_hbond.range_1_label_seq_id    64 
_pdbx_struct_sheet_hbond.range_1_PDB_ins_code    ? 
_pdbx_struct_sheet_hbond.range_1_auth_atom_id    N 
_pdbx_struct_sheet_hbond.range_1_auth_comp_id    ILE 
_pdbx_struct_sheet_hbond.range_1_auth_asym_id    A 
_pdbx_struct_sheet_hbond.range_1_auth_seq_id     77 
_pdbx_struct_sheet_hbond.range_2_label_atom_id   O 
_pdbx_struct_sheet_hbond.range_2_label_comp_id   LYS 
_pdbx_struct_sheet_hbond.range_2_label_asym_id   B 
_pdbx_struct_sheet_hbond.range_2_label_seq_id    22 
_pdbx_struct_sheet_hbond.range_2_PDB_ins_code    ? 
_pdbx_struct_sheet_hbond.range_2_auth_atom_id    O 
_pdbx_struct_sheet_hbond.range_2_auth_comp_id    LYS 
_pdbx_struct_sheet_hbond.range_2_auth_asym_id    B 
_pdbx_struct_sheet_hbond.range_2_auth_seq_id     29 
# 
_pdbx_entry_details.entry_id                   4NE3 
_pdbx_entry_details.compound_details           ? 
_pdbx_entry_details.source_details             ? 
_pdbx_entry_details.nonpolymer_details         ? 
_pdbx_entry_details.sequence_details           ? 
_pdbx_entry_details.has_ligand_of_interest     ? 
_pdbx_entry_details.has_protein_modification   Y 
# 
loop_
_pdbx_validate_torsion.id 
_pdbx_validate_torsion.PDB_model_num 
_pdbx_validate_torsion.auth_comp_id 
_pdbx_validate_torsion.auth_asym_id 
_pdbx_validate_torsion.auth_seq_id 
_pdbx_validate_torsion.PDB_ins_code 
_pdbx_validate_torsion.label_alt_id 
_pdbx_validate_torsion.phi 
_pdbx_validate_torsion.psi 
1 1 ARG A 88  ? ? -16.17 -72.40 
2 1 ALA A 104 ? ? -83.60 31.55  
# 
loop_
_pdbx_struct_mod_residue.id 
_pdbx_struct_mod_residue.label_asym_id 
_pdbx_struct_mod_residue.label_comp_id 
_pdbx_struct_mod_residue.label_seq_id 
_pdbx_struct_mod_residue.auth_asym_id 
_pdbx_struct_mod_residue.auth_comp_id 
_pdbx_struct_mod_residue.auth_seq_id 
_pdbx_struct_mod_residue.PDB_ins_code 
_pdbx_struct_mod_residue.parent_comp_id 
_pdbx_struct_mod_residue.details 
1 A MSE 27 A MSE 40 ? MET SELENOMETHIONINE 
2 A MSE 54 A MSE 67 ? MET SELENOMETHIONINE 
3 B MSE 31 B MSE 38 ? MET SELENOMETHIONINE 
# 
_pdbx_struct_special_symmetry.id              1 
_pdbx_struct_special_symmetry.PDB_model_num   1 
_pdbx_struct_special_symmetry.auth_asym_id    A 
_pdbx_struct_special_symmetry.auth_comp_id    HOH 
_pdbx_struct_special_symmetry.auth_seq_id     228 
_pdbx_struct_special_symmetry.PDB_ins_code    ? 
_pdbx_struct_special_symmetry.label_asym_id   C 
_pdbx_struct_special_symmetry.label_comp_id   HOH 
_pdbx_struct_special_symmetry.label_seq_id    . 
# 
loop_
_chem_comp_atom.comp_id 
_chem_comp_atom.atom_id 
_chem_comp_atom.type_symbol 
_chem_comp_atom.pdbx_aromatic_flag 
_chem_comp_atom.pdbx_stereo_config 
_chem_comp_atom.pdbx_ordinal 
ALA N    N  N N 1   
ALA CA   C  N S 2   
ALA C    C  N N 3   
ALA O    O  N N 4   
ALA CB   C  N N 5   
ALA OXT  O  N N 6   
ALA H    H  N N 7   
ALA H2   H  N N 8   
ALA HA   H  N N 9   
ALA HB1  H  N N 10  
ALA HB2  H  N N 11  
ALA HB3  H  N N 12  
ALA HXT  H  N N 13  
ARG N    N  N N 14  
ARG CA   C  N S 15  
ARG C    C  N N 16  
ARG O    O  N N 17  
ARG CB   C  N N 18  
ARG CG   C  N N 19  
ARG CD   C  N N 20  
ARG NE   N  N N 21  
ARG CZ   C  N N 22  
ARG NH1  N  N N 23  
ARG NH2  N  N N 24  
ARG OXT  O  N N 25  
ARG H    H  N N 26  
ARG H2   H  N N 27  
ARG HA   H  N N 28  
ARG HB2  H  N N 29  
ARG HB3  H  N N 30  
ARG HG2  H  N N 31  
ARG HG3  H  N N 32  
ARG HD2  H  N N 33  
ARG HD3  H  N N 34  
ARG HE   H  N N 35  
ARG HH11 H  N N 36  
ARG HH12 H  N N 37  
ARG HH21 H  N N 38  
ARG HH22 H  N N 39  
ARG HXT  H  N N 40  
ASN N    N  N N 41  
ASN CA   C  N S 42  
ASN C    C  N N 43  
ASN O    O  N N 44  
ASN CB   C  N N 45  
ASN CG   C  N N 46  
ASN OD1  O  N N 47  
ASN ND2  N  N N 48  
ASN OXT  O  N N 49  
ASN H    H  N N 50  
ASN H2   H  N N 51  
ASN HA   H  N N 52  
ASN HB2  H  N N 53  
ASN HB3  H  N N 54  
ASN HD21 H  N N 55  
ASN HD22 H  N N 56  
ASN HXT  H  N N 57  
ASP N    N  N N 58  
ASP CA   C  N S 59  
ASP C    C  N N 60  
ASP O    O  N N 61  
ASP CB   C  N N 62  
ASP CG   C  N N 63  
ASP OD1  O  N N 64  
ASP OD2  O  N N 65  
ASP OXT  O  N N 66  
ASP H    H  N N 67  
ASP H2   H  N N 68  
ASP HA   H  N N 69  
ASP HB2  H  N N 70  
ASP HB3  H  N N 71  
ASP HD2  H  N N 72  
ASP HXT  H  N N 73  
CYS N    N  N N 74  
CYS CA   C  N R 75  
CYS C    C  N N 76  
CYS O    O  N N 77  
CYS CB   C  N N 78  
CYS SG   S  N N 79  
CYS OXT  O  N N 80  
CYS H    H  N N 81  
CYS H2   H  N N 82  
CYS HA   H  N N 83  
CYS HB2  H  N N 84  
CYS HB3  H  N N 85  
CYS HG   H  N N 86  
CYS HXT  H  N N 87  
GLN N    N  N N 88  
GLN CA   C  N S 89  
GLN C    C  N N 90  
GLN O    O  N N 91  
GLN CB   C  N N 92  
GLN CG   C  N N 93  
GLN CD   C  N N 94  
GLN OE1  O  N N 95  
GLN NE2  N  N N 96  
GLN OXT  O  N N 97  
GLN H    H  N N 98  
GLN H2   H  N N 99  
GLN HA   H  N N 100 
GLN HB2  H  N N 101 
GLN HB3  H  N N 102 
GLN HG2  H  N N 103 
GLN HG3  H  N N 104 
GLN HE21 H  N N 105 
GLN HE22 H  N N 106 
GLN HXT  H  N N 107 
GLU N    N  N N 108 
GLU CA   C  N S 109 
GLU C    C  N N 110 
GLU O    O  N N 111 
GLU CB   C  N N 112 
GLU CG   C  N N 113 
GLU CD   C  N N 114 
GLU OE1  O  N N 115 
GLU OE2  O  N N 116 
GLU OXT  O  N N 117 
GLU H    H  N N 118 
GLU H2   H  N N 119 
GLU HA   H  N N 120 
GLU HB2  H  N N 121 
GLU HB3  H  N N 122 
GLU HG2  H  N N 123 
GLU HG3  H  N N 124 
GLU HE2  H  N N 125 
GLU HXT  H  N N 126 
GLY N    N  N N 127 
GLY CA   C  N N 128 
GLY C    C  N N 129 
GLY O    O  N N 130 
GLY OXT  O  N N 131 
GLY H    H  N N 132 
GLY H2   H  N N 133 
GLY HA2  H  N N 134 
GLY HA3  H  N N 135 
GLY HXT  H  N N 136 
HIS N    N  N N 137 
HIS CA   C  N S 138 
HIS C    C  N N 139 
HIS O    O  N N 140 
HIS CB   C  N N 141 
HIS CG   C  Y N 142 
HIS ND1  N  Y N 143 
HIS CD2  C  Y N 144 
HIS CE1  C  Y N 145 
HIS NE2  N  Y N 146 
HIS OXT  O  N N 147 
HIS H    H  N N 148 
HIS H2   H  N N 149 
HIS HA   H  N N 150 
HIS HB2  H  N N 151 
HIS HB3  H  N N 152 
HIS HD1  H  N N 153 
HIS HD2  H  N N 154 
HIS HE1  H  N N 155 
HIS HE2  H  N N 156 
HIS HXT  H  N N 157 
HOH O    O  N N 158 
HOH H1   H  N N 159 
HOH H2   H  N N 160 
ILE N    N  N N 161 
ILE CA   C  N S 162 
ILE C    C  N N 163 
ILE O    O  N N 164 
ILE CB   C  N S 165 
ILE CG1  C  N N 166 
ILE CG2  C  N N 167 
ILE CD1  C  N N 168 
ILE OXT  O  N N 169 
ILE H    H  N N 170 
ILE H2   H  N N 171 
ILE HA   H  N N 172 
ILE HB   H  N N 173 
ILE HG12 H  N N 174 
ILE HG13 H  N N 175 
ILE HG21 H  N N 176 
ILE HG22 H  N N 177 
ILE HG23 H  N N 178 
ILE HD11 H  N N 179 
ILE HD12 H  N N 180 
ILE HD13 H  N N 181 
ILE HXT  H  N N 182 
LEU N    N  N N 183 
LEU CA   C  N S 184 
LEU C    C  N N 185 
LEU O    O  N N 186 
LEU CB   C  N N 187 
LEU CG   C  N N 188 
LEU CD1  C  N N 189 
LEU CD2  C  N N 190 
LEU OXT  O  N N 191 
LEU H    H  N N 192 
LEU H2   H  N N 193 
LEU HA   H  N N 194 
LEU HB2  H  N N 195 
LEU HB3  H  N N 196 
LEU HG   H  N N 197 
LEU HD11 H  N N 198 
LEU HD12 H  N N 199 
LEU HD13 H  N N 200 
LEU HD21 H  N N 201 
LEU HD22 H  N N 202 
LEU HD23 H  N N 203 
LEU HXT  H  N N 204 
LYS N    N  N N 205 
LYS CA   C  N S 206 
LYS C    C  N N 207 
LYS O    O  N N 208 
LYS CB   C  N N 209 
LYS CG   C  N N 210 
LYS CD   C  N N 211 
LYS CE   C  N N 212 
LYS NZ   N  N N 213 
LYS OXT  O  N N 214 
LYS H    H  N N 215 
LYS H2   H  N N 216 
LYS HA   H  N N 217 
LYS HB2  H  N N 218 
LYS HB3  H  N N 219 
LYS HG2  H  N N 220 
LYS HG3  H  N N 221 
LYS HD2  H  N N 222 
LYS HD3  H  N N 223 
LYS HE2  H  N N 224 
LYS HE3  H  N N 225 
LYS HZ1  H  N N 226 
LYS HZ2  H  N N 227 
LYS HZ3  H  N N 228 
LYS HXT  H  N N 229 
MSE N    N  N N 230 
MSE CA   C  N S 231 
MSE C    C  N N 232 
MSE O    O  N N 233 
MSE OXT  O  N N 234 
MSE CB   C  N N 235 
MSE CG   C  N N 236 
MSE SE   SE N N 237 
MSE CE   C  N N 238 
MSE H    H  N N 239 
MSE H2   H  N N 240 
MSE HA   H  N N 241 
MSE HXT  H  N N 242 
MSE HB2  H  N N 243 
MSE HB3  H  N N 244 
MSE HG2  H  N N 245 
MSE HG3  H  N N 246 
MSE HE1  H  N N 247 
MSE HE2  H  N N 248 
MSE HE3  H  N N 249 
PHE N    N  N N 250 
PHE CA   C  N S 251 
PHE C    C  N N 252 
PHE O    O  N N 253 
PHE CB   C  N N 254 
PHE CG   C  Y N 255 
PHE CD1  C  Y N 256 
PHE CD2  C  Y N 257 
PHE CE1  C  Y N 258 
PHE CE2  C  Y N 259 
PHE CZ   C  Y N 260 
PHE OXT  O  N N 261 
PHE H    H  N N 262 
PHE H2   H  N N 263 
PHE HA   H  N N 264 
PHE HB2  H  N N 265 
PHE HB3  H  N N 266 
PHE HD1  H  N N 267 
PHE HD2  H  N N 268 
PHE HE1  H  N N 269 
PHE HE2  H  N N 270 
PHE HZ   H  N N 271 
PHE HXT  H  N N 272 
PRO N    N  N N 273 
PRO CA   C  N S 274 
PRO C    C  N N 275 
PRO O    O  N N 276 
PRO CB   C  N N 277 
PRO CG   C  N N 278 
PRO CD   C  N N 279 
PRO OXT  O  N N 280 
PRO H    H  N N 281 
PRO HA   H  N N 282 
PRO HB2  H  N N 283 
PRO HB3  H  N N 284 
PRO HG2  H  N N 285 
PRO HG3  H  N N 286 
PRO HD2  H  N N 287 
PRO HD3  H  N N 288 
PRO HXT  H  N N 289 
SER N    N  N N 290 
SER CA   C  N S 291 
SER C    C  N N 292 
SER O    O  N N 293 
SER CB   C  N N 294 
SER OG   O  N N 295 
SER OXT  O  N N 296 
SER H    H  N N 297 
SER H2   H  N N 298 
SER HA   H  N N 299 
SER HB2  H  N N 300 
SER HB3  H  N N 301 
SER HG   H  N N 302 
SER HXT  H  N N 303 
THR N    N  N N 304 
THR CA   C  N S 305 
THR C    C  N N 306 
THR O    O  N N 307 
THR CB   C  N R 308 
THR OG1  O  N N 309 
THR CG2  C  N N 310 
THR OXT  O  N N 311 
THR H    H  N N 312 
THR H2   H  N N 313 
THR HA   H  N N 314 
THR HB   H  N N 315 
THR HG1  H  N N 316 
THR HG21 H  N N 317 
THR HG22 H  N N 318 
THR HG23 H  N N 319 
THR HXT  H  N N 320 
TYR N    N  N N 321 
TYR CA   C  N S 322 
TYR C    C  N N 323 
TYR O    O  N N 324 
TYR CB   C  N N 325 
TYR CG   C  Y N 326 
TYR CD1  C  Y N 327 
TYR CD2  C  Y N 328 
TYR CE1  C  Y N 329 
TYR CE2  C  Y N 330 
TYR CZ   C  Y N 331 
TYR OH   O  N N 332 
TYR OXT  O  N N 333 
TYR H    H  N N 334 
TYR H2   H  N N 335 
TYR HA   H  N N 336 
TYR HB2  H  N N 337 
TYR HB3  H  N N 338 
TYR HD1  H  N N 339 
TYR HD2  H  N N 340 
TYR HE1  H  N N 341 
TYR HE2  H  N N 342 
TYR HH   H  N N 343 
TYR HXT  H  N N 344 
VAL N    N  N N 345 
VAL CA   C  N S 346 
VAL C    C  N N 347 
VAL O    O  N N 348 
VAL CB   C  N N 349 
VAL CG1  C  N N 350 
VAL CG2  C  N N 351 
VAL OXT  O  N N 352 
VAL H    H  N N 353 
VAL H2   H  N N 354 
VAL HA   H  N N 355 
VAL HB   H  N N 356 
VAL HG11 H  N N 357 
VAL HG12 H  N N 358 
VAL HG13 H  N N 359 
VAL HG21 H  N N 360 
VAL HG22 H  N N 361 
VAL HG23 H  N N 362 
VAL HXT  H  N N 363 
# 
loop_
_chem_comp_bond.comp_id 
_chem_comp_bond.atom_id_1 
_chem_comp_bond.atom_id_2 
_chem_comp_bond.value_order 
_chem_comp_bond.pdbx_aromatic_flag 
_chem_comp_bond.pdbx_stereo_config 
_chem_comp_bond.pdbx_ordinal 
ALA N   CA   sing N N 1   
ALA N   H    sing N N 2   
ALA N   H2   sing N N 3   
ALA CA  C    sing N N 4   
ALA CA  CB   sing N N 5   
ALA CA  HA   sing N N 6   
ALA C   O    doub N N 7   
ALA C   OXT  sing N N 8   
ALA CB  HB1  sing N N 9   
ALA CB  HB2  sing N N 10  
ALA CB  HB3  sing N N 11  
ALA OXT HXT  sing N N 12  
ARG N   CA   sing N N 13  
ARG N   H    sing N N 14  
ARG N   H2   sing N N 15  
ARG CA  C    sing N N 16  
ARG CA  CB   sing N N 17  
ARG CA  HA   sing N N 18  
ARG C   O    doub N N 19  
ARG C   OXT  sing N N 20  
ARG CB  CG   sing N N 21  
ARG CB  HB2  sing N N 22  
ARG CB  HB3  sing N N 23  
ARG CG  CD   sing N N 24  
ARG CG  HG2  sing N N 25  
ARG CG  HG3  sing N N 26  
ARG CD  NE   sing N N 27  
ARG CD  HD2  sing N N 28  
ARG CD  HD3  sing N N 29  
ARG NE  CZ   sing N N 30  
ARG NE  HE   sing N N 31  
ARG CZ  NH1  sing N N 32  
ARG CZ  NH2  doub N N 33  
ARG NH1 HH11 sing N N 34  
ARG NH1 HH12 sing N N 35  
ARG NH2 HH21 sing N N 36  
ARG NH2 HH22 sing N N 37  
ARG OXT HXT  sing N N 38  
ASN N   CA   sing N N 39  
ASN N   H    sing N N 40  
ASN N   H2   sing N N 41  
ASN CA  C    sing N N 42  
ASN CA  CB   sing N N 43  
ASN CA  HA   sing N N 44  
ASN C   O    doub N N 45  
ASN C   OXT  sing N N 46  
ASN CB  CG   sing N N 47  
ASN CB  HB2  sing N N 48  
ASN CB  HB3  sing N N 49  
ASN CG  OD1  doub N N 50  
ASN CG  ND2  sing N N 51  
ASN ND2 HD21 sing N N 52  
ASN ND2 HD22 sing N N 53  
ASN OXT HXT  sing N N 54  
ASP N   CA   sing N N 55  
ASP N   H    sing N N 56  
ASP N   H2   sing N N 57  
ASP CA  C    sing N N 58  
ASP CA  CB   sing N N 59  
ASP CA  HA   sing N N 60  
ASP C   O    doub N N 61  
ASP C   OXT  sing N N 62  
ASP CB  CG   sing N N 63  
ASP CB  HB2  sing N N 64  
ASP CB  HB3  sing N N 65  
ASP CG  OD1  doub N N 66  
ASP CG  OD2  sing N N 67  
ASP OD2 HD2  sing N N 68  
ASP OXT HXT  sing N N 69  
CYS N   CA   sing N N 70  
CYS N   H    sing N N 71  
CYS N   H2   sing N N 72  
CYS CA  C    sing N N 73  
CYS CA  CB   sing N N 74  
CYS CA  HA   sing N N 75  
CYS C   O    doub N N 76  
CYS C   OXT  sing N N 77  
CYS CB  SG   sing N N 78  
CYS CB  HB2  sing N N 79  
CYS CB  HB3  sing N N 80  
CYS SG  HG   sing N N 81  
CYS OXT HXT  sing N N 82  
GLN N   CA   sing N N 83  
GLN N   H    sing N N 84  
GLN N   H2   sing N N 85  
GLN CA  C    sing N N 86  
GLN CA  CB   sing N N 87  
GLN CA  HA   sing N N 88  
GLN C   O    doub N N 89  
GLN C   OXT  sing N N 90  
GLN CB  CG   sing N N 91  
GLN CB  HB2  sing N N 92  
GLN CB  HB3  sing N N 93  
GLN CG  CD   sing N N 94  
GLN CG  HG2  sing N N 95  
GLN CG  HG3  sing N N 96  
GLN CD  OE1  doub N N 97  
GLN CD  NE2  sing N N 98  
GLN NE2 HE21 sing N N 99  
GLN NE2 HE22 sing N N 100 
GLN OXT HXT  sing N N 101 
GLU N   CA   sing N N 102 
GLU N   H    sing N N 103 
GLU N   H2   sing N N 104 
GLU CA  C    sing N N 105 
GLU CA  CB   sing N N 106 
GLU CA  HA   sing N N 107 
GLU C   O    doub N N 108 
GLU C   OXT  sing N N 109 
GLU CB  CG   sing N N 110 
GLU CB  HB2  sing N N 111 
GLU CB  HB3  sing N N 112 
GLU CG  CD   sing N N 113 
GLU CG  HG2  sing N N 114 
GLU CG  HG3  sing N N 115 
GLU CD  OE1  doub N N 116 
GLU CD  OE2  sing N N 117 
GLU OE2 HE2  sing N N 118 
GLU OXT HXT  sing N N 119 
GLY N   CA   sing N N 120 
GLY N   H    sing N N 121 
GLY N   H2   sing N N 122 
GLY CA  C    sing N N 123 
GLY CA  HA2  sing N N 124 
GLY CA  HA3  sing N N 125 
GLY C   O    doub N N 126 
GLY C   OXT  sing N N 127 
GLY OXT HXT  sing N N 128 
HIS N   CA   sing N N 129 
HIS N   H    sing N N 130 
HIS N   H2   sing N N 131 
HIS CA  C    sing N N 132 
HIS CA  CB   sing N N 133 
HIS CA  HA   sing N N 134 
HIS C   O    doub N N 135 
HIS C   OXT  sing N N 136 
HIS CB  CG   sing N N 137 
HIS CB  HB2  sing N N 138 
HIS CB  HB3  sing N N 139 
HIS CG  ND1  sing Y N 140 
HIS CG  CD2  doub Y N 141 
HIS ND1 CE1  doub Y N 142 
HIS ND1 HD1  sing N N 143 
HIS CD2 NE2  sing Y N 144 
HIS CD2 HD2  sing N N 145 
HIS CE1 NE2  sing Y N 146 
HIS CE1 HE1  sing N N 147 
HIS NE2 HE2  sing N N 148 
HIS OXT HXT  sing N N 149 
HOH O   H1   sing N N 150 
HOH O   H2   sing N N 151 
ILE N   CA   sing N N 152 
ILE N   H    sing N N 153 
ILE N   H2   sing N N 154 
ILE CA  C    sing N N 155 
ILE CA  CB   sing N N 156 
ILE CA  HA   sing N N 157 
ILE C   O    doub N N 158 
ILE C   OXT  sing N N 159 
ILE CB  CG1  sing N N 160 
ILE CB  CG2  sing N N 161 
ILE CB  HB   sing N N 162 
ILE CG1 CD1  sing N N 163 
ILE CG1 HG12 sing N N 164 
ILE CG1 HG13 sing N N 165 
ILE CG2 HG21 sing N N 166 
ILE CG2 HG22 sing N N 167 
ILE CG2 HG23 sing N N 168 
ILE CD1 HD11 sing N N 169 
ILE CD1 HD12 sing N N 170 
ILE CD1 HD13 sing N N 171 
ILE OXT HXT  sing N N 172 
LEU N   CA   sing N N 173 
LEU N   H    sing N N 174 
LEU N   H2   sing N N 175 
LEU CA  C    sing N N 176 
LEU CA  CB   sing N N 177 
LEU CA  HA   sing N N 178 
LEU C   O    doub N N 179 
LEU C   OXT  sing N N 180 
LEU CB  CG   sing N N 181 
LEU CB  HB2  sing N N 182 
LEU CB  HB3  sing N N 183 
LEU CG  CD1  sing N N 184 
LEU CG  CD2  sing N N 185 
LEU CG  HG   sing N N 186 
LEU CD1 HD11 sing N N 187 
LEU CD1 HD12 sing N N 188 
LEU CD1 HD13 sing N N 189 
LEU CD2 HD21 sing N N 190 
LEU CD2 HD22 sing N N 191 
LEU CD2 HD23 sing N N 192 
LEU OXT HXT  sing N N 193 
LYS N   CA   sing N N 194 
LYS N   H    sing N N 195 
LYS N   H2   sing N N 196 
LYS CA  C    sing N N 197 
LYS CA  CB   sing N N 198 
LYS CA  HA   sing N N 199 
LYS C   O    doub N N 200 
LYS C   OXT  sing N N 201 
LYS CB  CG   sing N N 202 
LYS CB  HB2  sing N N 203 
LYS CB  HB3  sing N N 204 
LYS CG  CD   sing N N 205 
LYS CG  HG2  sing N N 206 
LYS CG  HG3  sing N N 207 
LYS CD  CE   sing N N 208 
LYS CD  HD2  sing N N 209 
LYS CD  HD3  sing N N 210 
LYS CE  NZ   sing N N 211 
LYS CE  HE2  sing N N 212 
LYS CE  HE3  sing N N 213 
LYS NZ  HZ1  sing N N 214 
LYS NZ  HZ2  sing N N 215 
LYS NZ  HZ3  sing N N 216 
LYS OXT HXT  sing N N 217 
MSE N   CA   sing N N 218 
MSE N   H    sing N N 219 
MSE N   H2   sing N N 220 
MSE CA  C    sing N N 221 
MSE CA  CB   sing N N 222 
MSE CA  HA   sing N N 223 
MSE C   O    doub N N 224 
MSE C   OXT  sing N N 225 
MSE OXT HXT  sing N N 226 
MSE CB  CG   sing N N 227 
MSE CB  HB2  sing N N 228 
MSE CB  HB3  sing N N 229 
MSE CG  SE   sing N N 230 
MSE CG  HG2  sing N N 231 
MSE CG  HG3  sing N N 232 
MSE SE  CE   sing N N 233 
MSE CE  HE1  sing N N 234 
MSE CE  HE2  sing N N 235 
MSE CE  HE3  sing N N 236 
PHE N   CA   sing N N 237 
PHE N   H    sing N N 238 
PHE N   H2   sing N N 239 
PHE CA  C    sing N N 240 
PHE CA  CB   sing N N 241 
PHE CA  HA   sing N N 242 
PHE C   O    doub N N 243 
PHE C   OXT  sing N N 244 
PHE CB  CG   sing N N 245 
PHE CB  HB2  sing N N 246 
PHE CB  HB3  sing N N 247 
PHE CG  CD1  doub Y N 248 
PHE CG  CD2  sing Y N 249 
PHE CD1 CE1  sing Y N 250 
PHE CD1 HD1  sing N N 251 
PHE CD2 CE2  doub Y N 252 
PHE CD2 HD2  sing N N 253 
PHE CE1 CZ   doub Y N 254 
PHE CE1 HE1  sing N N 255 
PHE CE2 CZ   sing Y N 256 
PHE CE2 HE2  sing N N 257 
PHE CZ  HZ   sing N N 258 
PHE OXT HXT  sing N N 259 
PRO N   CA   sing N N 260 
PRO N   CD   sing N N 261 
PRO N   H    sing N N 262 
PRO CA  C    sing N N 263 
PRO CA  CB   sing N N 264 
PRO CA  HA   sing N N 265 
PRO C   O    doub N N 266 
PRO C   OXT  sing N N 267 
PRO CB  CG   sing N N 268 
PRO CB  HB2  sing N N 269 
PRO CB  HB3  sing N N 270 
PRO CG  CD   sing N N 271 
PRO CG  HG2  sing N N 272 
PRO CG  HG3  sing N N 273 
PRO CD  HD2  sing N N 274 
PRO CD  HD3  sing N N 275 
PRO OXT HXT  sing N N 276 
SER N   CA   sing N N 277 
SER N   H    sing N N 278 
SER N   H2   sing N N 279 
SER CA  C    sing N N 280 
SER CA  CB   sing N N 281 
SER CA  HA   sing N N 282 
SER C   O    doub N N 283 
SER C   OXT  sing N N 284 
SER CB  OG   sing N N 285 
SER CB  HB2  sing N N 286 
SER CB  HB3  sing N N 287 
SER OG  HG   sing N N 288 
SER OXT HXT  sing N N 289 
THR N   CA   sing N N 290 
THR N   H    sing N N 291 
THR N   H2   sing N N 292 
THR CA  C    sing N N 293 
THR CA  CB   sing N N 294 
THR CA  HA   sing N N 295 
THR C   O    doub N N 296 
THR C   OXT  sing N N 297 
THR CB  OG1  sing N N 298 
THR CB  CG2  sing N N 299 
THR CB  HB   sing N N 300 
THR OG1 HG1  sing N N 301 
THR CG2 HG21 sing N N 302 
THR CG2 HG22 sing N N 303 
THR CG2 HG23 sing N N 304 
THR OXT HXT  sing N N 305 
TYR N   CA   sing N N 306 
TYR N   H    sing N N 307 
TYR N   H2   sing N N 308 
TYR CA  C    sing N N 309 
TYR CA  CB   sing N N 310 
TYR CA  HA   sing N N 311 
TYR C   O    doub N N 312 
TYR C   OXT  sing N N 313 
TYR CB  CG   sing N N 314 
TYR CB  HB2  sing N N 315 
TYR CB  HB3  sing N N 316 
TYR CG  CD1  doub Y N 317 
TYR CG  CD2  sing Y N 318 
TYR CD1 CE1  sing Y N 319 
TYR CD1 HD1  sing N N 320 
TYR CD2 CE2  doub Y N 321 
TYR CD2 HD2  sing N N 322 
TYR CE1 CZ   doub Y N 323 
TYR CE1 HE1  sing N N 324 
TYR CE2 CZ   sing Y N 325 
TYR CE2 HE2  sing N N 326 
TYR CZ  OH   sing N N 327 
TYR OH  HH   sing N N 328 
TYR OXT HXT  sing N N 329 
VAL N   CA   sing N N 330 
VAL N   H    sing N N 331 
VAL N   H2   sing N N 332 
VAL CA  C    sing N N 333 
VAL CA  CB   sing N N 334 
VAL CA  HA   sing N N 335 
VAL C   O    doub N N 336 
VAL C   OXT  sing N N 337 
VAL CB  CG1  sing N N 338 
VAL CB  CG2  sing N N 339 
VAL CB  HB   sing N N 340 
VAL CG1 HG11 sing N N 341 
VAL CG1 HG12 sing N N 342 
VAL CG1 HG13 sing N N 343 
VAL CG2 HG21 sing N N 344 
VAL CG2 HG22 sing N N 345 
VAL CG2 HG23 sing N N 346 
VAL OXT HXT  sing N N 347 
# 
_atom_sites.entry_id                    4NE3 
_atom_sites.fract_transf_matrix[1][1]   0.01627274 
_atom_sites.fract_transf_matrix[1][2]   -0.00628940 
_atom_sites.fract_transf_matrix[1][3]   0.00349346 
_atom_sites.fract_transf_matrix[2][1]   0.00390118 
_atom_sites.fract_transf_matrix[2][2]   -0.00017109 
_atom_sites.fract_transf_matrix[2][3]   -0.01847994 
_atom_sites.fract_transf_matrix[3][1]   0.01281248 
_atom_sites.fract_transf_matrix[3][2]   0.01279358 
_atom_sites.fract_transf_matrix[3][3]   0.00258631 
_atom_sites.fract_transf_vector[1]      0.074556 
_atom_sites.fract_transf_vector[2]      0.098063 
_atom_sites.fract_transf_vector[3]      0.258360 
# 
loop_
_atom_type.symbol 
C  
N  
O  
S  
SE 
# 
loop_
_atom_site.group_PDB 
_atom_site.id 
_atom_site.type_symbol 
_atom_site.label_atom_id 
_atom_site.label_alt_id 
_atom_site.label_comp_id 
_atom_site.label_asym_id 
_atom_site.label_entity_id 
_atom_site.label_seq_id 
_atom_site.pdbx_PDB_ins_code 
_atom_site.Cartn_x 
_atom_site.Cartn_y 
_atom_site.Cartn_z 
_atom_site.occupancy 
_atom_site.B_iso_or_equiv 
_atom_site.pdbx_formal_charge 
_atom_site.auth_seq_id 
_atom_site.auth_comp_id 
_atom_site.auth_asym_id 
_atom_site.auth_atom_id 
_atom_site.pdbx_PDB_model_num 
ATOM   1    N  N   . SER A 1 1  ? -9.102  20.513  -3.671  1.00 38.68 ? 14  SER A N   1 
ATOM   2    C  CA  . SER A 1 1  ? -10.085 19.884  -2.798  1.00 42.92 ? 14  SER A CA  1 
ATOM   3    C  C   . SER A 1 1  ? -9.423  18.840  -1.912  1.00 40.14 ? 14  SER A C   1 
ATOM   4    O  O   . SER A 1 1  ? -8.281  18.436  -2.163  1.00 40.79 ? 14  SER A O   1 
ATOM   5    C  CB  . SER A 1 1  ? -11.184 19.214  -3.612  1.00 41.59 ? 14  SER A CB  1 
ATOM   6    O  OG  . SER A 1 1  ? -10.689 18.020  -4.194  1.00 47.42 ? 14  SER A OG  1 
ATOM   7    N  N   . TYR A 1 2  ? -10.158 18.386  -0.901  1.00 38.73 ? 15  TYR A N   1 
ATOM   8    C  CA  . TYR A 1 2  ? -9.612  17.472  0.095   1.00 32.76 ? 15  TYR A CA  1 
ATOM   9    C  C   . TYR A 1 2  ? -8.963  16.216  -0.507  1.00 35.73 ? 15  TYR A C   1 
ATOM   10   O  O   . TYR A 1 2  ? -7.800  15.907  -0.215  1.00 33.68 ? 15  TYR A O   1 
ATOM   11   C  CB  . TYR A 1 2  ? -10.685 17.063  1.085   1.00 33.93 ? 15  TYR A CB  1 
ATOM   12   C  CG  . TYR A 1 2  ? -10.150 16.228  2.218   1.00 31.24 ? 15  TYR A CG  1 
ATOM   13   C  CD1 . TYR A 1 2  ? -10.554 14.907  2.391   1.00 29.22 ? 15  TYR A CD1 1 
ATOM   14   C  CD2 . TYR A 1 2  ? -9.220  16.755  3.106   1.00 29.95 ? 15  TYR A CD2 1 
ATOM   15   C  CE1 . TYR A 1 2  ? -10.055 14.143  3.438   1.00 31.18 ? 15  TYR A CE1 1 
ATOM   16   C  CE2 . TYR A 1 2  ? -8.715  16.006  4.136   1.00 31.47 ? 15  TYR A CE2 1 
ATOM   17   C  CZ  . TYR A 1 2  ? -9.136  14.698  4.308   1.00 31.59 ? 15  TYR A CZ  1 
ATOM   18   O  OH  . TYR A 1 2  ? -8.626  13.967  5.356   1.00 31.82 ? 15  TYR A OH  1 
ATOM   19   N  N   . GLN A 1 3  ? -9.723  15.492  -1.323  1.00 30.03 ? 16  GLN A N   1 
ATOM   20   C  CA  . GLN A 1 3  ? -9.246  14.228  -1.890  1.00 36.30 ? 16  GLN A CA  1 
ATOM   21   C  C   . GLN A 1 3  ? -8.193  14.426  -2.983  1.00 37.42 ? 16  GLN A C   1 
ATOM   22   O  O   . GLN A 1 3  ? -7.340  13.574  -3.191  1.00 30.90 ? 16  GLN A O   1 
ATOM   23   C  CB  . GLN A 1 3  ? -10.410 13.388  -2.419  1.00 32.34 ? 16  GLN A CB  1 
ATOM   24   C  CG  . GLN A 1 3  ? -11.343 12.896  -1.323  1.00 31.10 ? 16  GLN A CG  1 
ATOM   25   C  CD  . GLN A 1 3  ? -12.228 11.741  -1.772  1.00 38.55 ? 16  GLN A CD  1 
ATOM   26   O  OE1 . GLN A 1 3  ? -11.871 10.983  -2.680  1.00 36.87 ? 16  GLN A OE1 1 
ATOM   27   N  NE2 . GLN A 1 3  ? -13.387 11.599  -1.134  1.00 32.51 ? 16  GLN A NE2 1 
ATOM   28   N  N   . GLN A 1 4  ? -8.267  15.547  -3.686  1.00 37.34 ? 17  GLN A N   1 
ATOM   29   C  CA  . GLN A 1 4  ? -7.239  15.884  -4.651  1.00 38.53 ? 17  GLN A CA  1 
ATOM   30   C  C   . GLN A 1 4  ? -5.894  16.003  -3.955  1.00 32.41 ? 17  GLN A C   1 
ATOM   31   O  O   . GLN A 1 4  ? -4.882  15.531  -4.467  1.00 32.94 ? 17  GLN A O   1 
ATOM   32   C  CB  . GLN A 1 4  ? -7.569  17.190  -5.372  1.00 39.60 ? 17  GLN A CB  1 
ATOM   33   C  CG  . GLN A 1 4  ? -8.727  17.085  -6.332  1.00 41.15 ? 17  GLN A CG  1 
ATOM   34   C  CD  . GLN A 1 4  ? -8.934  18.355  -7.130  1.00 50.70 ? 17  GLN A CD  1 
ATOM   35   O  OE1 . GLN A 1 4  ? -8.585  19.447  -6.682  1.00 54.42 ? 17  GLN A OE1 1 
ATOM   36   N  NE2 . GLN A 1 4  ? -9.503  18.218  -8.322  1.00 59.91 ? 17  GLN A NE2 1 
ATOM   37   N  N   . ARG A 1 5  ? -5.885  16.650  -2.798  1.00 32.68 ? 18  ARG A N   1 
ATOM   38   C  CA  . ARG A 1 5  ? -4.647  16.844  -2.049  1.00 39.09 ? 18  ARG A CA  1 
ATOM   39   C  C   . ARG A 1 5  ? -4.085  15.510  -1.554  1.00 34.17 ? 18  ARG A C   1 
ATOM   40   O  O   . ARG A 1 5  ? -2.873  15.282  -1.590  1.00 29.76 ? 18  ARG A O   1 
ATOM   41   C  CB  . ARG A 1 5  ? -4.867  17.790  -0.865  1.00 39.08 ? 18  ARG A CB  1 
ATOM   42   C  CG  . ARG A 1 5  ? -3.629  17.980  0.015   1.00 48.11 ? 18  ARG A CG  1 
ATOM   43   C  CD  . ARG A 1 5  ? -2.497  18.679  -0.745  1.00 49.98 ? 18  ARG A CD  1 
ATOM   44   N  NE  . ARG A 1 5  ? -1.266  18.781  0.042   1.00 47.52 ? 18  ARG A NE  1 
ATOM   45   C  CZ  . ARG A 1 5  ? -0.215  17.977  -0.113  1.00 46.68 ? 18  ARG A CZ  1 
ATOM   46   N  NH1 . ARG A 1 5  ? -0.245  17.014  -1.024  1.00 43.72 ? 18  ARG A NH1 1 
ATOM   47   N  NH2 . ARG A 1 5  ? 0.864   18.129  0.641   1.00 45.01 ? 18  ARG A NH2 1 
ATOM   48   N  N   . LEU A 1 6  ? -4.971  14.633  -1.087  1.00 30.73 ? 19  LEU A N   1 
ATOM   49   C  CA  . LEU A 1 6  ? -4.555  13.314  -0.622  1.00 31.16 ? 19  LEU A CA  1 
ATOM   50   C  C   . LEU A 1 6  ? -3.957  12.508  -1.776  1.00 26.88 ? 19  LEU A C   1 
ATOM   51   O  O   . LEU A 1 6  ? -2.932  11.855  -1.621  1.00 25.38 ? 19  LEU A O   1 
ATOM   52   C  CB  . LEU A 1 6  ? -5.734  12.561  -0.008  1.00 29.63 ? 19  LEU A CB  1 
ATOM   53   C  CG  . LEU A 1 6  ? -6.332  13.226  1.230   1.00 28.04 ? 19  LEU A CG  1 
ATOM   54   C  CD1 . LEU A 1 6  ? -7.588  12.476  1.687   1.00 30.35 ? 19  LEU A CD1 1 
ATOM   55   C  CD2 . LEU A 1 6  ? -5.294  13.357  2.362   1.00 27.93 ? 19  LEU A CD2 1 
ATOM   56   N  N   . LYS A 1 7  ? -4.609  12.565  -2.931  1.00 27.18 ? 20  LYS A N   1 
ATOM   57   C  CA  . LYS A 1 7  ? -4.135  11.842  -4.108  1.00 27.60 ? 20  LYS A CA  1 
ATOM   58   C  C   . LYS A 1 7  ? -2.773  12.364  -4.569  1.00 30.90 ? 20  LYS A C   1 
ATOM   59   O  O   . LYS A 1 7  ? -1.916  11.588  -5.009  1.00 26.49 ? 20  LYS A O   1 
ATOM   60   C  CB  . LYS A 1 7  ? -5.155  11.946  -5.237  1.00 29.91 ? 20  LYS A CB  1 
ATOM   61   C  CG  . LYS A 1 7  ? -6.447  11.151  -4.971  1.00 31.14 ? 20  LYS A CG  1 
ATOM   62   C  CD  . LYS A 1 7  ? -7.379  11.224  -6.162  1.00 36.29 ? 20  LYS A CD  1 
ATOM   63   C  CE  . LYS A 1 7  ? -8.540  10.250  -5.998  1.00 41.37 ? 20  LYS A CE  1 
ATOM   64   N  NZ  . LYS A 1 7  ? -9.617  10.474  -6.998  1.00 51.09 ? 20  LYS A NZ  1 
ATOM   65   N  N   . ALA A 1 8  ? -2.588  13.683  -4.474  1.00 27.70 ? 21  ALA A N   1 
ATOM   66   C  CA  . ALA A 1 8  ? -1.311  14.318  -4.805  1.00 29.86 ? 21  ALA A CA  1 
ATOM   67   C  C   . ALA A 1 8  ? -0.199  13.857  -3.874  1.00 26.61 ? 21  ALA A C   1 
ATOM   68   O  O   . ALA A 1 8  ? 0.922   13.616  -4.312  1.00 26.62 ? 21  ALA A O   1 
ATOM   69   C  CB  . ALA A 1 8  ? -1.436  15.857  -4.775  1.00 32.71 ? 21  ALA A CB  1 
ATOM   70   N  N   . ALA A 1 9  ? -0.527  13.743  -2.591  1.00 24.86 ? 22  ALA A N   1 
ATOM   71   C  CA  . ALA A 1 9  ? 0.421   13.292  -1.588  1.00 28.85 ? 22  ALA A CA  1 
ATOM   72   C  C   . ALA A 1 9  ? 0.788   11.826  -1.859  1.00 28.92 ? 22  ALA A C   1 
ATOM   73   O  O   . ALA A 1 9  ? 1.968   11.462  -1.850  1.00 26.81 ? 22  ALA A O   1 
ATOM   74   C  CB  . ALA A 1 9  ? -0.161  13.463  -0.192  1.00 26.80 ? 22  ALA A CB  1 
ATOM   75   N  N   . VAL A 1 10 ? -0.222  11.001  -2.125  1.00 24.40 ? 23  VAL A N   1 
ATOM   76   C  CA  . VAL A 1 10 ? 0.023   9.619   -2.547  1.00 23.08 ? 23  VAL A CA  1 
ATOM   77   C  C   . VAL A 1 10 ? 0.907   9.589   -3.790  1.00 26.98 ? 23  VAL A C   1 
ATOM   78   O  O   . VAL A 1 10 ? 1.914   8.889   -3.812  1.00 25.21 ? 23  VAL A O   1 
ATOM   79   C  CB  . VAL A 1 10 ? -1.281  8.866   -2.850  1.00 21.37 ? 23  VAL A CB  1 
ATOM   80   C  CG1 . VAL A 1 10 ? -0.972  7.496   -3.523  1.00 20.50 ? 23  VAL A CG1 1 
ATOM   81   C  CG2 . VAL A 1 10 ? -2.088  8.665   -1.576  1.00 21.25 ? 23  VAL A CG2 1 
ATOM   82   N  N   . HIS A 1 11 ? 0.511   10.339  -4.820  1.00 26.02 ? 24  HIS A N   1 
ATOM   83   C  CA  . HIS A 1 11 ? 1.224   10.363  -6.098  1.00 25.36 ? 24  HIS A CA  1 
ATOM   84   C  C   . HIS A 1 11 ? 2.693   10.772  -5.919  1.00 30.06 ? 24  HIS A C   1 
ATOM   85   O  O   . HIS A 1 11 ? 3.584   10.240  -6.590  1.00 26.73 ? 24  HIS A O   1 
ATOM   86   C  CB  . HIS A 1 11 ? 0.522   11.292  -7.094  1.00 28.23 ? 24  HIS A CB  1 
ATOM   87   C  CG  . HIS A 1 11 ? 1.099   11.247  -8.473  1.00 34.14 ? 24  HIS A CG  1 
ATOM   88   N  ND1 . HIS A 1 11 ? 2.215   11.972  -8.837  1.00 46.00 ? 24  HIS A ND1 1 
ATOM   89   C  CD2 . HIS A 1 11 ? 0.723   10.565  -9.577  1.00 38.86 ? 24  HIS A CD2 1 
ATOM   90   C  CE1 . HIS A 1 11 ? 2.504   11.726  -10.105 1.00 38.38 ? 24  HIS A CE1 1 
ATOM   91   N  NE2 . HIS A 1 11 ? 1.609   10.881  -10.577 1.00 36.97 ? 24  HIS A NE2 1 
ATOM   92   N  N   . TYR A 1 12 ? 2.946   11.704  -5.009  1.00 24.65 ? 25  TYR A N   1 
ATOM   93   C  CA  . TYR A 1 12 ? 4.326   12.105  -4.701  1.00 31.46 ? 25  TYR A CA  1 
ATOM   94   C  C   . TYR A 1 12 ? 5.128   10.941  -4.081  1.00 30.66 ? 25  TYR A C   1 
ATOM   95   O  O   . TYR A 1 12 ? 6.264   10.641  -4.478  1.00 28.36 ? 25  TYR A O   1 
ATOM   96   C  CB  . TYR A 1 12 ? 4.353   13.311  -3.757  1.00 30.72 ? 25  TYR A CB  1 
ATOM   97   C  CG  . TYR A 1 12 ? 5.758   13.659  -3.282  1.00 32.31 ? 25  TYR A CG  1 
ATOM   98   C  CD1 . TYR A 1 12 ? 6.610   14.424  -4.074  1.00 34.30 ? 25  TYR A CD1 1 
ATOM   99   C  CD2 . TYR A 1 12 ? 6.235   13.199  -2.073  1.00 32.55 ? 25  TYR A CD2 1 
ATOM   100  C  CE1 . TYR A 1 12 ? 7.894   14.729  -3.663  1.00 30.36 ? 25  TYR A CE1 1 
ATOM   101  C  CE2 . TYR A 1 12 ? 7.527   13.508  -1.645  1.00 39.48 ? 25  TYR A CE2 1 
ATOM   102  C  CZ  . TYR A 1 12 ? 8.346   14.274  -2.448  1.00 36.42 ? 25  TYR A CZ  1 
ATOM   103  O  OH  . TYR A 1 12 ? 9.625   14.582  -2.033  1.00 41.12 ? 25  TYR A OH  1 
ATOM   104  N  N   . THR A 1 13 ? 4.529   10.289  -3.100  1.00 24.62 ? 26  THR A N   1 
ATOM   105  C  CA  . THR A 1 13 ? 5.193   9.180   -2.423  1.00 30.98 ? 26  THR A CA  1 
ATOM   106  C  C   . THR A 1 13 ? 5.383   7.995   -3.373  1.00 30.25 ? 26  THR A C   1 
ATOM   107  O  O   . THR A 1 13 ? 6.432   7.345   -3.365  1.00 26.22 ? 26  THR A O   1 
ATOM   108  C  CB  . THR A 1 13 ? 4.403   8.719   -1.194  1.00 30.13 ? 26  THR A CB  1 
ATOM   109  O  OG1 . THR A 1 13 ? 4.363   9.785   -0.237  1.00 34.96 ? 26  THR A OG1 1 
ATOM   110  C  CG2 . THR A 1 13 ? 5.061   7.483   -0.563  1.00 29.06 ? 26  THR A CG2 1 
ATOM   111  N  N   . VAL A 1 14 ? 4.369   7.719   -4.185  1.00 23.89 ? 27  VAL A N   1 
ATOM   112  C  CA  . VAL A 1 14 ? 4.468   6.645   -5.164  1.00 25.00 ? 27  VAL A CA  1 
ATOM   113  C  C   . VAL A 1 14 ? 5.587   6.952   -6.174  1.00 29.18 ? 27  VAL A C   1 
ATOM   114  O  O   . VAL A 1 14 ? 6.404   6.089   -6.479  1.00 24.44 ? 27  VAL A O   1 
ATOM   115  C  CB  . VAL A 1 14 ? 3.104   6.357   -5.866  1.00 27.90 ? 27  VAL A CB  1 
ATOM   116  C  CG1 . VAL A 1 14 ? 3.281   5.464   -7.095  1.00 25.33 ? 27  VAL A CG1 1 
ATOM   117  C  CG2 . VAL A 1 14 ? 2.108   5.738   -4.872  1.00 26.61 ? 27  VAL A CG2 1 
ATOM   118  N  N   . GLY A 1 15 ? 5.628   8.182   -6.674  1.00 28.45 ? 28  GLY A N   1 
ATOM   119  C  CA  . GLY A 1 15 ? 6.717   8.625   -7.533  1.00 28.23 ? 28  GLY A CA  1 
ATOM   120  C  C   . GLY A 1 15 ? 8.094   8.386   -6.922  1.00 29.18 ? 28  GLY A C   1 
ATOM   121  O  O   . GLY A 1 15 ? 9.006   7.900   -7.594  1.00 31.08 ? 28  GLY A O   1 
ATOM   122  N  N   . CYS A 1 16 ? 8.247   8.722   -5.649  1.00 28.25 ? 29  CYS A N   1 
ATOM   123  C  CA  . CYS A 1 16 ? 9.528   8.547   -4.957  1.00 32.78 ? 29  CYS A CA  1 
ATOM   124  C  C   . CYS A 1 16 ? 9.915   7.083   -4.814  1.00 35.22 ? 29  CYS A C   1 
ATOM   125  O  O   . CYS A 1 16 ? 11.083  6.719   -4.973  1.00 31.17 ? 29  CYS A O   1 
ATOM   126  C  CB  . CYS A 1 16 ? 9.490   9.197   -3.576  1.00 37.58 ? 29  CYS A CB  1 
ATOM   127  S  SG  . CYS A 1 16 ? 9.538   11.009  -3.621  1.00 39.91 ? 29  CYS A SG  1 
ATOM   128  N  N   . LEU A 1 17 ? 8.932   6.248   -4.496  1.00 27.08 ? 30  LEU A N   1 
ATOM   129  C  CA  . LEU A 1 17 ? 9.164   4.808   -4.389  1.00 28.28 ? 30  LEU A CA  1 
ATOM   130  C  C   . LEU A 1 17 ? 9.498   4.196   -5.741  1.00 26.67 ? 30  LEU A C   1 
ATOM   131  O  O   . LEU A 1 17 ? 10.417  3.389   -5.850  1.00 29.71 ? 30  LEU A O   1 
ATOM   132  C  CB  . LEU A 1 17 ? 7.959   4.104   -3.768  1.00 26.04 ? 30  LEU A CB  1 
ATOM   133  C  CG  . LEU A 1 17 ? 7.742   4.354   -2.271  1.00 30.21 ? 30  LEU A CG  1 
ATOM   134  C  CD1 . LEU A 1 17 ? 6.383   3.782   -1.822  1.00 23.92 ? 30  LEU A CD1 1 
ATOM   135  C  CD2 . LEU A 1 17 ? 8.882   3.802   -1.417  1.00 26.83 ? 30  LEU A CD2 1 
ATOM   136  N  N   . CYS A 1 18 ? 8.756   4.580   -6.773  1.00 25.85 ? 31  CYS A N   1 
ATOM   137  C  CA  . CYS A 1 18 ? 9.022   4.086   -8.116  1.00 25.89 ? 31  CYS A CA  1 
ATOM   138  C  C   . CYS A 1 18 ? 10.384  4.535   -8.631  1.00 33.19 ? 31  CYS A C   1 
ATOM   139  O  O   . CYS A 1 18 ? 11.063  3.787   -9.348  1.00 28.02 ? 31  CYS A O   1 
ATOM   140  C  CB  . CYS A 1 18 ? 7.935   4.537   -9.080  1.00 30.96 ? 31  CYS A CB  1 
ATOM   141  S  SG  . CYS A 1 18 ? 6.361   3.653   -8.837  1.00 28.12 ? 31  CYS A SG  1 
ATOM   142  N  N   . GLU A 1 19 ? 10.774  5.755   -8.264  1.00 29.13 ? 32  GLU A N   1 
ATOM   143  C  CA  . GLU A 1 19 ? 12.090  6.264   -8.630  1.00 35.65 ? 32  GLU A CA  1 
ATOM   144  C  C   . GLU A 1 19 ? 13.177  5.396   -8.025  1.00 32.88 ? 32  GLU A C   1 
ATOM   145  O  O   . GLU A 1 19 ? 14.122  4.996   -8.708  1.00 38.37 ? 32  GLU A O   1 
ATOM   146  C  CB  . GLU A 1 19 ? 12.267  7.715   -8.179  1.00 38.38 ? 32  GLU A CB  1 
ATOM   147  C  CG  . GLU A 1 19 ? 13.608  8.331   -8.593  1.00 49.39 ? 32  GLU A CG  1 
ATOM   148  C  CD  . GLU A 1 19 ? 13.672  8.688   -10.073 1.00 60.18 ? 32  GLU A CD  1 
ATOM   149  O  OE1 . GLU A 1 19 ? 12.701  8.390   -10.802 1.00 55.96 ? 32  GLU A OE1 1 
ATOM   150  O  OE2 . GLU A 1 19 ? 14.695  9.271   -10.507 1.00 68.10 ? 32  GLU A OE2 1 
ATOM   151  N  N   . GLU A 1 20 ? 13.046  5.094   -6.742  1.00 29.66 ? 33  GLU A N   1 
ATOM   152  C  CA  . GLU A 1 20 ? 13.991  4.204   -6.084  1.00 31.62 ? 33  GLU A CA  1 
ATOM   153  C  C   . GLU A 1 20 ? 14.089  2.838   -6.756  1.00 36.98 ? 33  GLU A C   1 
ATOM   154  O  O   . GLU A 1 20 ? 15.187  2.289   -6.904  1.00 35.98 ? 33  GLU A O   1 
ATOM   155  C  CB  . GLU A 1 20 ? 13.655  4.073   -4.600  1.00 34.83 ? 33  GLU A CB  1 
ATOM   156  C  CG  . GLU A 1 20 ? 13.824  5.404   -3.884  1.00 38.59 ? 33  GLU A CG  1 
ATOM   157  C  CD  . GLU A 1 20 ? 13.321  5.397   -2.464  1.00 46.48 ? 33  GLU A CD  1 
ATOM   158  O  OE1 . GLU A 1 20 ? 12.815  4.350   -2.007  1.00 50.90 ? 33  GLU A OE1 1 
ATOM   159  O  OE2 . GLU A 1 20 ? 13.437  6.454   -1.804  1.00 54.32 ? 33  GLU A OE2 1 
ATOM   160  N  N   . VAL A 1 21 ? 12.952  2.287   -7.174  1.00 32.15 ? 34  VAL A N   1 
ATOM   161  C  CA  . VAL A 1 21 ? 12.978  1.013   -7.880  1.00 27.46 ? 34  VAL A CA  1 
ATOM   162  C  C   . VAL A 1 21 ? 13.610  1.170   -9.252  1.00 32.02 ? 34  VAL A C   1 
ATOM   163  O  O   . VAL A 1 21 ? 14.401  0.326   -9.677  1.00 36.28 ? 34  VAL A O   1 
ATOM   164  C  CB  . VAL A 1 21 ? 11.562  0.396   -8.011  1.00 30.45 ? 34  VAL A CB  1 
ATOM   165  C  CG1 . VAL A 1 21 ? 11.563  -0.765  -9.006  1.00 30.74 ? 34  VAL A CG1 1 
ATOM   166  C  CG2 . VAL A 1 21 ? 11.066  -0.049  -6.636  1.00 30.47 ? 34  VAL A CG2 1 
ATOM   167  N  N   . ALA A 1 22 ? 13.258  2.249   -9.944  1.00 31.37 ? 35  ALA A N   1 
ATOM   168  C  CA  . ALA A 1 22 ? 13.791  2.513   -11.271 1.00 34.95 ? 35  ALA A CA  1 
ATOM   169  C  C   . ALA A 1 22 ? 15.321  2.650   -11.224 1.00 37.89 ? 35  ALA A C   1 
ATOM   170  O  O   . ALA A 1 22 ? 16.026  2.073   -12.052 1.00 37.63 ? 35  ALA A O   1 
ATOM   171  C  CB  . ALA A 1 22 ? 13.154  3.761   -11.860 1.00 31.82 ? 35  ALA A CB  1 
ATOM   172  N  N   . LEU A 1 23 ? 15.813  3.413   -10.250 1.00 37.36 ? 36  LEU A N   1 
ATOM   173  C  CA  . LEU A 1 23 ? 17.246  3.629   -10.061 1.00 43.24 ? 36  LEU A CA  1 
ATOM   174  C  C   . LEU A 1 23 ? 17.961  2.314   -9.775  1.00 41.03 ? 36  LEU A C   1 
ATOM   175  O  O   . LEU A 1 23 ? 19.019  2.022   -10.337 1.00 42.86 ? 36  LEU A O   1 
ATOM   176  C  CB  . LEU A 1 23 ? 17.493  4.599   -8.901  1.00 41.31 ? 36  LEU A CB  1 
ATOM   177  C  CG  . LEU A 1 23 ? 17.675  6.092   -9.197  1.00 52.92 ? 36  LEU A CG  1 
ATOM   178  C  CD1 . LEU A 1 23 ? 16.564  6.625   -10.083 1.00 50.04 ? 36  LEU A CD1 1 
ATOM   179  C  CD2 . LEU A 1 23 ? 17.753  6.880   -7.887  1.00 52.34 ? 36  LEU A CD2 1 
ATOM   180  N  N   . ASP A 1 24 ? 17.370  1.529   -8.889  1.00 33.05 ? 37  ASP A N   1 
ATOM   181  C  CA  . ASP A 1 24 ? 17.923  0.246   -8.509  1.00 38.81 ? 37  ASP A CA  1 
ATOM   182  C  C   . ASP A 1 24 ? 17.896  -0.736  -9.677  1.00 43.22 ? 37  ASP A C   1 
ATOM   183  O  O   . ASP A 1 24 ? 18.907  -1.358  -9.999  1.00 42.44 ? 37  ASP A O   1 
ATOM   184  C  CB  . ASP A 1 24 ? 17.155  -0.324  -7.309  1.00 35.18 ? 37  ASP A CB  1 
ATOM   185  C  CG  . ASP A 1 24 ? 17.543  -1.748  -6.994  1.00 46.00 ? 37  ASP A CG  1 
ATOM   186  O  OD1 . ASP A 1 24 ? 18.592  -2.203  -7.497  1.00 56.21 ? 37  ASP A OD1 1 
ATOM   187  O  OD2 . ASP A 1 24 ? 16.808  -2.419  -6.241  1.00 47.38 ? 37  ASP A OD2 1 
ATOM   188  N  N   . LYS A 1 25 ? 16.741  -0.861  -10.322 1.00 35.50 ? 38  LYS A N   1 
ATOM   189  C  CA  . LYS A 1 25 ? 16.552  -1.879  -11.355 1.00 37.53 ? 38  LYS A CA  1 
ATOM   190  C  C   . LYS A 1 25 ? 17.036  -1.441  -12.736 1.00 37.02 ? 38  LYS A C   1 
ATOM   191  O  O   . LYS A 1 25 ? 17.067  -2.243  -13.662 1.00 40.66 ? 38  LYS A O   1 
ATOM   192  C  CB  . LYS A 1 25 ? 15.077  -2.309  -11.414 1.00 34.02 ? 38  LYS A CB  1 
ATOM   193  C  CG  . LYS A 1 25 ? 14.505  -2.769  -10.077 1.00 37.58 ? 38  LYS A CG  1 
ATOM   194  C  CD  . LYS A 1 25 ? 15.143  -4.068  -9.609  1.00 47.06 ? 38  LYS A CD  1 
ATOM   195  C  CE  . LYS A 1 25 ? 14.489  -4.582  -8.332  1.00 48.89 ? 38  LYS A CE  1 
ATOM   196  N  NZ  . LYS A 1 25 ? 15.010  -5.920  -7.930  1.00 56.99 ? 38  LYS A NZ  1 
ATOM   197  N  N   . ALA A 1 26 ? 17.400  -0.166  -12.862 1.00 37.56 ? 39  ALA A N   1 
ATOM   198  C  CA  . ALA A 1 26 ? 17.823  0.422   -14.133 1.00 43.93 ? 39  ALA A CA  1 
ATOM   199  C  C   . ALA A 1 26 ? 16.749  0.292   -15.211 1.00 43.18 ? 39  ALA A C   1 
ATOM   200  O  O   . ALA A 1 26 ? 17.040  -0.043  -16.361 1.00 38.03 ? 39  ALA A O   1 
ATOM   201  C  CB  . ALA A 1 26 ? 19.141  -0.196  -14.610 1.00 45.37 ? 39  ALA A CB  1 
HETATM 202  N  N   . MSE A 1 27 ? 15.505  0.563   -14.831 1.00 38.10 ? 40  MSE A N   1 
HETATM 203  C  CA  . MSE A 1 27 ? 14.381  0.470   -15.755 1.00 35.13 ? 40  MSE A CA  1 
HETATM 204  C  C   . MSE A 1 27 ? 13.407  1.601   -15.479 1.00 34.85 ? 40  MSE A C   1 
HETATM 205  O  O   . MSE A 1 27 ? 12.908  1.736   -14.368 1.00 40.48 ? 40  MSE A O   1 
HETATM 206  C  CB  . MSE A 1 27 ? 13.656  -0.857  -15.575 1.00 33.25 ? 40  MSE A CB  1 
HETATM 207  C  CG  . MSE A 1 27 ? 12.252  -0.861  -16.161 1.00 39.12 ? 40  MSE A CG  1 
HETATM 208  SE SE  . MSE A 1 27 ? 12.269  -1.323  -18.047 0.53 47.69 ? 40  MSE A SE  1 
HETATM 209  C  CE  . MSE A 1 27 ? 12.921  -3.159  -17.831 1.00 36.36 ? 40  MSE A CE  1 
ATOM   210  N  N   . GLN A 1 28 ? 13.118  2.391   -16.496 1.00 33.68 ? 41  GLN A N   1 
ATOM   211  C  CA  . GLN A 1 28 ? 12.270  3.556   -16.332 1.00 37.76 ? 41  GLN A CA  1 
ATOM   212  C  C   . GLN A 1 28 ? 10.795  3.168   -16.260 1.00 38.09 ? 41  GLN A C   1 
ATOM   213  O  O   . GLN A 1 28 ? 10.386  2.134   -16.794 1.00 32.64 ? 41  GLN A O   1 
ATOM   214  C  CB  . GLN A 1 28 ? 12.497  4.535   -17.486 1.00 43.10 ? 41  GLN A CB  1 
ATOM   215  C  CG  . GLN A 1 28 ? 13.915  5.099   -17.535 1.00 50.06 ? 41  GLN A CG  1 
ATOM   216  C  CD  . GLN A 1 28 ? 14.114  6.094   -18.663 1.00 59.68 ? 41  GLN A CD  1 
ATOM   217  O  OE1 . GLN A 1 28 ? 13.199  6.352   -19.448 1.00 61.66 ? 41  GLN A OE1 1 
ATOM   218  N  NE2 . GLN A 1 28 ? 15.318  6.657   -18.752 1.00 60.22 ? 41  GLN A NE2 1 
ATOM   219  N  N   . PHE A 1 29 ? 10.017  4.011   -15.585 1.00 34.11 ? 42  PHE A N   1 
ATOM   220  C  CA  . PHE A 1 29 ? 8.564   3.899   -15.556 1.00 31.38 ? 42  PHE A CA  1 
ATOM   221  C  C   . PHE A 1 29 ? 7.992   5.052   -16.366 1.00 29.71 ? 42  PHE A C   1 
ATOM   222  O  O   . PHE A 1 29 ? 8.501   6.172   -16.296 1.00 35.17 ? 42  PHE A O   1 
ATOM   223  C  CB  . PHE A 1 29 ? 8.049   4.021   -14.118 1.00 30.71 ? 42  PHE A CB  1 
ATOM   224  C  CG  . PHE A 1 29 ? 8.341   2.833   -13.257 1.00 34.72 ? 42  PHE A CG  1 
ATOM   225  C  CD1 . PHE A 1 29 ? 7.407   1.823   -13.102 1.00 30.49 ? 42  PHE A CD1 1 
ATOM   226  C  CD2 . PHE A 1 29 ? 9.542   2.730   -12.582 1.00 34.32 ? 42  PHE A CD2 1 
ATOM   227  C  CE1 . PHE A 1 29 ? 7.678   0.730   -12.306 1.00 26.35 ? 42  PHE A CE1 1 
ATOM   228  C  CE2 . PHE A 1 29 ? 9.807   1.637   -11.781 1.00 30.92 ? 42  PHE A CE2 1 
ATOM   229  C  CZ  . PHE A 1 29 ? 8.874   0.639   -11.646 1.00 26.69 ? 42  PHE A CZ  1 
ATOM   230  N  N   . SER A 1 30 ? 6.940   4.811   -17.133 1.00 32.49 ? 43  SER A N   1 
ATOM   231  C  CA  . SER A 1 30 ? 6.286   5.943   -17.781 1.00 34.51 ? 43  SER A CA  1 
ATOM   232  C  C   . SER A 1 30 ? 5.584   6.808   -16.727 1.00 36.66 ? 43  SER A C   1 
ATOM   233  O  O   . SER A 1 30 ? 5.318   6.353   -15.603 1.00 34.08 ? 43  SER A O   1 
ATOM   234  C  CB  . SER A 1 30 ? 5.283   5.483   -18.836 1.00 36.07 ? 43  SER A CB  1 
ATOM   235  O  OG  . SER A 1 30 ? 4.125   4.932   -18.230 1.00 35.12 ? 43  SER A OG  1 
ATOM   236  N  N   . LYS A 1 31 ? 5.282   8.052   -17.087 1.00 36.42 ? 44  LYS A N   1 
ATOM   237  C  CA  . LYS A 1 31 ? 4.486   8.916   -16.222 1.00 37.04 ? 44  LYS A CA  1 
ATOM   238  C  C   . LYS A 1 31 ? 3.092   8.330   -16.012 1.00 31.69 ? 44  LYS A C   1 
ATOM   239  O  O   . LYS A 1 31 ? 2.516   8.448   -14.934 1.00 33.03 ? 44  LYS A O   1 
ATOM   240  C  CB  . LYS A 1 31 ? 4.369   10.318  -16.820 1.00 41.65 ? 44  LYS A CB  1 
ATOM   241  C  CG  . LYS A 1 31 ? 3.662   11.309  -15.911 1.00 48.36 ? 44  LYS A CG  1 
ATOM   242  C  CD  . LYS A 1 31 ? 4.552   11.713  -14.742 1.00 49.34 ? 44  LYS A CD  1 
ATOM   243  C  CE  . LYS A 1 31 ? 3.798   12.586  -13.748 1.00 55.84 ? 44  LYS A CE  1 
ATOM   244  N  NZ  . LYS A 1 31 ? 3.237   13.808  -14.395 1.00 64.66 ? 44  LYS A NZ  1 
ATOM   245  N  N   . GLN A 1 32 ? 2.556   7.691   -17.043 1.00 33.26 ? 45  GLN A N   1 
ATOM   246  C  CA  . GLN A 1 32 ? 1.233   7.092   -16.961 1.00 34.32 ? 45  GLN A CA  1 
ATOM   247  C  C   . GLN A 1 32 ? 1.227   5.922   -15.989 1.00 35.21 ? 45  GLN A C   1 
ATOM   248  O  O   . GLN A 1 32 ? 0.257   5.724   -15.252 1.00 28.80 ? 45  GLN A O   1 
ATOM   249  C  CB  . GLN A 1 32 ? 0.745   6.639   -18.334 1.00 32.73 ? 45  GLN A CB  1 
ATOM   250  C  CG  . GLN A 1 32 ? 0.557   7.775   -19.323 1.00 42.95 ? 45  GLN A CG  1 
ATOM   251  C  CD  . GLN A 1 32 ? 1.827   8.144   -20.083 1.00 47.35 ? 45  GLN A CD  1 
ATOM   252  O  OE1 . GLN A 1 32 ? 2.951   7.955   -19.598 1.00 42.04 ? 45  GLN A OE1 1 
ATOM   253  N  NE2 . GLN A 1 32 ? 1.648   8.675   -21.293 1.00 47.31 ? 45  GLN A NE2 1 
ATOM   254  N  N   . THR A 1 33 ? 2.321   5.168   -15.965 1.00 29.64 ? 46  THR A N   1 
ATOM   255  C  CA  . THR A 1 33 ? 2.421   4.013   -15.077 1.00 28.04 ? 46  THR A CA  1 
ATOM   256  C  C   . THR A 1 33 ? 2.448   4.432   -13.614 1.00 26.01 ? 46  THR A C   1 
ATOM   257  O  O   . THR A 1 33 ? 1.768   3.835   -12.777 1.00 24.82 ? 46  THR A O   1 
ATOM   258  C  CB  . THR A 1 33 ? 3.650   3.138   -15.409 1.00 29.44 ? 46  THR A CB  1 
ATOM   259  O  OG1 . THR A 1 33 ? 3.384   2.436   -16.622 1.00 30.70 ? 46  THR A OG1 1 
ATOM   260  C  CG2 . THR A 1 33 ? 3.902   2.119   -14.315 1.00 26.55 ? 46  THR A CG2 1 
ATOM   261  N  N   . ILE A 1 34 ? 3.230   5.472   -13.331 1.00 27.15 ? 47  ILE A N   1 
ATOM   262  C  CA  . ILE A 1 34 ? 3.336   6.054   -12.005 1.00 27.88 ? 47  ILE A CA  1 
ATOM   263  C  C   . ILE A 1 34 ? 1.978   6.545   -11.513 1.00 27.03 ? 47  ILE A C   1 
ATOM   264  O  O   . ILE A 1 34 ? 1.606   6.317   -10.366 1.00 22.43 ? 47  ILE A O   1 
ATOM   265  C  CB  . ILE A 1 34 ? 4.329   7.225   -12.004 1.00 32.33 ? 47  ILE A CB  1 
ATOM   266  C  CG1 . ILE A 1 34 ? 5.715   6.709   -12.360 1.00 32.59 ? 47  ILE A CG1 1 
ATOM   267  C  CG2 . ILE A 1 34 ? 4.385   7.907   -10.624 1.00 27.53 ? 47  ILE A CG2 1 
ATOM   268  C  CD1 . ILE A 1 34 ? 6.144   5.588   -11.473 1.00 36.78 ? 47  ILE A CD1 1 
ATOM   269  N  N   . ALA A 1 35 ? 1.253   7.227   -12.386 1.00 26.44 ? 48  ALA A N   1 
ATOM   270  C  CA  . ALA A 1 35 ? -0.102  7.681   -12.067 1.00 31.71 ? 48  ALA A CA  1 
ATOM   271  C  C   . ALA A 1 35 ? -1.051  6.513   -11.811 1.00 28.72 ? 48  ALA A C   1 
ATOM   272  O  O   . ALA A 1 35 ? -1.875  6.559   -10.899 1.00 27.21 ? 48  ALA A O   1 
ATOM   273  C  CB  . ALA A 1 35 ? -0.648  8.576   -13.194 1.00 30.94 ? 48  ALA A CB  1 
ATOM   274  N  N   . ALA A 1 36 ? -0.950  5.464   -12.618 1.00 25.56 ? 49  ALA A N   1 
ATOM   275  C  CA  . ALA A 1 36 ? -1.823  4.303   -12.437 1.00 27.86 ? 49  ALA A CA  1 
ATOM   276  C  C   . ALA A 1 36 ? -1.550  3.621   -11.091 1.00 23.93 ? 49  ALA A C   1 
ATOM   277  O  O   . ALA A 1 36 ? -2.475  3.207   -10.392 1.00 25.09 ? 49  ALA A O   1 
ATOM   278  C  CB  . ALA A 1 36 ? -1.667  3.319   -13.585 1.00 30.67 ? 49  ALA A CB  1 
ATOM   279  N  N   . ILE A 1 37 ? -0.279  3.535   -10.718 1.00 23.31 ? 50  ILE A N   1 
ATOM   280  C  CA  . ILE A 1 37 ? 0.076   2.938   -9.432  1.00 23.11 ? 50  ILE A CA  1 
ATOM   281  C  C   . ILE A 1 37 ? -0.439  3.819   -8.282  1.00 22.08 ? 50  ILE A C   1 
ATOM   282  O  O   . ILE A 1 37 ? -0.939  3.312   -7.281  1.00 21.39 ? 50  ILE A O   1 
ATOM   283  C  CB  . ILE A 1 37 ? 1.597   2.664   -9.305  1.00 20.70 ? 50  ILE A CB  1 
ATOM   284  C  CG1 . ILE A 1 37 ? 2.035   1.648   -10.379 1.00 22.32 ? 50  ILE A CG1 1 
ATOM   285  C  CG2 . ILE A 1 37 ? 1.922   2.108   -7.914  1.00 21.54 ? 50  ILE A CG2 1 
ATOM   286  C  CD1 . ILE A 1 37 ? 3.542   1.362   -10.358 1.00 25.10 ? 50  ILE A CD1 1 
ATOM   287  N  N   . SER A 1 38 ? -0.330  5.142   -8.435  1.00 25.22 ? 51  SER A N   1 
ATOM   288  C  CA  . SER A 1 38 ? -0.902  6.053   -7.430  1.00 24.05 ? 51  SER A CA  1 
ATOM   289  C  C   . SER A 1 38 ? -2.408  5.837   -7.291  1.00 22.19 ? 51  SER A C   1 
ATOM   290  O  O   . SER A 1 38 ? -2.919  5.776   -6.182  1.00 23.93 ? 51  SER A O   1 
ATOM   291  C  CB  . SER A 1 38 ? -0.659  7.531   -7.768  1.00 21.42 ? 51  SER A CB  1 
ATOM   292  O  OG  . SER A 1 38 ? 0.712   7.790   -7.977  1.00 33.53 ? 51  SER A OG  1 
ATOM   293  N  N   . GLU A 1 39 ? -3.114  5.767   -8.414  1.00 25.72 ? 52  GLU A N   1 
ATOM   294  C  CA  . GLU A 1 39 ? -4.565  5.561   -8.383  1.00 29.42 ? 52  GLU A CA  1 
ATOM   295  C  C   . GLU A 1 39 ? -4.925  4.213   -7.756  1.00 29.15 ? 52  GLU A C   1 
ATOM   296  O  O   . GLU A 1 39 ? -5.866  4.117   -6.970  1.00 24.23 ? 52  GLU A O   1 
ATOM   297  C  CB  . GLU A 1 39 ? -5.154  5.660   -9.786  1.00 30.92 ? 52  GLU A CB  1 
ATOM   298  C  CG  . GLU A 1 39 ? -4.815  6.970   -10.489 1.00 39.16 ? 52  GLU A CG  1 
ATOM   299  C  CD  . GLU A 1 39 ? -5.277  7.000   -11.936 1.00 52.24 ? 52  GLU A CD  1 
ATOM   300  O  OE1 . GLU A 1 39 ? -5.159  5.963   -12.638 1.00 50.79 ? 52  GLU A OE1 1 
ATOM   301  O  OE2 . GLU A 1 39 ? -5.769  8.066   -12.370 1.00 61.57 ? 52  GLU A OE2 1 
ATOM   302  N  N   . LEU A 1 40 ? -4.172  3.174   -8.130  1.00 23.79 ? 53  LEU A N   1 
ATOM   303  C  CA  . LEU A 1 40 ? -4.344  1.835   -7.575  1.00 28.26 ? 53  LEU A CA  1 
ATOM   304  C  C   . LEU A 1 40 ? -4.180  1.867   -6.074  1.00 23.98 ? 53  LEU A C   1 
ATOM   305  O  O   . LEU A 1 40 ? -4.923  1.233   -5.336  1.00 24.04 ? 53  LEU A O   1 
ATOM   306  C  CB  . LEU A 1 40 ? -3.289  0.881   -8.145  1.00 28.32 ? 53  LEU A CB  1 
ATOM   307  C  CG  . LEU A 1 40 ? -3.388  -0.558  -7.639  1.00 34.97 ? 53  LEU A CG  1 
ATOM   308  C  CD1 . LEU A 1 40 ? -4.663  -1.205  -8.144  1.00 36.42 ? 53  LEU A CD1 1 
ATOM   309  C  CD2 . LEU A 1 40 ? -2.161  -1.367  -8.049  1.00 32.85 ? 53  LEU A CD2 1 
ATOM   310  N  N   . THR A 1 41 ? -3.187  2.617   -5.627  1.00 20.90 ? 54  THR A N   1 
ATOM   311  C  CA  . THR A 1 41 ? -2.861  2.689   -4.213  1.00 21.39 ? 54  THR A CA  1 
ATOM   312  C  C   . THR A 1 41 ? -3.939  3.450   -3.464  1.00 23.78 ? 54  THR A C   1 
ATOM   313  O  O   . THR A 1 41 ? -4.335  3.053   -2.385  1.00 23.67 ? 54  THR A O   1 
ATOM   314  C  CB  . THR A 1 41 ? -1.500  3.373   -3.984  1.00 25.55 ? 54  THR A CB  1 
ATOM   315  O  OG1 . THR A 1 41 ? -0.468  2.565   -4.570  1.00 26.45 ? 54  THR A OG1 1 
ATOM   316  C  CG2 . THR A 1 41 ? -1.220  3.557   -2.487  1.00 25.02 ? 54  THR A CG2 1 
ATOM   317  N  N   . PHE A 1 42 ? -4.419  4.537   -4.054  1.00 23.51 ? 55  PHE A N   1 
ATOM   318  C  CA  . PHE A 1 42 ? -5.518  5.275   -3.445  1.00 26.40 ? 55  PHE A CA  1 
ATOM   319  C  C   . PHE A 1 42 ? -6.744  4.355   -3.310  1.00 26.69 ? 55  PHE A C   1 
ATOM   320  O  O   . PHE A 1 42 ? -7.370  4.280   -2.246  1.00 26.57 ? 55  PHE A O   1 
ATOM   321  C  CB  . PHE A 1 42 ? -5.848  6.510   -4.291  1.00 30.83 ? 55  PHE A CB  1 
ATOM   322  C  CG  . PHE A 1 42 ? -6.876  7.409   -3.672  1.00 30.57 ? 55  PHE A CG  1 
ATOM   323  C  CD1 . PHE A 1 42 ? -6.519  8.303   -2.678  1.00 31.36 ? 55  PHE A CD1 1 
ATOM   324  C  CD2 . PHE A 1 42 ? -8.198  7.364   -4.094  1.00 35.48 ? 55  PHE A CD2 1 
ATOM   325  C  CE1 . PHE A 1 42 ? -7.467  9.149   -2.105  1.00 36.34 ? 55  PHE A CE1 1 
ATOM   326  C  CE2 . PHE A 1 42 ? -9.155  8.202   -3.520  1.00 40.32 ? 55  PHE A CE2 1 
ATOM   327  C  CZ  . PHE A 1 42 ? -8.781  9.098   -2.533  1.00 35.29 ? 55  PHE A CZ  1 
ATOM   328  N  N   . ARG A 1 43 ? -7.067  3.630   -4.377  1.00 27.35 ? 56  ARG A N   1 
ATOM   329  C  CA  . ARG A 1 43 ? -8.229  2.738   -4.338  1.00 30.29 ? 56  ARG A CA  1 
ATOM   330  C  C   . ARG A 1 43 ? -8.051  1.565   -3.378  1.00 30.38 ? 56  ARG A C   1 
ATOM   331  O  O   . ARG A 1 43 ? -9.001  1.155   -2.732  1.00 27.67 ? 56  ARG A O   1 
ATOM   332  C  CB  . ARG A 1 43 ? -8.624  2.265   -5.747  1.00 32.50 ? 56  ARG A CB  1 
ATOM   333  C  CG  . ARG A 1 43 ? -9.130  3.417   -6.601  1.00 36.41 ? 56  ARG A CG  1 
ATOM   334  C  CD  . ARG A 1 43 ? -9.750  2.974   -7.918  1.00 42.76 ? 56  ARG A CD  1 
ATOM   335  N  NE  . ARG A 1 43 ? -8.763  2.931   -8.989  1.00 48.00 ? 56  ARG A NE  1 
ATOM   336  C  CZ  . ARG A 1 43 ? -8.112  1.831   -9.348  1.00 46.12 ? 56  ARG A CZ  1 
ATOM   337  N  NH1 . ARG A 1 43 ? -8.363  0.692   -8.722  1.00 50.23 ? 56  ARG A NH1 1 
ATOM   338  N  NH2 . ARG A 1 43 ? -7.218  1.870   -10.325 1.00 44.00 ? 56  ARG A NH2 1 
ATOM   339  N  N   . GLN A 1 44 ? -6.829  1.052   -3.272  1.00 26.13 ? 57  GLN A N   1 
ATOM   340  C  CA  . GLN A 1 44 ? -6.518  -0.058  -2.376  1.00 27.74 ? 57  GLN A CA  1 
ATOM   341  C  C   . GLN A 1 44 ? -6.720  0.339   -0.912  1.00 30.58 ? 57  GLN A C   1 
ATOM   342  O  O   . GLN A 1 44 ? -6.992  -0.513  -0.062  1.00 26.48 ? 57  GLN A O   1 
ATOM   343  C  CB  . GLN A 1 44 ? -5.073  -0.517  -2.582  1.00 28.12 ? 57  GLN A CB  1 
ATOM   344  C  CG  . GLN A 1 44 ? -4.680  -1.727  -1.770  1.00 28.93 ? 57  GLN A CG  1 
ATOM   345  C  CD  . GLN A 1 44 ? -5.190  -3.022  -2.394  1.00 34.54 ? 57  GLN A CD  1 
ATOM   346  O  OE1 . GLN A 1 44 ? -5.884  -2.991  -3.406  1.00 37.05 ? 57  GLN A OE1 1 
ATOM   347  N  NE2 . GLN A 1 44 ? -4.854  -4.153  -1.791  1.00 36.38 ? 57  GLN A NE2 1 
ATOM   348  N  N   . CYS A 1 45 ? -6.568  1.630   -0.614  1.00 27.67 ? 58  CYS A N   1 
ATOM   349  C  CA  . CYS A 1 45 ? -6.798  2.100   0.747   1.00 26.09 ? 58  CYS A CA  1 
ATOM   350  C  C   . CYS A 1 45 ? -8.249  1.933   1.144   1.00 27.26 ? 58  CYS A C   1 
ATOM   351  O  O   . CYS A 1 45 ? -8.542  1.721   2.323   1.00 28.58 ? 58  CYS A O   1 
ATOM   352  C  CB  . CYS A 1 45 ? -6.375  3.562   0.924   1.00 25.01 ? 58  CYS A CB  1 
ATOM   353  S  SG  . CYS A 1 45 ? -4.601  3.715   1.005   1.00 30.15 ? 58  CYS A SG  1 
ATOM   354  N  N   . GLU A 1 46 ? -9.151  2.039   0.170   1.00 26.61 ? 59  GLU A N   1 
ATOM   355  C  CA  . GLU A 1 46 ? -10.566 1.815   0.440   1.00 26.39 ? 59  GLU A CA  1 
ATOM   356  C  C   . GLU A 1 46 ? -10.811 0.409   0.973   1.00 30.91 ? 59  GLU A C   1 
ATOM   357  O  O   . GLU A 1 46 ? -11.496 0.226   1.978   1.00 28.27 ? 59  GLU A O   1 
ATOM   358  C  CB  . GLU A 1 46 ? -11.436 2.066   -0.790  1.00 28.35 ? 59  GLU A CB  1 
ATOM   359  C  CG  . GLU A 1 46 ? -12.914 1.891   -0.454  1.00 36.05 ? 59  GLU A CG  1 
ATOM   360  C  CD  . GLU A 1 46 ? -13.827 2.068   -1.646  1.00 42.65 ? 59  GLU A CD  1 
ATOM   361  O  OE1 . GLU A 1 46 ? -13.328 2.410   -2.738  1.00 50.25 ? 59  GLU A OE1 1 
ATOM   362  O  OE2 . GLU A 1 46 ? -15.049 1.868   -1.480  1.00 50.05 ? 59  GLU A OE2 1 
ATOM   363  N  N   . ASN A 1 47 ? -10.256 -0.583  0.280   1.00 29.95 ? 60  ASN A N   1 
ATOM   364  C  CA  . ASN A 1 47 ? -10.332 -1.968  0.718   1.00 30.46 ? 60  ASN A CA  1 
ATOM   365  C  C   . ASN A 1 47 ? -9.619  -2.267  2.046   1.00 27.02 ? 60  ASN A C   1 
ATOM   366  O  O   . ASN A 1 47 ? -10.162 -2.968  2.899   1.00 24.72 ? 60  ASN A O   1 
ATOM   367  C  CB  . ASN A 1 47 ? -9.821  -2.879  -0.390  1.00 31.99 ? 60  ASN A CB  1 
ATOM   368  C  CG  . ASN A 1 47 ? -10.693 -2.816  -1.623  1.00 44.28 ? 60  ASN A CG  1 
ATOM   369  O  OD1 . ASN A 1 47 ? -11.923 -2.856  -1.525  1.00 46.55 ? 60  ASN A OD1 1 
ATOM   370  N  ND2 . ASN A 1 47 ? -10.068 -2.694  -2.791  1.00 44.61 ? 60  ASN A ND2 1 
ATOM   371  N  N   . PHE A 1 48 ? -8.403  -1.751  2.224   1.00 22.98 ? 61  PHE A N   1 
ATOM   372  C  CA  . PHE A 1 48 ? -7.719  -1.932  3.499   1.00 25.61 ? 61  PHE A CA  1 
ATOM   373  C  C   . PHE A 1 48 ? -8.553  -1.380  4.662   1.00 26.88 ? 61  PHE A C   1 
ATOM   374  O  O   . PHE A 1 48 ? -8.698  -2.032  5.690   1.00 23.66 ? 61  PHE A O   1 
ATOM   375  C  CB  . PHE A 1 48 ? -6.362  -1.235  3.503   1.00 23.84 ? 61  PHE A CB  1 
ATOM   376  C  CG  . PHE A 1 48 ? -5.314  -1.907  2.649   1.00 26.94 ? 61  PHE A CG  1 
ATOM   377  C  CD1 . PHE A 1 48 ? -5.401  -3.250  2.334   1.00 28.83 ? 61  PHE A CD1 1 
ATOM   378  C  CD2 . PHE A 1 48 ? -4.223  -1.183  2.184   1.00 32.39 ? 61  PHE A CD2 1 
ATOM   379  C  CE1 . PHE A 1 48 ? -4.424  -3.867  1.556   1.00 33.51 ? 61  PHE A CE1 1 
ATOM   380  C  CE2 . PHE A 1 48 ? -3.246  -1.789  1.406   1.00 34.87 ? 61  PHE A CE2 1 
ATOM   381  C  CZ  . PHE A 1 48 ? -3.350  -3.135  1.093   1.00 32.39 ? 61  PHE A CZ  1 
ATOM   382  N  N   . ALA A 1 49 ? -9.083  -0.173  4.498   1.00 23.66 ? 62  ALA A N   1 
ATOM   383  C  CA  . ALA A 1 49 ? -9.833  0.459   5.587   1.00 28.73 ? 62  ALA A CA  1 
ATOM   384  C  C   . ALA A 1 49 ? -11.104 -0.324  5.970   1.00 26.20 ? 62  ALA A C   1 
ATOM   385  O  O   . ALA A 1 49 ? -11.349 -0.573  7.144   1.00 27.56 ? 62  ALA A O   1 
ATOM   386  C  CB  . ALA A 1 49 ? -10.179 1.881   5.235   1.00 27.73 ? 62  ALA A CB  1 
ATOM   387  N  N   . LYS A 1 50 ? -11.917 -0.685  4.985   1.00 26.46 ? 63  LYS A N   1 
ATOM   388  C  CA  . LYS A 1 50 ? -13.119 -1.479  5.268   1.00 27.65 ? 63  LYS A CA  1 
ATOM   389  C  C   . LYS A 1 50 ? -12.798 -2.811  5.952   1.00 31.01 ? 63  LYS A C   1 
ATOM   390  O  O   . LYS A 1 50 ? -13.430 -3.159  6.959   1.00 28.57 ? 63  LYS A O   1 
ATOM   391  C  CB  . LYS A 1 50 ? -13.963 -1.693  4.011   1.00 29.75 ? 63  LYS A CB  1 
ATOM   392  C  CG  . LYS A 1 50 ? -14.603 -0.407  3.468   1.00 34.47 ? 63  LYS A CG  1 
ATOM   393  C  CD  . LYS A 1 50 ? -15.511 -0.703  2.281   1.00 40.51 ? 63  LYS A CD  1 
ATOM   394  C  CE  . LYS A 1 50 ? -16.065 0.574   1.672   1.00 41.03 ? 63  LYS A CE  1 
ATOM   395  N  NZ  . LYS A 1 50 ? -16.481 1.550   2.723   1.00 49.54 ? 63  LYS A NZ  1 
ATOM   396  N  N   . ASP A 1 51 ? -11.820 -3.552  5.421   1.00 27.03 ? 64  ASP A N   1 
ATOM   397  C  CA  . ASP A 1 51 ? -11.401 -4.799  6.056   1.00 26.04 ? 64  ASP A CA  1 
ATOM   398  C  C   . ASP A 1 51 ? -10.931 -4.583  7.491   1.00 25.99 ? 64  ASP A C   1 
ATOM   399  O  O   . ASP A 1 51 ? -11.347 -5.298  8.395   1.00 27.07 ? 64  ASP A O   1 
ATOM   400  C  CB  . ASP A 1 51 ? -10.311 -5.535  5.261   1.00 25.70 ? 64  ASP A CB  1 
ATOM   401  C  CG  . ASP A 1 51 ? -10.844 -6.224  4.017   1.00 33.08 ? 64  ASP A CG  1 
ATOM   402  O  OD1 . ASP A 1 51 ? -12.080 -6.296  3.851   1.00 34.21 ? 64  ASP A OD1 1 
ATOM   403  O  OD2 . ASP A 1 51 ? -10.016 -6.710  3.212   1.00 33.52 ? 64  ASP A OD2 1 
ATOM   404  N  N   . LEU A 1 52 ? -10.070 -3.593  7.707   1.00 28.78 ? 65  LEU A N   1 
ATOM   405  C  CA  . LEU A 1 52 ? -9.567  -3.321  9.060   1.00 28.29 ? 65  LEU A CA  1 
ATOM   406  C  C   . LEU A 1 52 ? -10.695 -3.057  10.055  1.00 27.25 ? 65  LEU A C   1 
ATOM   407  O  O   . LEU A 1 52 ? -10.668 -3.534  11.183  1.00 27.11 ? 65  LEU A O   1 
ATOM   408  C  CB  . LEU A 1 52 ? -8.642  -2.109  9.050   1.00 25.59 ? 65  LEU A CB  1 
ATOM   409  C  CG  . LEU A 1 52 ? -7.307  -2.341  8.356   1.00 26.20 ? 65  LEU A CG  1 
ATOM   410  C  CD1 . LEU A 1 52 ? -6.587  -1.014  8.205   1.00 22.15 ? 65  LEU A CD1 1 
ATOM   411  C  CD2 . LEU A 1 52 ? -6.472  -3.353  9.156   1.00 24.97 ? 65  LEU A CD2 1 
ATOM   412  N  N   . GLU A 1 53 ? -11.657 -2.263  9.620   1.00 24.72 ? 66  GLU A N   1 
ATOM   413  C  CA  . GLU A 1 53 ? -12.785 -1.885  10.453  1.00 27.15 ? 66  GLU A CA  1 
ATOM   414  C  C   . GLU A 1 53 ? -13.621 -3.122  10.785  1.00 31.21 ? 66  GLU A C   1 
ATOM   415  O  O   . GLU A 1 53 ? -14.022 -3.321  11.924  1.00 30.09 ? 66  GLU A O   1 
ATOM   416  C  CB  . GLU A 1 53 ? -13.639 -0.863  9.720   1.00 29.70 ? 66  GLU A CB  1 
ATOM   417  C  CG  . GLU A 1 53 ? -14.732 -0.220  10.565  1.00 34.87 ? 66  GLU A CG  1 
ATOM   418  C  CD  . GLU A 1 53 ? -15.488 0.828   9.785   1.00 38.38 ? 66  GLU A CD  1 
ATOM   419  O  OE1 . GLU A 1 53 ? -15.576 0.675   8.545   1.00 40.57 ? 66  GLU A OE1 1 
ATOM   420  O  OE2 . GLU A 1 53 ? -15.966 1.814   10.392  1.00 37.63 ? 66  GLU A OE2 1 
HETATM 421  N  N   . MSE A 1 54 ? -13.861 -3.963  9.782   1.00 32.45 ? 67  MSE A N   1 
HETATM 422  C  CA  . MSE A 1 54 ? -14.596 -5.206  10.006  1.00 32.43 ? 67  MSE A CA  1 
HETATM 423  C  C   . MSE A 1 54 ? -13.840 -6.181  10.883  1.00 28.42 ? 67  MSE A C   1 
HETATM 424  O  O   . MSE A 1 54 ? -14.445 -6.911  11.653  1.00 33.01 ? 67  MSE A O   1 
HETATM 425  C  CB  . MSE A 1 54 ? -14.942 -5.894  8.690   1.00 29.23 ? 67  MSE A CB  1 
HETATM 426  C  CG  . MSE A 1 54 ? -15.893 -5.094  7.842   1.00 32.84 ? 67  MSE A CG  1 
HETATM 427  SE SE  . MSE A 1 54 ? -16.486 -6.132  6.340   0.47 45.74 ? 67  MSE A SE  1 
HETATM 428  C  CE  . MSE A 1 54 ? -16.954 -4.679  5.131   1.00 43.08 ? 67  MSE A CE  1 
ATOM   429  N  N   . PHE A 1 55 ? -12.522 -6.229  10.749  1.00 27.63 ? 68  PHE A N   1 
ATOM   430  C  CA  . PHE A 1 55 ? -11.756 -7.135  11.585  1.00 27.99 ? 68  PHE A CA  1 
ATOM   431  C  C   . PHE A 1 55 ? -11.832 -6.684  13.046  1.00 32.64 ? 68  PHE A C   1 
ATOM   432  O  O   . PHE A 1 55 ? -11.873 -7.510  13.957  1.00 33.39 ? 68  PHE A O   1 
ATOM   433  C  CB  . PHE A 1 55 ? -10.299 -7.227  11.143  1.00 27.97 ? 68  PHE A CB  1 
ATOM   434  C  CG  . PHE A 1 55 ? -10.118 -7.831  9.769   1.00 29.36 ? 68  PHE A CG  1 
ATOM   435  C  CD1 . PHE A 1 55 ? -11.108 -8.626  9.209   1.00 30.02 ? 68  PHE A CD1 1 
ATOM   436  C  CD2 . PHE A 1 55 ? -8.961  -7.600  9.044   1.00 29.74 ? 68  PHE A CD2 1 
ATOM   437  C  CE1 . PHE A 1 55 ? -10.943 -9.173  7.953   1.00 32.32 ? 68  PHE A CE1 1 
ATOM   438  C  CE2 . PHE A 1 55 ? -8.791  -8.141  7.785   1.00 29.84 ? 68  PHE A CE2 1 
ATOM   439  C  CZ  . PHE A 1 55 ? -9.772  -8.930  7.241   1.00 31.34 ? 68  PHE A CZ  1 
ATOM   440  N  N   . ALA A 1 56 ? -11.837 -5.373  13.257  1.00 31.11 ? 69  ALA A N   1 
ATOM   441  C  CA  . ALA A 1 56 ? -11.887 -4.825  14.613  1.00 35.66 ? 69  ALA A CA  1 
ATOM   442  C  C   . ALA A 1 56 ? -13.249 -5.131  15.241  1.00 37.91 ? 69  ALA A C   1 
ATOM   443  O  O   . ALA A 1 56 ? -13.341 -5.651  16.354  1.00 39.35 ? 69  ALA A O   1 
ATOM   444  C  CB  . ALA A 1 56 ? -11.635 -3.326  14.592  1.00 31.66 ? 69  ALA A CB  1 
ATOM   445  N  N   . ARG A 1 57 ? -14.303 -4.799  14.515  1.00 36.65 ? 70  ARG A N   1 
ATOM   446  C  CA  . ARG A 1 57 ? -15.649 -5.104  14.957  1.00 39.20 ? 70  ARG A CA  1 
ATOM   447  C  C   . ARG A 1 57 ? -15.837 -6.605  15.189  1.00 41.29 ? 70  ARG A C   1 
ATOM   448  O  O   . ARG A 1 57 ? -16.561 -7.008  16.109  1.00 42.03 ? 70  ARG A O   1 
ATOM   449  C  CB  . ARG A 1 57 ? -16.665 -4.586  13.939  1.00 44.78 ? 70  ARG A CB  1 
ATOM   450  C  CG  . ARG A 1 57 ? -16.562 -3.098  13.674  1.00 45.77 ? 70  ARG A CG  1 
ATOM   451  C  CD  . ARG A 1 57 ? -16.817 -2.300  14.941  1.00 53.16 ? 70  ARG A CD  1 
ATOM   452  N  NE  . ARG A 1 57 ? -16.446 -0.892  14.797  1.00 57.62 ? 70  ARG A NE  1 
ATOM   453  C  CZ  . ARG A 1 57 ? -17.257 0.052   14.323  1.00 60.41 ? 70  ARG A CZ  1 
ATOM   454  N  NH1 . ARG A 1 57 ? -18.491 -0.257  13.935  1.00 61.93 ? 70  ARG A NH1 1 
ATOM   455  N  NH2 . ARG A 1 57 ? -16.832 1.308   14.236  1.00 49.65 ? 70  ARG A NH2 1 
ATOM   456  N  N   . HIS A 1 58 ? -15.188 -7.431  14.365  1.00 34.46 ? 71  HIS A N   1 
ATOM   457  C  CA  . HIS A 1 58 ? -15.244 -8.884  14.531  1.00 37.69 ? 71  HIS A CA  1 
ATOM   458  C  C   . HIS A 1 58 ? -14.777 -9.291  15.919  1.00 39.23 ? 71  HIS A C   1 
ATOM   459  O  O   . HIS A 1 58 ? -15.270 -10.266 16.494  1.00 36.34 ? 71  HIS A O   1 
ATOM   460  C  CB  . HIS A 1 58 ? -14.378 -9.598  13.491  1.00 32.09 ? 71  HIS A CB  1 
ATOM   461  C  CG  . HIS A 1 58 ? -14.497 -11.093 13.517  1.00 30.98 ? 71  HIS A CG  1 
ATOM   462  N  ND1 . HIS A 1 58 ? -15.642 -11.757 13.130  1.00 32.56 ? 71  HIS A ND1 1 
ATOM   463  C  CD2 . HIS A 1 58 ? -13.603 -12.053 13.857  1.00 28.73 ? 71  HIS A CD2 1 
ATOM   464  C  CE1 . HIS A 1 58 ? -15.449 -13.061 13.232  1.00 30.33 ? 71  HIS A CE1 1 
ATOM   465  N  NE2 . HIS A 1 58 ? -14.222 -13.268 13.678  1.00 32.15 ? 71  HIS A NE2 1 
ATOM   466  N  N   . ALA A 1 59 ? -13.809 -8.544  16.438  1.00 40.23 ? 72  ALA A N   1 
ATOM   467  C  CA  . ALA A 1 59 ? -13.269 -8.787  17.772  1.00 39.38 ? 72  ALA A CA  1 
ATOM   468  C  C   . ALA A 1 59 ? -13.933 -7.871  18.796  1.00 41.29 ? 72  ALA A C   1 
ATOM   469  O  O   . ALA A 1 59 ? -13.477 -7.770  19.933  1.00 41.02 ? 72  ALA A O   1 
ATOM   470  C  CB  . ALA A 1 59 ? -11.767 -8.585  17.777  1.00 38.26 ? 72  ALA A CB  1 
ATOM   471  N  N   . LYS A 1 60 ? -14.997 -7.196  18.371  1.00 40.04 ? 73  LYS A N   1 
ATOM   472  C  CA  . LYS A 1 60 ? -15.740 -6.257  19.216  1.00 42.22 ? 73  LYS A CA  1 
ATOM   473  C  C   . LYS A 1 60 ? -14.934 -5.030  19.644  1.00 46.02 ? 73  LYS A C   1 
ATOM   474  O  O   . LYS A 1 60 ? -15.096 -4.535  20.759  1.00 50.90 ? 73  LYS A O   1 
ATOM   475  C  CB  . LYS A 1 60 ? -16.329 -6.960  20.451  1.00 47.34 ? 73  LYS A CB  1 
ATOM   476  C  CG  . LYS A 1 60 ? -17.184 -8.184  20.116  1.00 47.97 ? 73  LYS A CG  1 
ATOM   477  C  CD  . LYS A 1 60 ? -18.127 -8.537  21.253  1.00 53.33 ? 73  LYS A CD  1 
ATOM   478  C  CE  . LYS A 1 60 ? -19.077 -9.643  20.849  1.00 55.30 ? 73  LYS A CE  1 
ATOM   479  N  NZ  . LYS A 1 60 ? -18.332 -10.912 20.624  1.00 54.05 ? 73  LYS A NZ  1 
ATOM   480  N  N   . ARG A 1 61 ? -14.065 -4.546  18.764  1.00 43.15 ? 74  ARG A N   1 
ATOM   481  C  CA  . ARG A 1 61 ? -13.332 -3.305  19.016  1.00 39.53 ? 74  ARG A CA  1 
ATOM   482  C  C   . ARG A 1 61 ? -13.694 -2.261  17.969  1.00 44.09 ? 74  ARG A C   1 
ATOM   483  O  O   . ARG A 1 61 ? -13.942 -2.592  16.808  1.00 44.64 ? 74  ARG A O   1 
ATOM   484  C  CB  . ARG A 1 61 ? -11.824 -3.537  19.018  1.00 42.29 ? 74  ARG A CB  1 
ATOM   485  C  CG  . ARG A 1 61 ? -11.324 -4.353  20.180  1.00 37.54 ? 74  ARG A CG  1 
ATOM   486  C  CD  . ARG A 1 61 ? -9.837  -4.617  20.073  1.00 40.07 ? 74  ARG A CD  1 
ATOM   487  N  NE  . ARG A 1 61 ? -9.491  -5.703  19.151  1.00 40.84 ? 74  ARG A NE  1 
ATOM   488  C  CZ  . ARG A 1 61 ? -9.279  -5.551  17.843  1.00 39.29 ? 74  ARG A CZ  1 
ATOM   489  N  NH1 . ARG A 1 61 ? -9.411  -4.360  17.280  1.00 36.92 ? 74  ARG A NH1 1 
ATOM   490  N  NH2 . ARG A 1 61 ? -8.956  -6.602  17.092  1.00 35.43 ? 74  ARG A NH2 1 
ATOM   491  N  N   . THR A 1 62 ? -13.741 -1.003  18.388  1.00 46.62 ? 75  THR A N   1 
ATOM   492  C  CA  . THR A 1 62 ? -14.025 0.106   17.487  1.00 45.99 ? 75  THR A CA  1 
ATOM   493  C  C   . THR A 1 62 ? -12.714 0.787   17.116  1.00 41.99 ? 75  THR A C   1 
ATOM   494  O  O   . THR A 1 62 ? -12.669 1.663   16.250  1.00 41.58 ? 75  THR A O   1 
ATOM   495  C  CB  . THR A 1 62 ? -14.895 1.144   18.175  1.00 50.58 ? 75  THR A CB  1 
ATOM   496  O  OG1 . THR A 1 62 ? -14.240 1.552   19.381  1.00 51.19 ? 75  THR A OG1 1 
ATOM   497  C  CG2 . THR A 1 62 ? -16.250 0.554   18.515  1.00 53.98 ? 75  THR A CG2 1 
ATOM   498  N  N   . THR A 1 63 ? -11.654 0.393   17.812  1.00 40.39 ? 76  THR A N   1 
ATOM   499  C  CA  . THR A 1 63 ? -10.324 0.883   17.512  1.00 39.56 ? 76  THR A CA  1 
ATOM   500  C  C   . THR A 1 63 ? -9.454  -0.219  16.922  1.00 36.27 ? 76  THR A C   1 
ATOM   501  O  O   . THR A 1 63 ? -9.206  -1.256  17.535  1.00 38.84 ? 76  THR A O   1 
ATOM   502  C  CB  . THR A 1 63 ? -9.630  1.499   18.740  1.00 42.27 ? 76  THR A CB  1 
ATOM   503  O  OG1 . THR A 1 63 ? -10.407 2.606   19.210  1.00 44.83 ? 76  THR A OG1 1 
ATOM   504  C  CG2 . THR A 1 63 ? -8.245  1.997   18.352  1.00 45.12 ? 76  THR A CG2 1 
ATOM   505  N  N   . ILE A 1 64 ? -9.003  0.038   15.705  1.00 38.71 ? 77  ILE A N   1 
ATOM   506  C  CA  . ILE A 1 64 ? -8.196  -0.895  14.941  1.00 35.37 ? 77  ILE A CA  1 
ATOM   507  C  C   . ILE A 1 64 ? -6.818  -1.045  15.562  1.00 35.99 ? 77  ILE A C   1 
ATOM   508  O  O   . ILE A 1 64 ? -6.147  -0.052  15.860  1.00 35.82 ? 77  ILE A O   1 
ATOM   509  C  CB  . ILE A 1 64 ? -8.097  -0.395  13.485  1.00 35.74 ? 77  ILE A CB  1 
ATOM   510  C  CG1 . ILE A 1 64 ? -9.488  -0.481  12.849  1.00 29.41 ? 77  ILE A CG1 1 
ATOM   511  C  CG2 . ILE A 1 64 ? -7.007  -1.161  12.714  1.00 32.73 ? 77  ILE A CG2 1 
ATOM   512  C  CD1 . ILE A 1 64 ? -9.699  0.379   11.643  1.00 28.84 ? 77  ILE A CD1 1 
ATOM   513  N  N   . ASN A 1 65 ? -6.405  -2.287  15.776  1.00 35.91 ? 78  ASN A N   1 
ATOM   514  C  CA  . ASN A 1 65 ? -5.112  -2.556  16.378  1.00 34.62 ? 78  ASN A CA  1 
ATOM   515  C  C   . ASN A 1 65 ? -4.178  -3.361  15.478  1.00 37.41 ? 78  ASN A C   1 
ATOM   516  O  O   . ASN A 1 65 ? -4.520  -3.693  14.333  1.00 35.68 ? 78  ASN A O   1 
ATOM   517  C  CB  . ASN A 1 65 ? -5.277  -3.241  17.746  1.00 42.21 ? 78  ASN A CB  1 
ATOM   518  C  CG  . ASN A 1 65 ? -5.866  -4.643  17.646  1.00 40.06 ? 78  ASN A CG  1 
ATOM   519  O  OD1 . ASN A 1 65 ? -5.738  -5.320  16.628  1.00 42.13 ? 78  ASN A OD1 1 
ATOM   520  N  ND2 . ASN A 1 65 ? -6.493  -5.092  18.727  1.00 42.82 ? 78  ASN A ND2 1 
ATOM   521  N  N   . THR A 1 66 ? -3.000  -3.671  16.005  1.00 35.28 ? 79  THR A N   1 
ATOM   522  C  CA  . THR A 1 66 ? -1.983  -4.378  15.241  1.00 37.29 ? 79  THR A CA  1 
ATOM   523  C  C   . THR A 1 66 ? -2.388  -5.789  14.840  1.00 38.87 ? 79  THR A C   1 
ATOM   524  O  O   . THR A 1 66 ? -1.963  -6.283  13.797  1.00 37.27 ? 79  THR A O   1 
ATOM   525  C  CB  . THR A 1 66 ? -0.639  -4.408  15.984  1.00 40.67 ? 79  THR A CB  1 
ATOM   526  O  OG1 . THR A 1 66 ? -0.812  -5.014  17.268  1.00 42.71 ? 79  THR A OG1 1 
ATOM   527  C  CG2 . THR A 1 66 ? -0.131  -2.987  16.169  1.00 33.73 ? 79  THR A CG2 1 
ATOM   528  N  N   . GLU A 1 67 ? -3.203  -6.446  15.659  1.00 38.21 ? 80  GLU A N   1 
ATOM   529  C  CA  . GLU A 1 67 ? -3.718  -7.745  15.256  1.00 38.65 ? 80  GLU A CA  1 
ATOM   530  C  C   . GLU A 1 67 ? -4.611  -7.604  14.011  1.00 36.26 ? 80  GLU A C   1 
ATOM   531  O  O   . GLU A 1 67 ? -4.591  -8.462  13.140  1.00 35.54 ? 80  GLU A O   1 
ATOM   532  C  CB  . GLU A 1 67 ? -4.441  -8.453  16.407  1.00 39.73 ? 80  GLU A CB  1 
ATOM   533  C  CG  . GLU A 1 67 ? -3.511  -8.826  17.565  1.00 43.02 ? 80  GLU A CG  1 
ATOM   534  C  CD  . GLU A 1 67 ? -2.253  -9.572  17.105  1.00 52.85 ? 80  GLU A CD  1 
ATOM   535  O  OE1 . GLU A 1 67 ? -2.376  -10.753 16.703  1.00 54.48 ? 80  GLU A OE1 1 
ATOM   536  O  OE2 . GLU A 1 67 ? -1.143  -8.977  17.137  1.00 50.31 ? 80  GLU A OE2 1 
ATOM   537  N  N   . ASP A 1 68 ? -5.381  -6.522  13.914  1.00 32.60 ? 81  ASP A N   1 
ATOM   538  C  CA  . ASP A 1 68 ? -6.203  -6.338  12.725  1.00 32.47 ? 81  ASP A CA  1 
ATOM   539  C  C   . ASP A 1 68 ? -5.316  -6.201  11.485  1.00 33.95 ? 81  ASP A C   1 
ATOM   540  O  O   . ASP A 1 68 ? -5.569  -6.826  10.460  1.00 30.27 ? 81  ASP A O   1 
ATOM   541  C  CB  . ASP A 1 68 ? -7.113  -5.121  12.844  1.00 33.70 ? 81  ASP A CB  1 
ATOM   542  C  CG  . ASP A 1 68 ? -8.077  -5.215  14.015  1.00 33.97 ? 81  ASP A CG  1 
ATOM   543  O  OD1 . ASP A 1 68 ? -8.549  -6.327  14.316  1.00 30.60 ? 81  ASP A OD1 1 
ATOM   544  O  OD2 . ASP A 1 68 ? -8.356  -4.159  14.626  1.00 35.05 ? 81  ASP A OD2 1 
ATOM   545  N  N   . VAL A 1 69 ? -4.276  -5.379  11.596  1.00 31.36 ? 82  VAL A N   1 
ATOM   546  C  CA  . VAL A 1 69 ? -3.352  -5.148  10.495  1.00 30.60 ? 82  VAL A CA  1 
ATOM   547  C  C   . VAL A 1 69 ? -2.598  -6.419  10.096  1.00 32.57 ? 82  VAL A C   1 
ATOM   548  O  O   . VAL A 1 69 ? -2.399  -6.675  8.915   1.00 32.75 ? 82  VAL A O   1 
ATOM   549  C  CB  . VAL A 1 69 ? -2.366  -4.009  10.824  1.00 31.99 ? 82  VAL A CB  1 
ATOM   550  C  CG1 . VAL A 1 69 ? -1.422  -3.759  9.644   1.00 29.83 ? 82  VAL A CG1 1 
ATOM   551  C  CG2 . VAL A 1 69 ? -3.140  -2.739  11.161  1.00 27.93 ? 82  VAL A CG2 1 
ATOM   552  N  N   . LYS A 1 70 ? -2.194  -7.220  11.078  1.00 34.97 ? 83  LYS A N   1 
ATOM   553  C  CA  . LYS A 1 70 ? -1.487  -8.468  10.797  1.00 41.60 ? 83  LYS A CA  1 
ATOM   554  C  C   . LYS A 1 70 ? -2.412  -9.500  10.130  1.00 39.60 ? 83  LYS A C   1 
ATOM   555  O  O   . LYS A 1 70 ? -1.990  -10.286 9.275   1.00 39.01 ? 83  LYS A O   1 
ATOM   556  C  CB  . LYS A 1 70 ? -0.864  -9.038  12.078  1.00 43.98 ? 83  LYS A CB  1 
ATOM   557  C  CG  . LYS A 1 70 ? 0.428   -8.329  12.494  1.00 48.88 ? 83  LYS A CG  1 
ATOM   558  C  CD  . LYS A 1 70 ? 0.824   -8.611  13.936  1.00 50.99 ? 83  LYS A CD  1 
ATOM   559  C  CE  . LYS A 1 70 ? 1.025   -10.091 14.191  1.00 57.02 ? 83  LYS A CE  1 
ATOM   560  N  NZ  . LYS A 1 70 ? 1.499   -10.350 15.578  1.00 59.49 ? 83  LYS A NZ  1 
ATOM   561  N  N   . LEU A 1 71 ? -3.679  -9.485  10.530  1.00 36.34 ? 84  LEU A N   1 
ATOM   562  C  CA  . LEU A 1 71 ? -4.690  -10.298 9.877   1.00 34.98 ? 84  LEU A CA  1 
ATOM   563  C  C   . LEU A 1 71 ? -4.833  -9.850  8.426   1.00 37.50 ? 84  LEU A C   1 
ATOM   564  O  O   . LEU A 1 71 ? -4.956  -10.670 7.513   1.00 37.50 ? 84  LEU A O   1 
ATOM   565  C  CB  . LEU A 1 71 ? -6.018  -10.129 10.608  1.00 36.45 ? 84  LEU A CB  1 
ATOM   566  C  CG  . LEU A 1 71 ? -7.167  -11.018 10.169  1.00 34.67 ? 84  LEU A CG  1 
ATOM   567  C  CD1 . LEU A 1 71 ? -6.715  -12.461 10.117  1.00 34.66 ? 84  LEU A CD1 1 
ATOM   568  C  CD2 . LEU A 1 71 ? -8.333  -10.844 11.107  1.00 31.12 ? 84  LEU A CD2 1 
ATOM   569  N  N   . LEU A 1 72 ? -4.820  -8.536  8.221   1.00 32.01 ? 85  LEU A N   1 
ATOM   570  C  CA  . LEU A 1 72 ? -4.910  -7.969  6.886   1.00 34.01 ? 85  LEU A CA  1 
ATOM   571  C  C   . LEU A 1 72 ? -3.731  -8.451  6.039   1.00 39.62 ? 85  LEU A C   1 
ATOM   572  O  O   . LEU A 1 72 ? -3.905  -8.880  4.898   1.00 38.83 ? 85  LEU A O   1 
ATOM   573  C  CB  . LEU A 1 72 ? -4.916  -6.438  6.974   1.00 30.72 ? 85  LEU A CB  1 
ATOM   574  C  CG  . LEU A 1 72 ? -5.152  -5.648  5.693   1.00 28.95 ? 85  LEU A CG  1 
ATOM   575  C  CD1 . LEU A 1 72 ? -6.583  -5.890  5.163   1.00 24.83 ? 85  LEU A CD1 1 
ATOM   576  C  CD2 . LEU A 1 72 ? -4.868  -4.149  5.917   1.00 25.30 ? 85  LEU A CD2 1 
ATOM   577  N  N   . ALA A 1 73 ? -2.536  -8.408  6.622   1.00 40.07 ? 86  ALA A N   1 
ATOM   578  C  CA  . ALA A 1 73 ? -1.303  -8.731  5.904   1.00 44.67 ? 86  ALA A CA  1 
ATOM   579  C  C   . ALA A 1 73 ? -1.036  -10.229 5.764   1.00 51.42 ? 86  ALA A C   1 
ATOM   580  O  O   . ALA A 1 73 ? 0.031   -10.630 5.302   1.00 55.32 ? 86  ALA A O   1 
ATOM   581  C  CB  . ALA A 1 73 ? -0.110  -8.041  6.568   1.00 48.95 ? 86  ALA A CB  1 
ATOM   582  N  N   . ARG A 1 74 ? -2.007  -11.049 6.162   1.00 49.56 ? 87  ARG A N   1 
ATOM   583  C  CA  . ARG A 1 74 ? -1.879  -12.501 6.063   1.00 54.49 ? 87  ARG A CA  1 
ATOM   584  C  C   . ARG A 1 74 ? -1.710  -12.954 4.613   1.00 61.10 ? 87  ARG A C   1 
ATOM   585  O  O   . ARG A 1 74 ? -0.944  -13.876 4.329   1.00 67.51 ? 87  ARG A O   1 
ATOM   586  C  CB  . ARG A 1 74 ? -3.111  -13.187 6.663   1.00 53.17 ? 87  ARG A CB  1 
ATOM   587  C  CG  . ARG A 1 74 ? -4.292  -13.289 5.690   1.00 50.61 ? 87  ARG A CG  1 
ATOM   588  C  CD  . ARG A 1 74 ? -5.618  -13.453 6.413   1.00 44.65 ? 87  ARG A CD  1 
ATOM   589  N  NE  . ARG A 1 74 ? -6.764  -13.479 5.505   1.00 40.59 ? 87  ARG A NE  1 
ATOM   590  C  CZ  . ARG A 1 74 ? -7.465  -12.407 5.146   1.00 39.77 ? 87  ARG A CZ  1 
ATOM   591  N  NH1 . ARG A 1 74 ? -7.132  -11.210 5.605   1.00 42.67 ? 87  ARG A NH1 1 
ATOM   592  N  NH2 . ARG A 1 74 ? -8.499  -12.530 4.326   1.00 37.37 ? 87  ARG A NH2 1 
ATOM   593  N  N   . ARG A 1 75 ? -2.435  -12.290 3.709   1.00 61.15 ? 88  ARG A N   1 
ATOM   594  C  CA  . ARG A 1 75 ? -2.522  -12.666 2.294   1.00 61.34 ? 88  ARG A CA  1 
ATOM   595  C  C   . ARG A 1 75 ? -1.438  -13.630 1.828   1.00 70.97 ? 88  ARG A C   1 
ATOM   596  O  O   . ARG A 1 75 ? -1.714  -14.806 1.581   1.00 79.97 ? 88  ARG A O   1 
ATOM   597  C  CB  . ARG A 1 75 ? -2.524  -11.418 1.411   1.00 60.62 ? 88  ARG A CB  1 
ATOM   598  N  N   . SER A 1 76 ? -0.212  -13.132 1.703   1.00 68.07 ? 89  SER A N   1 
ATOM   599  C  CA  . SER A 1 76 ? 0.907   -13.978 1.303   1.00 73.52 ? 89  SER A CA  1 
ATOM   600  C  C   . SER A 1 76 ? 1.761   -14.332 2.517   1.00 77.49 ? 89  SER A C   1 
ATOM   601  O  O   . SER A 1 76 ? 1.980   -13.492 3.389   1.00 77.09 ? 89  SER A O   1 
ATOM   602  C  CB  . SER A 1 76 ? 1.765   -13.289 0.236   1.00 73.58 ? 89  SER A CB  1 
ATOM   603  O  OG  . SER A 1 76 ? 1.147   -12.106 -0.249  1.00 67.36 ? 89  SER A OG  1 
ATOM   604  N  N   . ASN A 1 77 ? 2.237   -15.574 2.572   1.00 80.53 ? 90  ASN A N   1 
ATOM   605  C  CA  . ASN A 1 77 ? 3.091   -16.017 3.672   1.00 81.45 ? 90  ASN A CA  1 
ATOM   606  C  C   . ASN A 1 77 ? 4.404   -15.240 3.741   1.00 83.12 ? 90  ASN A C   1 
ATOM   607  O  O   . ASN A 1 77 ? 5.056   -15.197 4.784   1.00 86.20 ? 90  ASN A O   1 
ATOM   608  C  CB  . ASN A 1 77 ? 3.374   -17.520 3.582   1.00 87.13 ? 90  ASN A CB  1 
ATOM   609  C  CG  . ASN A 1 77 ? 2.115   -18.364 3.685   1.00 86.02 ? 90  ASN A CG  1 
ATOM   610  O  OD1 . ASN A 1 77 ? 1.456   -18.398 4.726   1.00 81.18 ? 90  ASN A OD1 1 
ATOM   611  N  ND2 . ASN A 1 77 ? 1.782   -19.065 2.604   1.00 82.41 ? 90  ASN A ND2 1 
ATOM   612  N  N   . SER A 1 78 ? 4.792   -14.637 2.621   1.00 85.34 ? 91  SER A N   1 
ATOM   613  C  CA  . SER A 1 78 ? 5.963   -13.768 2.584   1.00 83.97 ? 91  SER A CA  1 
ATOM   614  C  C   . SER A 1 78 ? 5.575   -12.355 3.016   1.00 83.21 ? 91  SER A C   1 
ATOM   615  O  O   . SER A 1 78 ? 6.396   -11.604 3.552   1.00 83.67 ? 91  SER A O   1 
ATOM   616  C  CB  . SER A 1 78 ? 6.586   -13.758 1.185   1.00 83.37 ? 91  SER A CB  1 
ATOM   617  O  OG  . SER A 1 78 ? 5.610   -13.493 0.194   1.00 83.51 ? 91  SER A OG  1 
ATOM   618  N  N   . LEU A 1 79 ? 4.314   -12.003 2.779   1.00 81.22 ? 92  LEU A N   1 
ATOM   619  C  CA  . LEU A 1 79 ? 3.760   -10.742 3.258   1.00 79.02 ? 92  LEU A CA  1 
ATOM   620  C  C   . LEU A 1 79 ? 3.593   -10.852 4.771   1.00 77.98 ? 92  LEU A C   1 
ATOM   621  O  O   . LEU A 1 79 ? 3.790   -9.883  5.508   1.00 77.82 ? 92  LEU A O   1 
ATOM   622  C  CB  . LEU A 1 79 ? 2.412   -10.461 2.587   1.00 69.57 ? 92  LEU A CB  1 
ATOM   623  C  CG  . LEU A 1 79 ? 2.025   -8.994  2.373   1.00 65.19 ? 92  LEU A CG  1 
ATOM   624  C  CD1 . LEU A 1 79 ? 0.597   -8.883  1.859   1.00 54.65 ? 92  LEU A CD1 1 
ATOM   625  C  CD2 . LEU A 1 79 ? 2.192   -8.182  3.651   1.00 62.08 ? 92  LEU A CD2 1 
ATOM   626  N  N   . LEU A 1 80 ? 3.247   -12.058 5.218   1.00 78.70 ? 93  LEU A N   1 
ATOM   627  C  CA  . LEU A 1 80 ? 3.073   -12.372 6.635   1.00 77.75 ? 93  LEU A CA  1 
ATOM   628  C  C   . LEU A 1 80 ? 4.368   -12.298 7.440   1.00 80.51 ? 93  LEU A C   1 
ATOM   629  O  O   . LEU A 1 80 ? 4.358   -11.877 8.596   1.00 81.48 ? 93  LEU A O   1 
ATOM   630  C  CB  . LEU A 1 80 ? 2.469   -13.771 6.793   1.00 76.76 ? 93  LEU A CB  1 
ATOM   631  C  CG  . LEU A 1 80 ? 0.953   -13.874 6.970   1.00 74.12 ? 93  LEU A CG  1 
ATOM   632  C  CD1 . LEU A 1 80 ? 0.485   -15.321 6.850   1.00 73.26 ? 93  LEU A CD1 1 
ATOM   633  C  CD2 . LEU A 1 80 ? 0.527   -13.271 8.305   1.00 69.54 ? 93  LEU A CD2 1 
ATOM   634  N  N   . LYS A 1 81 ? 5.477   -12.727 6.842   1.00 83.60 ? 94  LYS A N   1 
ATOM   635  C  CA  . LYS A 1 81 ? 6.761   -12.728 7.540   1.00 84.65 ? 94  LYS A CA  1 
ATOM   636  C  C   . LYS A 1 81 ? 7.266   -11.305 7.739   1.00 83.51 ? 94  LYS A C   1 
ATOM   637  O  O   . LYS A 1 81 ? 8.067   -11.032 8.635   1.00 84.47 ? 94  LYS A O   1 
ATOM   638  C  CB  . LYS A 1 81 ? 7.805   -13.556 6.785   1.00 86.90 ? 94  LYS A CB  1 
ATOM   639  C  CG  . LYS A 1 81 ? 9.107   -13.738 7.556   1.00 88.69 ? 94  LYS A CG  1 
ATOM   640  C  CD  . LYS A 1 81 ? 10.017  -14.780 6.915   1.00 92.56 ? 94  LYS A CD  1 
ATOM   641  C  CE  . LYS A 1 81 ? 10.711  -14.240 5.673   1.00 92.75 ? 94  LYS A CE  1 
ATOM   642  N  NZ  . LYS A 1 81 ? 11.700  -15.214 5.128   1.00 89.10 ? 94  LYS A NZ  1 
ATOM   643  N  N   . TYR A 1 82 ? 6.787   -10.398 6.896   1.00 82.08 ? 95  TYR A N   1 
ATOM   644  C  CA  . TYR A 1 82 ? 7.194   -9.004  6.980   1.00 79.01 ? 95  TYR A CA  1 
ATOM   645  C  C   . TYR A 1 82 ? 6.408   -8.254  8.053   1.00 77.85 ? 95  TYR A C   1 
ATOM   646  O  O   . TYR A 1 82 ? 6.988   -7.558  8.888   1.00 78.61 ? 95  TYR A O   1 
ATOM   647  C  CB  . TYR A 1 82 ? 7.032   -8.311  5.626   1.00 78.25 ? 95  TYR A CB  1 
ATOM   648  C  CG  . TYR A 1 82 ? 7.604   -6.916  5.619   1.00 74.08 ? 95  TYR A CG  1 
ATOM   649  C  CD1 . TYR A 1 82 ? 8.978   -6.709  5.553   1.00 73.92 ? 95  TYR A CD1 1 
ATOM   650  C  CD2 . TYR A 1 82 ? 6.779   -5.805  5.700   1.00 68.19 ? 95  TYR A CD2 1 
ATOM   651  C  CE1 . TYR A 1 82 ? 9.508   -5.435  5.556   1.00 69.28 ? 95  TYR A CE1 1 
ATOM   652  C  CE2 . TYR A 1 82 ? 7.301   -4.530  5.703   1.00 63.91 ? 95  TYR A CE2 1 
ATOM   653  C  CZ  . TYR A 1 82 ? 8.661   -4.348  5.632   1.00 64.42 ? 95  TYR A CZ  1 
ATOM   654  O  OH  . TYR A 1 82 ? 9.160   -3.068  5.638   1.00 63.66 ? 95  TYR A OH  1 
ATOM   655  N  N   . ILE A 1 83 ? 5.086   -8.404  8.023   1.00 77.92 ? 96  ILE A N   1 
ATOM   656  C  CA  . ILE A 1 83 ? 4.198   -7.729  8.966   1.00 73.95 ? 96  ILE A CA  1 
ATOM   657  C  C   . ILE A 1 83 ? 4.461   -8.135  10.418  1.00 77.76 ? 96  ILE A C   1 
ATOM   658  O  O   . ILE A 1 83 ? 4.287   -7.330  11.339  1.00 74.19 ? 96  ILE A O   1 
ATOM   659  C  CB  . ILE A 1 83 ? 2.716   -7.995  8.623   1.00 68.16 ? 96  ILE A CB  1 
ATOM   660  C  CG1 . ILE A 1 83 ? 1.798   -7.352  9.662   1.00 63.65 ? 96  ILE A CG1 1 
ATOM   661  C  CG2 . ILE A 1 83 ? 2.441   -9.488  8.534   1.00 68.05 ? 96  ILE A CG2 1 
ATOM   662  C  CD1 . ILE A 1 83 ? 1.642   -5.865  9.502   1.00 55.52 ? 96  ILE A CD1 1 
ATOM   663  N  N   . THR A 1 84 ? 4.880   -9.384  10.614  1.00 79.54 ? 97  THR A N   1 
ATOM   664  C  CA  . THR A 1 84 ? 5.155   -9.908  11.950  1.00 80.13 ? 97  THR A CA  1 
ATOM   665  C  C   . THR A 1 84 ? 6.549   -9.499  12.429  1.00 83.09 ? 97  THR A C   1 
ATOM   666  O  O   . THR A 1 84 ? 6.806   -9.416  13.634  1.00 82.43 ? 97  THR A O   1 
ATOM   667  C  CB  . THR A 1 84 ? 5.022   -11.448 11.993  1.00 81.77 ? 97  THR A CB  1 
ATOM   668  O  OG1 . THR A 1 84 ? 4.952   -11.892 13.354  1.00 82.37 ? 97  THR A OG1 1 
ATOM   669  C  CG2 . THR A 1 84 ? 6.206   -12.115 11.295  1.00 80.87 ? 97  THR A CG2 1 
ATOM   670  N  N   . ASP A 1 85 ? 7.440   -9.242  11.471  1.00 84.11 ? 98  ASP A N   1 
ATOM   671  C  CA  . ASP A 1 85 ? 8.803   -8.801  11.760  1.00 83.53 ? 98  ASP A CA  1 
ATOM   672  C  C   . ASP A 1 85 ? 8.903   -7.276  11.817  1.00 83.09 ? 98  ASP A C   1 
ATOM   673  O  O   . ASP A 1 85 ? 9.909   -6.729  12.278  1.00 81.93 ? 98  ASP A O   1 
ATOM   674  C  CB  . ASP A 1 85 ? 9.779   -9.344  10.708  1.00 82.70 ? 98  ASP A CB  1 
ATOM   675  C  CG  . ASP A 1 85 ? 10.072  -10.824 10.887  1.00 86.58 ? 98  ASP A CG  1 
ATOM   676  O  OD1 . ASP A 1 85 ? 9.326   -11.504 11.628  1.00 84.50 ? 98  ASP A OD1 1 
ATOM   677  O  OD2 . ASP A 1 85 ? 11.051  -11.309 10.278  1.00 87.93 ? 98  ASP A OD2 1 
ATOM   678  N  N   . LYS A 1 86 ? 7.861   -6.596  11.338  1.00 81.03 ? 99  LYS A N   1 
ATOM   679  C  CA  . LYS A 1 86 ? 7.830   -5.136  11.351  1.00 79.80 ? 99  LYS A CA  1 
ATOM   680  C  C   . LYS A 1 86 ? 6.873   -4.601  12.414  1.00 78.68 ? 99  LYS A C   1 
ATOM   681  O  O   . LYS A 1 86 ? 6.722   -3.388  12.572  1.00 78.07 ? 99  LYS A O   1 
ATOM   682  C  CB  . LYS A 1 86 ? 7.464   -4.571  9.977   1.00 74.56 ? 99  LYS A CB  1 
ATOM   683  C  CG  . LYS A 1 86 ? 5.997   -4.703  9.618   1.00 69.80 ? 99  LYS A CG  1 
ATOM   684  C  CD  . LYS A 1 86 ? 5.701   -3.944  8.339   1.00 61.46 ? 99  LYS A CD  1 
ATOM   685  C  CE  . LYS A 1 86 ? 4.430   -4.440  7.658   1.00 60.46 ? 99  LYS A CE  1 
ATOM   686  N  NZ  . LYS A 1 86 ? 3.204   -3.800  8.194   1.00 51.15 ? 99  LYS A NZ  1 
ATOM   687  N  N   . SER A 1 87 ? 6.230   -5.509  13.142  1.00 76.55 ? 100 SER A N   1 
ATOM   688  C  CA  . SER A 1 87 ? 5.391   -5.118  14.270  1.00 78.41 ? 100 SER A CA  1 
ATOM   689  C  C   . SER A 1 87 ? 6.196   -5.156  15.559  1.00 80.60 ? 100 SER A C   1 
ATOM   690  O  O   . SER A 1 87 ? 5.793   -4.587  16.576  1.00 78.16 ? 100 SER A O   1 
ATOM   691  C  CB  . SER A 1 87 ? 4.171   -6.033  14.393  1.00 74.74 ? 100 SER A CB  1 
ATOM   692  O  OG  . SER A 1 87 ? 3.433   -5.721  15.565  1.00 67.86 ? 100 SER A OG  1 
ATOM   693  N  N   . GLU A 1 88 ? 7.338   -5.833  15.501  1.00 82.44 ? 101 GLU A N   1 
ATOM   694  C  CA  . GLU A 1 88 ? 8.205   -6.006  16.660  1.00 80.86 ? 101 GLU A CA  1 
ATOM   695  C  C   . GLU A 1 88 ? 9.118   -4.795  16.879  1.00 79.54 ? 101 GLU A C   1 
ATOM   696  O  O   . GLU A 1 88 ? 9.270   -4.325  18.008  1.00 78.39 ? 101 GLU A O   1 
ATOM   697  C  CB  . GLU A 1 88 ? 9.038   -7.279  16.500  1.00 81.58 ? 101 GLU A CB  1 
ATOM   698  C  CG  . GLU A 1 88 ? 8.222   -8.560  16.328  1.00 84.74 ? 101 GLU A CG  1 
ATOM   699  C  CD  . GLU A 1 88 ? 9.078   -9.744  15.901  1.00 84.66 ? 101 GLU A CD  1 
ATOM   700  O  OE1 . GLU A 1 88 ? 10.018  -9.536  15.104  1.00 84.83 ? 101 GLU A OE1 1 
ATOM   701  O  OE2 . GLU A 1 88 ? 8.821   -10.876 16.372  1.00 75.06 ? 101 GLU A OE2 1 
ATOM   702  N  N   . GLU A 1 89 ? 9.719   -4.293  15.800  1.00 81.04 ? 102 GLU A N   1 
ATOM   703  C  CA  . GLU A 1 89 ? 10.677  -3.188  15.896  1.00 78.60 ? 102 GLU A CA  1 
ATOM   704  C  C   . GLU A 1 89 ? 10.003  -1.853  16.221  1.00 77.86 ? 102 GLU A C   1 
ATOM   705  O  O   . GLU A 1 89 ? 10.541  -1.050  16.984  1.00 75.42 ? 102 GLU A O   1 
ATOM   706  C  CB  . GLU A 1 89 ? 11.535  -3.075  14.626  1.00 80.88 ? 102 GLU A CB  1 
ATOM   707  C  CG  . GLU A 1 89 ? 10.981  -2.144  13.552  1.00 80.60 ? 102 GLU A CG  1 
ATOM   708  C  CD  . GLU A 1 89 ? 9.698   -2.664  12.941  1.00 81.92 ? 102 GLU A CD  1 
ATOM   709  O  OE1 . GLU A 1 89 ? 9.308   -3.799  13.279  1.00 79.68 ? 102 GLU A OE1 1 
ATOM   710  O  OE2 . GLU A 1 89 ? 9.081   -1.941  12.125  1.00 82.02 ? 102 GLU A OE2 1 
ATOM   711  N  N   . ILE A 1 90 ? 8.834   -1.611  15.636  1.00 78.49 ? 103 ILE A N   1 
ATOM   712  C  CA  . ILE A 1 90 ? 8.038   -0.454  16.018  1.00 76.84 ? 103 ILE A CA  1 
ATOM   713  C  C   . ILE A 1 90 ? 7.648   -0.637  17.477  1.00 75.35 ? 103 ILE A C   1 
ATOM   714  O  O   . ILE A 1 90 ? 7.636   0.316   18.258  1.00 77.59 ? 103 ILE A O   1 
ATOM   715  C  CB  . ILE A 1 90 ? 6.767   -0.319  15.159  1.00 76.19 ? 103 ILE A CB  1 
ATOM   716  C  CG1 . ILE A 1 90 ? 7.113   -0.449  13.675  1.00 72.20 ? 103 ILE A CG1 1 
ATOM   717  C  CG2 . ILE A 1 90 ? 6.061   1.009   15.447  1.00 67.90 ? 103 ILE A CG2 1 
ATOM   718  C  CD1 . ILE A 1 90 ? 5.909   -0.492  12.769  1.00 64.95 ? 103 ILE A CD1 1 
ATOM   719  N  N   . ALA A 1 91 ? 7.337   -1.883  17.833  1.00 77.72 ? 104 ALA A N   1 
ATOM   720  C  CA  . ALA A 1 91 ? 7.045   -2.255  19.211  1.00 76.58 ? 104 ALA A CA  1 
ATOM   721  C  C   . ALA A 1 91 ? 8.338   -2.522  19.981  1.00 76.06 ? 104 ALA A C   1 
ATOM   722  O  O   . ALA A 1 91 ? 8.383   -3.369  20.880  1.00 74.73 ? 104 ALA A O   1 
ATOM   723  C  CB  . ALA A 1 91 ? 6.124   -3.475  19.255  1.00 75.69 ? 104 ALA A CB  1 
ATOM   724  N  N   . GLN A 1 92 ? 9.395   -1.808  19.600  1.00 73.29 ? 105 GLN A N   1 
ATOM   725  C  CA  . GLN A 1 92 ? 10.642  -1.798  20.352  1.00 71.62 ? 105 GLN A CA  1 
ATOM   726  C  C   . GLN A 1 92 ? 10.836  -0.386  20.891  1.00 68.02 ? 105 GLN A C   1 
ATOM   727  O  O   . GLN A 1 92 ? 11.939  0.170   20.871  1.00 59.05 ? 105 GLN A O   1 
ATOM   728  C  CB  . GLN A 1 92 ? 11.821  -2.249  19.479  1.00 75.01 ? 105 GLN A CB  1 
ATOM   729  C  CG  . GLN A 1 92 ? 11.922  -3.773  19.328  1.00 76.86 ? 105 GLN A CG  1 
ATOM   730  C  CD  . GLN A 1 92 ? 12.934  -4.220  18.283  1.00 78.41 ? 105 GLN A CD  1 
ATOM   731  O  OE1 . GLN A 1 92 ? 13.347  -3.442  17.423  1.00 81.31 ? 105 GLN A OE1 1 
ATOM   732  N  NE2 . GLN A 1 92 ? 13.333  -5.486  18.354  1.00 76.80 ? 105 GLN A NE2 1 
ATOM   733  N  N   . ALA A 1 93 ? 9.730   0.183   21.364  1.00 63.86 ? 106 ALA A N   1 
ATOM   734  C  CA  . ALA A 1 93 ? 9.701   1.545   21.881  1.00 59.37 ? 106 ALA A CA  1 
ATOM   735  C  C   . ALA A 1 93 ? 8.724   1.647   23.048  1.00 61.01 ? 106 ALA A C   1 
ATOM   736  O  O   . ALA A 1 93 ? 7.573   1.216   22.945  1.00 66.65 ? 106 ALA A O   1 
ATOM   737  C  CB  . ALA A 1 93 ? 9.308   2.518   20.780  1.00 56.04 ? 106 ALA A CB  1 
ATOM   738  N  N   . SER B 2 1  ? 12.559  5.888   2.489   1.00 51.09 ? 8   SER B N   1 
ATOM   739  C  CA  . SER B 2 1  ? 11.436  6.516   1.799   1.00 51.14 ? 8   SER B CA  1 
ATOM   740  C  C   . SER B 2 1  ? 10.138  5.802   2.156   1.00 42.21 ? 8   SER B C   1 
ATOM   741  O  O   . SER B 2 1  ? 10.135  4.595   2.400   1.00 42.12 ? 8   SER B O   1 
ATOM   742  C  CB  . SER B 2 1  ? 11.652  6.478   0.284   1.00 52.88 ? 8   SER B CB  1 
ATOM   743  O  OG  . SER B 2 1  ? 10.675  7.245   -0.410  1.00 54.34 ? 8   SER B OG  1 
ATOM   744  N  N   . GLY B 2 2  ? 9.039   6.547   2.191   1.00 39.57 ? 9   GLY B N   1 
ATOM   745  C  CA  . GLY B 2 2  ? 7.742   5.953   2.468   1.00 33.04 ? 9   GLY B CA  1 
ATOM   746  C  C   . GLY B 2 2  ? 6.647   6.946   2.804   1.00 33.63 ? 9   GLY B C   1 
ATOM   747  O  O   . GLY B 2 2  ? 6.831   8.176   2.696   1.00 30.51 ? 9   GLY B O   1 
ATOM   748  N  N   . PHE B 2 3  ? 5.500   6.401   3.211   1.00 28.16 ? 10  PHE B N   1 
ATOM   749  C  CA  . PHE B 2 3  ? 4.312   7.194   3.505   1.00 26.23 ? 10  PHE B CA  1 
ATOM   750  C  C   . PHE B 2 3  ? 4.338   7.802   4.897   1.00 28.75 ? 10  PHE B C   1 
ATOM   751  O  O   . PHE B 2 3  ? 4.807   7.182   5.858   1.00 29.83 ? 10  PHE B O   1 
ATOM   752  C  CB  . PHE B 2 3  ? 3.048   6.323   3.376   1.00 28.86 ? 10  PHE B CB  1 
ATOM   753  C  CG  . PHE B 2 3  ? 2.760   5.876   1.971   1.00 27.35 ? 10  PHE B CG  1 
ATOM   754  C  CD1 . PHE B 2 3  ? 2.030   6.685   1.116   1.00 26.99 ? 10  PHE B CD1 1 
ATOM   755  C  CD2 . PHE B 2 3  ? 3.234   4.656   1.500   1.00 28.82 ? 10  PHE B CD2 1 
ATOM   756  C  CE1 . PHE B 2 3  ? 1.754   6.283   -0.189  1.00 33.24 ? 10  PHE B CE1 1 
ATOM   757  C  CE2 . PHE B 2 3  ? 2.959   4.237   0.189   1.00 25.91 ? 10  PHE B CE2 1 
ATOM   758  C  CZ  . PHE B 2 3  ? 2.223   5.047   -0.651  1.00 29.83 ? 10  PHE B CZ  1 
ATOM   759  N  N   . ARG B 2 4  ? 3.809   9.012   5.010   1.00 28.69 ? 11  ARG B N   1 
ATOM   760  C  CA  . ARG B 2 4  ? 3.670   9.659   6.308   1.00 28.19 ? 11  ARG B CA  1 
ATOM   761  C  C   . ARG B 2 4  ? 2.426   9.116   7.015   1.00 31.71 ? 11  ARG B C   1 
ATOM   762  O  O   . ARG B 2 4  ? 1.411   8.863   6.367   1.00 26.61 ? 11  ARG B O   1 
ATOM   763  C  CB  . ARG B 2 4  ? 3.565   11.174  6.130   1.00 31.83 ? 11  ARG B CB  1 
ATOM   764  C  CG  . ARG B 2 4  ? 4.860   11.834  5.592   1.00 30.94 ? 11  ARG B CG  1 
ATOM   765  C  CD  . ARG B 2 4  ? 4.714   13.343  5.482   1.00 39.13 ? 11  ARG B CD  1 
ATOM   766  N  NE  . ARG B 2 4  ? 4.270   13.917  6.748   1.00 38.04 ? 11  ARG B NE  1 
ATOM   767  C  CZ  . ARG B 2 4  ? 3.024   14.309  6.991   1.00 47.04 ? 11  ARG B CZ  1 
ATOM   768  N  NH1 . ARG B 2 4  ? 2.099   14.210  6.037   1.00 41.77 ? 11  ARG B NH1 1 
ATOM   769  N  NH2 . ARG B 2 4  ? 2.706   14.809  8.183   1.00 46.13 ? 11  ARG B NH2 1 
ATOM   770  N  N   . LYS B 2 5  ? 2.517   8.933   8.334   1.00 29.51 ? 12  LYS B N   1 
ATOM   771  C  CA  . LYS B 2 5  ? 1.391   8.439   9.130   1.00 31.37 ? 12  LYS B CA  1 
ATOM   772  C  C   . LYS B 2 5  ? 0.116   9.256   8.949   1.00 34.77 ? 12  LYS B C   1 
ATOM   773  O  O   . LYS B 2 5  ? -0.980  8.689   8.869   1.00 31.06 ? 12  LYS B O   1 
ATOM   774  C  CB  . LYS B 2 5  ? 1.742   8.400   10.626  1.00 37.31 ? 12  LYS B CB  1 
ATOM   775  C  CG  . LYS B 2 5  ? 2.470   7.154   11.094  1.00 40.90 ? 12  LYS B CG  1 
ATOM   776  C  CD  . LYS B 2 5  ? 3.285   7.431   12.369  1.00 47.96 ? 12  LYS B CD  1 
ATOM   777  C  CE  . LYS B 2 5  ? 2.404   7.733   13.583  1.00 56.25 ? 12  LYS B CE  1 
ATOM   778  N  NZ  . LYS B 2 5  ? 1.757   6.506   14.174  1.00 51.46 ? 12  LYS B NZ  1 
ATOM   779  N  N   . GLU B 2 6  ? 0.243   10.583  8.918   1.00 30.59 ? 13  GLU B N   1 
ATOM   780  C  CA  . GLU B 2 6  ? -0.940  11.435  8.795   1.00 33.24 ? 13  GLU B CA  1 
ATOM   781  C  C   . GLU B 2 6  ? -1.675  11.202  7.491   1.00 32.89 ? 13  GLU B C   1 
ATOM   782  O  O   . GLU B 2 6  ? -2.910  11.226  7.455   1.00 34.36 ? 13  GLU B O   1 
ATOM   783  C  CB  . GLU B 2 6  ? -0.606  12.931  8.906   1.00 36.91 ? 13  GLU B CB  1 
ATOM   784  C  CG  . GLU B 2 6  ? -1.858  13.810  8.822   1.00 39.73 ? 13  GLU B CG  1 
ATOM   785  C  CD  . GLU B 2 6  ? -1.581  15.273  8.445   1.00 55.01 ? 13  GLU B CD  1 
ATOM   786  O  OE1 . GLU B 2 6  ? -0.397  15.681  8.405   1.00 52.20 ? 13  GLU B OE1 1 
ATOM   787  O  OE2 . GLU B 2 6  ? -2.562  16.013  8.187   1.00 48.62 ? 13  GLU B OE2 1 
ATOM   788  N  N   . LEU B 2 7  ? -0.922  10.995  6.415   1.00 28.17 ? 14  LEU B N   1 
ATOM   789  C  CA  . LEU B 2 7  ? -1.529  10.737  5.112   1.00 28.93 ? 14  LEU B CA  1 
ATOM   790  C  C   . LEU B 2 7  ? -2.344  9.438   5.151   1.00 28.50 ? 14  LEU B C   1 
ATOM   791  O  O   . LEU B 2 7  ? -3.504  9.406   4.736   1.00 24.73 ? 14  LEU B O   1 
ATOM   792  C  CB  . LEU B 2 7  ? -0.451  10.671  4.005   1.00 23.77 ? 14  LEU B CB  1 
ATOM   793  C  CG  . LEU B 2 7  ? -0.913  10.262  2.605   1.00 25.32 ? 14  LEU B CG  1 
ATOM   794  C  CD1 . LEU B 2 7  ? -2.079  11.114  2.104   1.00 27.88 ? 14  LEU B CD1 1 
ATOM   795  C  CD2 . LEU B 2 7  ? 0.246   10.299  1.602   1.00 27.43 ? 14  LEU B CD2 1 
ATOM   796  N  N   . VAL B 2 8  ? -1.722  8.381   5.655   1.00 25.03 ? 15  VAL B N   1 
ATOM   797  C  CA  . VAL B 2 8  ? -2.363  7.070   5.716   1.00 26.77 ? 15  VAL B CA  1 
ATOM   798  C  C   . VAL B 2 8  ? -3.583  7.131   6.631   1.00 29.07 ? 15  VAL B C   1 
ATOM   799  O  O   . VAL B 2 8  ? -4.628  6.557   6.330   1.00 28.39 ? 15  VAL B O   1 
ATOM   800  C  CB  . VAL B 2 8  ? -1.381  5.970   6.179   1.00 27.83 ? 15  VAL B CB  1 
ATOM   801  C  CG1 . VAL B 2 8  ? -2.095  4.635   6.312   1.00 27.43 ? 15  VAL B CG1 1 
ATOM   802  C  CG2 . VAL B 2 8  ? -0.207  5.848   5.186   1.00 28.19 ? 15  VAL B CG2 1 
ATOM   803  N  N   . SER B 2 9  ? -3.469  7.852   7.739   1.00 29.55 ? 16  SER B N   1 
ATOM   804  C  CA  . SER B 2 9  ? -4.632  8.022   8.596   1.00 32.58 ? 16  SER B CA  1 
ATOM   805  C  C   . SER B 2 9  ? -5.813  8.647   7.849   1.00 30.83 ? 16  SER B C   1 
ATOM   806  O  O   . SER B 2 9  ? -6.941  8.163   7.940   1.00 32.50 ? 16  SER B O   1 
ATOM   807  C  CB  . SER B 2 9  ? -4.287  8.837   9.839   1.00 31.39 ? 16  SER B CB  1 
ATOM   808  O  OG  . SER B 2 9  ? -5.388  8.849   10.728  1.00 33.70 ? 16  SER B OG  1 
ATOM   809  N  N   . ARG B 2 10 ? -5.557  9.719   7.111   1.00 32.94 ? 17  ARG B N   1 
ATOM   810  C  CA  . ARG B 2 10 ? -6.620  10.391  6.380   1.00 30.45 ? 17  ARG B CA  1 
ATOM   811  C  C   . ARG B 2 10 ? -7.208  9.509   5.268   1.00 33.76 ? 17  ARG B C   1 
ATOM   812  O  O   . ARG B 2 10 ? -8.422  9.526   5.018   1.00 28.78 ? 17  ARG B O   1 
ATOM   813  C  CB  . ARG B 2 10 ? -6.120  11.701  5.793   1.00 30.68 ? 17  ARG B CB  1 
ATOM   814  C  CG  . ARG B 2 10 ? -5.724  12.745  6.850   1.00 33.38 ? 17  ARG B CG  1 
ATOM   815  C  CD  . ARG B 2 10 ? -5.215  14.007  6.193   1.00 36.33 ? 17  ARG B CD  1 
ATOM   816  N  NE  . ARG B 2 10 ? -4.875  15.025  7.184   1.00 43.36 ? 17  ARG B NE  1 
ATOM   817  C  CZ  . ARG B 2 10 ? -5.761  15.837  7.757   1.00 49.55 ? 17  ARG B CZ  1 
ATOM   818  N  NH1 . ARG B 2 10 ? -7.050  15.750  7.442   1.00 46.71 ? 17  ARG B NH1 1 
ATOM   819  N  NH2 . ARG B 2 10 ? -5.362  16.736  8.652   1.00 46.95 ? 17  ARG B NH2 1 
ATOM   820  N  N   . LEU B 2 11 ? -6.355  8.747   4.587   1.00 28.79 ? 18  LEU B N   1 
ATOM   821  C  CA  . LEU B 2 11 ? -6.848  7.867   3.531   1.00 28.38 ? 18  LEU B CA  1 
ATOM   822  C  C   . LEU B 2 11 ? -7.825  6.841   4.088   1.00 27.52 ? 18  LEU B C   1 
ATOM   823  O  O   . LEU B 2 11 ? -8.870  6.598   3.506   1.00 30.37 ? 18  LEU B O   1 
ATOM   824  C  CB  . LEU B 2 11 ? -5.691  7.163   2.797   1.00 26.38 ? 18  LEU B CB  1 
ATOM   825  C  CG  . LEU B 2 11 ? -4.779  8.107   1.998   1.00 25.47 ? 18  LEU B CG  1 
ATOM   826  C  CD1 . LEU B 2 11 ? -3.482  7.411   1.599   1.00 24.72 ? 18  LEU B CD1 1 
ATOM   827  C  CD2 . LEU B 2 11 ? -5.501  8.636   0.764   1.00 24.90 ? 18  LEU B CD2 1 
ATOM   828  N  N   . LEU B 2 12 ? -7.468  6.231   5.209   1.00 27.69 ? 19  LEU B N   1 
ATOM   829  C  CA  . LEU B 2 12 ? -8.305  5.205   5.823   1.00 28.65 ? 19  LEU B CA  1 
ATOM   830  C  C   . LEU B 2 12 ? -9.627  5.787   6.327   1.00 34.58 ? 19  LEU B C   1 
ATOM   831  O  O   . LEU B 2 12 ? -10.689 5.188   6.140   1.00 28.80 ? 19  LEU B O   1 
ATOM   832  C  CB  . LEU B 2 12 ? -7.578  4.537   6.981   1.00 27.33 ? 19  LEU B CB  1 
ATOM   833  C  CG  . LEU B 2 12 ? -6.307  3.768   6.624   1.00 28.68 ? 19  LEU B CG  1 
ATOM   834  C  CD1 . LEU B 2 12 ? -5.663  3.246   7.871   1.00 27.04 ? 19  LEU B CD1 1 
ATOM   835  C  CD2 . LEU B 2 12 ? -6.618  2.616   5.626   1.00 26.95 ? 19  LEU B CD2 1 
ATOM   836  N  N   . HIS B 2 13 ? -9.552  6.953   6.970   1.00 33.63 ? 20  HIS B N   1 
ATOM   837  C  CA  . HIS B 2 13 ? -10.738 7.583   7.556   1.00 33.19 ? 20  HIS B CA  1 
ATOM   838  C  C   . HIS B 2 13 ? -11.729 8.046   6.507   1.00 40.10 ? 20  HIS B C   1 
ATOM   839  O  O   . HIS B 2 13 ? -12.928 8.194   6.790   1.00 36.20 ? 20  HIS B O   1 
ATOM   840  C  CB  . HIS B 2 13 ? -10.342 8.739   8.479   1.00 34.86 ? 20  HIS B CB  1 
ATOM   841  C  CG  . HIS B 2 13 ? -9.846  8.287   9.813   1.00 33.20 ? 20  HIS B CG  1 
ATOM   842  N  ND1 . HIS B 2 13 ? -10.688 8.073   10.883  1.00 35.49 ? 20  HIS B ND1 1 
ATOM   843  C  CD2 . HIS B 2 13 ? -8.600  7.984   10.250  1.00 36.68 ? 20  HIS B CD2 1 
ATOM   844  C  CE1 . HIS B 2 13 ? -9.978  7.666   11.923  1.00 36.70 ? 20  HIS B CE1 1 
ATOM   845  N  NE2 . HIS B 2 13 ? -8.709  7.609   11.565  1.00 36.63 ? 20  HIS B NE2 1 
ATOM   846  N  N   . LEU B 2 14 ? -11.225 8.276   5.296   1.00 34.64 ? 21  LEU B N   1 
ATOM   847  C  CA  . LEU B 2 14 ? -12.083 8.558   4.153   1.00 34.09 ? 21  LEU B CA  1 
ATOM   848  C  C   . LEU B 2 14 ? -13.129 7.472   3.969   1.00 32.52 ? 21  LEU B C   1 
ATOM   849  O  O   . LEU B 2 14 ? -14.207 7.738   3.436   1.00 35.20 ? 21  LEU B O   1 
ATOM   850  C  CB  . LEU B 2 14 ? -11.261 8.612   2.870   1.00 37.01 ? 21  LEU B CB  1 
ATOM   851  C  CG  . LEU B 2 14 ? -10.855 9.930   2.225   1.00 36.65 ? 21  LEU B CG  1 
ATOM   852  C  CD1 . LEU B 2 14 ? -10.417 9.665   0.791   1.00 34.83 ? 21  LEU B CD1 1 
ATOM   853  C  CD2 . LEU B 2 14 ? -12.003 10.943  2.271   1.00 37.73 ? 21  LEU B CD2 1 
ATOM   854  N  N   . HIS B 2 15 ? -12.801 6.251   4.389   1.00 32.41 ? 22  HIS B N   1 
ATOM   855  C  CA  . HIS B 2 15 ? -13.551 5.060   3.947   1.00 36.05 ? 22  HIS B CA  1 
ATOM   856  C  C   . HIS B 2 15 ? -14.264 4.271   5.047   1.00 35.29 ? 22  HIS B C   1 
ATOM   857  O  O   . HIS B 2 15 ? -15.046 3.372   4.750   1.00 36.72 ? 22  HIS B O   1 
ATOM   858  C  CB  . HIS B 2 15 ? -12.639 4.120   3.132   1.00 32.12 ? 22  HIS B CB  1 
ATOM   859  C  CG  . HIS B 2 15 ? -11.990 4.782   1.953   1.00 28.63 ? 22  HIS B CG  1 
ATOM   860  N  ND1 . HIS B 2 15 ? -12.695 5.171   0.837   1.00 30.77 ? 22  HIS B ND1 1 
ATOM   861  C  CD2 . HIS B 2 15 ? -10.701 5.143   1.729   1.00 29.84 ? 22  HIS B CD2 1 
ATOM   862  C  CE1 . HIS B 2 15 ? -11.873 5.744   -0.026  1.00 30.65 ? 22  HIS B CE1 1 
ATOM   863  N  NE2 . HIS B 2 15 ? -10.657 5.734   0.490   1.00 31.24 ? 22  HIS B NE2 1 
ATOM   864  N  N   . PHE B 2 16 ? -13.990 4.591   6.309   1.00 36.98 ? 23  PHE B N   1 
ATOM   865  C  CA  . PHE B 2 16 ? -14.660 3.903   7.408   1.00 39.91 ? 23  PHE B CA  1 
ATOM   866  C  C   . PHE B 2 16 ? -16.168 4.108   7.298   1.00 40.55 ? 23  PHE B C   1 
ATOM   867  O  O   . PHE B 2 16 ? -16.635 5.191   6.946   1.00 35.51 ? 23  PHE B O   1 
ATOM   868  C  CB  . PHE B 2 16 ? -14.149 4.386   8.767   1.00 37.66 ? 23  PHE B CB  1 
ATOM   869  C  CG  . PHE B 2 16 ? -12.726 3.989   9.059   1.00 34.96 ? 23  PHE B CG  1 
ATOM   870  C  CD1 . PHE B 2 16 ? -12.214 2.790   8.579   1.00 33.72 ? 23  PHE B CD1 1 
ATOM   871  C  CD2 . PHE B 2 16 ? -11.897 4.824   9.795   1.00 35.49 ? 23  PHE B CD2 1 
ATOM   872  C  CE1 . PHE B 2 16 ? -10.904 2.420   8.842   1.00 33.09 ? 23  PHE B CE1 1 
ATOM   873  C  CE2 . PHE B 2 16 ? -10.580 4.466   10.065  1.00 34.07 ? 23  PHE B CE2 1 
ATOM   874  C  CZ  . PHE B 2 16 ? -10.082 3.266   9.592   1.00 32.44 ? 23  PHE B CZ  1 
ATOM   875  N  N   . LYS B 2 17 ? -16.924 3.050   7.562   1.00 36.92 ? 24  LYS B N   1 
ATOM   876  C  CA  . LYS B 2 17 ? -18.377 3.145   7.530   1.00 43.02 ? 24  LYS B CA  1 
ATOM   877  C  C   . LYS B 2 17 ? -18.914 3.832   8.786   1.00 45.76 ? 24  LYS B C   1 
ATOM   878  O  O   . LYS B 2 17 ? -19.942 4.508   8.744   1.00 47.15 ? 24  LYS B O   1 
ATOM   879  C  CB  . LYS B 2 17 ? -18.987 1.753   7.356   1.00 46.18 ? 24  LYS B CB  1 
ATOM   880  C  CG  . LYS B 2 17 ? -18.522 1.071   6.075   1.00 46.62 ? 24  LYS B CG  1 
ATOM   881  C  CD  . LYS B 2 17 ? -19.204 -0.275  5.858   1.00 56.28 ? 24  LYS B CD  1 
ATOM   882  C  CE  . LYS B 2 17 ? -18.755 -0.906  4.546   1.00 48.56 ? 24  LYS B CE  1 
ATOM   883  N  NZ  . LYS B 2 17 ? -19.157 -2.339  4.438   1.00 65.53 ? 24  LYS B NZ  1 
ATOM   884  N  N   . ASP B 2 18 ? -18.203 3.675   9.900   1.00 45.80 ? 25  ASP B N   1 
ATOM   885  C  CA  . ASP B 2 18 ? -18.613 4.313   11.148  1.00 48.11 ? 25  ASP B CA  1 
ATOM   886  C  C   . ASP B 2 18 ? -17.620 5.347   11.680  1.00 53.63 ? 25  ASP B C   1 
ATOM   887  O  O   . ASP B 2 18 ? -16.432 5.064   11.866  1.00 49.17 ? 25  ASP B O   1 
ATOM   888  C  CB  . ASP B 2 18 ? -18.908 3.273   12.228  1.00 52.98 ? 25  ASP B CB  1 
ATOM   889  C  CG  . ASP B 2 18 ? -19.412 3.906   13.511  1.00 57.00 ? 25  ASP B CG  1 
ATOM   890  O  OD1 . ASP B 2 18 ? -19.933 5.043   13.439  1.00 58.90 ? 25  ASP B OD1 1 
ATOM   891  O  OD2 . ASP B 2 18 ? -19.286 3.275   14.582  1.00 55.70 ? 25  ASP B OD2 1 
ATOM   892  N  N   . ASP B 2 19 ? -18.139 6.540   11.947  1.00 58.69 ? 26  ASP B N   1 
ATOM   893  C  CA  . ASP B 2 19 ? -17.355 7.661   12.446  1.00 54.82 ? 26  ASP B CA  1 
ATOM   894  C  C   . ASP B 2 19 ? -16.723 7.368   13.806  1.00 52.20 ? 26  ASP B C   1 
ATOM   895  O  O   . ASP B 2 19 ? -15.831 8.085   14.255  1.00 53.13 ? 26  ASP B O   1 
ATOM   896  C  CB  . ASP B 2 19 ? -18.253 8.893   12.524  1.00 60.05 ? 26  ASP B CB  1 
ATOM   897  C  CG  . ASP B 2 19 ? -19.237 8.959   11.369  1.00 64.41 ? 26  ASP B CG  1 
ATOM   898  O  OD1 . ASP B 2 19 ? -18.790 8.869   10.206  1.00 60.60 ? 26  ASP B OD1 1 
ATOM   899  O  OD2 . ASP B 2 19 ? -20.458 9.070   11.621  1.00 72.41 ? 26  ASP B OD2 1 
ATOM   900  N  N   . LYS B 2 20 ? -17.189 6.307   14.457  1.00 56.02 ? 27  LYS B N   1 
ATOM   901  C  CA  . LYS B 2 20 ? -16.636 5.883   15.741  1.00 55.00 ? 27  LYS B CA  1 
ATOM   902  C  C   . LYS B 2 20 ? -15.289 5.178   15.566  1.00 53.86 ? 27  LYS B C   1 
ATOM   903  O  O   . LYS B 2 20 ? -14.462 5.165   16.479  1.00 51.65 ? 27  LYS B O   1 
ATOM   904  C  CB  . LYS B 2 20 ? -17.620 4.954   16.457  1.00 53.99 ? 27  LYS B CB  1 
ATOM   905  C  CG  . LYS B 2 20 ? -17.112 4.394   17.785  1.00 60.70 ? 27  LYS B CG  1 
ATOM   906  C  CD  . LYS B 2 20 ? -17.021 5.482   18.854  1.00 61.79 ? 27  LYS B CD  1 
ATOM   907  C  CE  . LYS B 2 20 ? -16.480 4.943   20.176  1.00 62.22 ? 27  LYS B CE  1 
ATOM   908  N  NZ  . LYS B 2 20 ? -17.326 3.855   20.752  1.00 64.69 ? 27  LYS B NZ  1 
ATOM   909  N  N   . THR B 2 21 ? -15.066 4.586   14.394  1.00 49.94 ? 28  THR B N   1 
ATOM   910  C  CA  . THR B 2 21 ? -13.845 3.820   14.171  1.00 43.30 ? 28  THR B CA  1 
ATOM   911  C  C   . THR B 2 21 ? -12.588 4.680   14.272  1.00 37.30 ? 28  THR B C   1 
ATOM   912  O  O   . THR B 2 21 ? -12.514 5.765   13.702  1.00 38.18 ? 28  THR B O   1 
ATOM   913  C  CB  . THR B 2 21 ? -13.856 3.106   12.813  1.00 42.02 ? 28  THR B CB  1 
ATOM   914  O  OG1 . THR B 2 21 ? -15.039 2.305   12.705  1.00 40.84 ? 28  THR B OG1 1 
ATOM   915  C  CG2 . THR B 2 21 ? -12.620 2.210   12.676  1.00 33.08 ? 28  THR B CG2 1 
ATOM   916  N  N   . LYS B 2 22 ? -11.605 4.170   15.006  1.00 38.59 ? 29  LYS B N   1 
ATOM   917  C  CA  . LYS B 2 22 ? -10.310 4.812   15.130  1.00 43.14 ? 29  LYS B CA  1 
ATOM   918  C  C   . LYS B 2 22 ? -9.193  3.810   14.838  1.00 37.79 ? 29  LYS B C   1 
ATOM   919  O  O   . LYS B 2 22 ? -9.429  2.609   14.760  1.00 36.54 ? 29  LYS B O   1 
ATOM   920  C  CB  . LYS B 2 22 ? -10.134 5.393   16.537  1.00 43.92 ? 29  LYS B CB  1 
ATOM   921  C  CG  . LYS B 2 22 ? -11.167 6.438   16.910  1.00 42.70 ? 29  LYS B CG  1 
ATOM   922  C  CD  . LYS B 2 22 ? -10.996 7.707   16.088  1.00 50.13 ? 29  LYS B CD  1 
ATOM   923  C  CE  . LYS B 2 22 ? -11.970 8.794   16.536  1.00 52.75 ? 29  LYS B CE  1 
ATOM   924  N  NZ  . LYS B 2 22 ? -13.387 8.326   16.483  1.00 56.82 ? 29  LYS B NZ  1 
ATOM   925  N  N   . VAL B 2 23 ? -7.975  4.316   14.684  1.00 37.01 ? 30  VAL B N   1 
ATOM   926  C  CA  . VAL B 2 23 ? -6.819  3.472   14.437  1.00 34.82 ? 30  VAL B CA  1 
ATOM   927  C  C   . VAL B 2 23 ? -5.737  3.715   15.477  1.00 37.00 ? 30  VAL B C   1 
ATOM   928  O  O   . VAL B 2 23 ? -5.401  4.858   15.763  1.00 33.69 ? 30  VAL B O   1 
ATOM   929  C  CB  . VAL B 2 23 ? -6.231  3.746   13.041  1.00 36.50 ? 30  VAL B CB  1 
ATOM   930  C  CG1 . VAL B 2 23 ? -5.071  2.800   12.763  1.00 32.97 ? 30  VAL B CG1 1 
ATOM   931  C  CG2 . VAL B 2 23 ? -7.314  3.613   11.974  1.00 35.50 ? 30  VAL B CG2 1 
ATOM   932  N  N   . SER B 2 24 ? -5.188  2.648   16.042  1.00 35.95 ? 31  SER B N   1 
ATOM   933  C  CA  . SER B 2 24 ? -4.103  2.810   17.006  1.00 41.60 ? 31  SER B CA  1 
ATOM   934  C  C   . SER B 2 24 ? -2.825  3.323   16.334  1.00 38.04 ? 31  SER B C   1 
ATOM   935  O  O   . SER B 2 24 ? -2.647  3.189   15.117  1.00 34.02 ? 31  SER B O   1 
ATOM   936  C  CB  . SER B 2 24 ? -3.838  1.516   17.784  1.00 37.59 ? 31  SER B CB  1 
ATOM   937  O  OG  . SER B 2 24 ? -2.982  0.632   17.073  1.00 40.64 ? 31  SER B OG  1 
ATOM   938  N  N   . GLY B 2 25 ? -1.951  3.942   17.126  1.00 40.21 ? 32  GLY B N   1 
ATOM   939  C  CA  . GLY B 2 25 ? -0.717  4.503   16.597  1.00 34.70 ? 32  GLY B CA  1 
ATOM   940  C  C   . GLY B 2 25 ? 0.177   3.410   16.041  1.00 36.83 ? 32  GLY B C   1 
ATOM   941  O  O   . GLY B 2 25 ? 0.795   3.564   14.989  1.00 35.59 ? 32  GLY B O   1 
ATOM   942  N  N   . ASP B 2 26 ? 0.242   2.295   16.758  1.00 38.95 ? 33  ASP B N   1 
ATOM   943  C  CA  . ASP B 2 26 ? 1.043   1.156   16.330  1.00 36.59 ? 33  ASP B CA  1 
ATOM   944  C  C   . ASP B 2 26 ? 0.468   0.529   15.054  1.00 37.81 ? 33  ASP B C   1 
ATOM   945  O  O   . ASP B 2 26 ? 1.213   0.138   14.152  1.00 34.26 ? 33  ASP B O   1 
ATOM   946  C  CB  . ASP B 2 26 ? 1.149   0.120   17.451  1.00 39.98 ? 33  ASP B CB  1 
ATOM   947  C  CG  . ASP B 2 26 ? 2.018   0.603   18.613  1.00 47.78 ? 33  ASP B CG  1 
ATOM   948  O  OD1 . ASP B 2 26 ? 2.302   1.815   18.675  1.00 46.66 ? 33  ASP B OD1 1 
ATOM   949  O  OD2 . ASP B 2 26 ? 2.419   -0.223  19.462  1.00 52.11 ? 33  ASP B OD2 1 
ATOM   950  N  N   . ALA B 2 27 ? -0.856  0.445   14.981  1.00 37.50 ? 34  ALA B N   1 
ATOM   951  C  CA  . ALA B 2 27 ? -1.501  -0.099  13.786  1.00 38.32 ? 34  ALA B CA  1 
ATOM   952  C  C   . ALA B 2 27 ? -1.227  0.816   12.593  1.00 36.53 ? 34  ALA B C   1 
ATOM   953  O  O   . ALA B 2 27 ? -0.932  0.349   11.486  1.00 32.46 ? 34  ALA B O   1 
ATOM   954  C  CB  . ALA B 2 27 ? -3.006  -0.280  14.012  1.00 31.28 ? 34  ALA B CB  1 
ATOM   955  N  N   . LEU B 2 28 ? -1.288  2.123   12.832  1.00 34.10 ? 35  LEU B N   1 
ATOM   956  C  CA  . LEU B 2 28 ? -1.010  3.094   11.787  1.00 36.83 ? 35  LEU B CA  1 
ATOM   957  C  C   . LEU B 2 28 ? 0.408   2.924   11.225  1.00 36.31 ? 35  LEU B C   1 
ATOM   958  O  O   . LEU B 2 28 ? 0.613   3.051   10.018  1.00 30.38 ? 35  LEU B O   1 
ATOM   959  C  CB  . LEU B 2 28 ? -1.224  4.519   12.304  1.00 38.07 ? 35  LEU B CB  1 
ATOM   960  C  CG  . LEU B 2 28 ? -1.142  5.661   11.291  1.00 38.21 ? 35  LEU B CG  1 
ATOM   961  C  CD1 . LEU B 2 28 ? -1.817  5.280   9.985   1.00 36.69 ? 35  LEU B CD1 1 
ATOM   962  C  CD2 . LEU B 2 28 ? -1.750  6.955   11.865  1.00 36.03 ? 35  LEU B CD2 1 
ATOM   963  N  N   . GLN B 2 29 ? 1.381   2.639   12.093  1.00 33.12 ? 36  GLN B N   1 
ATOM   964  C  CA  . GLN B 2 29 ? 2.758   2.425   11.636  1.00 37.34 ? 36  GLN B CA  1 
ATOM   965  C  C   . GLN B 2 29 ? 2.856   1.172   10.779  1.00 35.56 ? 36  GLN B C   1 
ATOM   966  O  O   . GLN B 2 29 ? 3.559   1.161   9.770   1.00 29.52 ? 36  GLN B O   1 
ATOM   967  C  CB  . GLN B 2 29 ? 3.745   2.322   12.804  1.00 38.97 ? 36  GLN B CB  1 
ATOM   968  C  CG  . GLN B 2 29 ? 4.617   3.574   13.012  1.00 52.53 ? 36  GLN B CG  1 
ATOM   969  C  CD  . GLN B 2 29 ? 5.289   4.071   11.731  1.00 44.01 ? 36  GLN B CD  1 
ATOM   970  O  OE1 . GLN B 2 29 ? 5.068   5.202   11.306  1.00 48.95 ? 36  GLN B OE1 1 
ATOM   971  N  NE2 . GLN B 2 29 ? 6.108   3.222   11.112  1.00 46.63 ? 36  GLN B NE2 1 
ATOM   972  N  N   . LEU B 2 30 ? 2.167   0.108   11.190  1.00 31.42 ? 37  LEU B N   1 
ATOM   973  C  CA  . LEU B 2 30 ? 2.157   -1.115  10.391  1.00 33.75 ? 37  LEU B CA  1 
ATOM   974  C  C   . LEU B 2 30 ? 1.511   -0.875  9.024   1.00 32.95 ? 37  LEU B C   1 
ATOM   975  O  O   . LEU B 2 30 ? 1.964   -1.415  8.021   1.00 29.81 ? 37  LEU B O   1 
ATOM   976  C  CB  . LEU B 2 30 ? 1.475   -2.276  11.130  1.00 34.79 ? 37  LEU B CB  1 
ATOM   977  C  CG  . LEU B 2 30 ? 2.271   -2.848  12.317  1.00 42.43 ? 37  LEU B CG  1 
ATOM   978  C  CD1 . LEU B 2 30 ? 1.665   -4.156  12.794  1.00 46.96 ? 37  LEU B CD1 1 
ATOM   979  C  CD2 . LEU B 2 30 ? 3.722   -3.059  11.936  1.00 51.44 ? 37  LEU B CD2 1 
HETATM 980  N  N   . MSE B 2 31 ? 0.471   -0.047  8.984   1.00 27.67 ? 38  MSE B N   1 
HETATM 981  C  CA  . MSE B 2 31 ? -0.170  0.288   7.710   1.00 26.30 ? 38  MSE B CA  1 
HETATM 982  C  C   . MSE B 2 31 ? 0.722   1.115   6.800   1.00 28.34 ? 38  MSE B C   1 
HETATM 983  O  O   . MSE B 2 31 ? 0.745   0.900   5.590   1.00 25.09 ? 38  MSE B O   1 
HETATM 984  C  CB  . MSE B 2 31 ? -1.506  0.987   7.930   1.00 25.81 ? 38  MSE B CB  1 
HETATM 985  C  CG  . MSE B 2 31 ? -2.510  0.080   8.563   1.00 27.11 ? 38  MSE B CG  1 
HETATM 986  SE SE  . MSE B 2 31 ? -2.804  -1.386  7.291   0.50 33.91 ? 38  MSE B SE  1 
HETATM 987  C  CE  . MSE B 2 31 ? -3.528  -0.393  5.809   1.00 23.33 ? 38  MSE B CE  1 
ATOM   988  N  N   . VAL B 2 32 ? 1.453   2.067   7.376   1.00 24.35 ? 39  VAL B N   1 
ATOM   989  C  CA  . VAL B 2 32 ? 2.463   2.790   6.625   1.00 26.03 ? 39  VAL B CA  1 
ATOM   990  C  C   . VAL B 2 32 ? 3.432   1.827   5.953   1.00 25.78 ? 39  VAL B C   1 
ATOM   991  O  O   . VAL B 2 32 ? 3.766   1.974   4.780   1.00 23.18 ? 39  VAL B O   1 
ATOM   992  C  CB  . VAL B 2 32 ? 3.235   3.805   7.539   1.00 26.26 ? 39  VAL B CB  1 
ATOM   993  C  CG1 . VAL B 2 32 ? 4.523   4.253   6.880   1.00 33.10 ? 39  VAL B CG1 1 
ATOM   994  C  CG2 . VAL B 2 32 ? 2.349   4.989   7.860   1.00 28.95 ? 39  VAL B CG2 1 
ATOM   995  N  N   . GLU B 2 33 ? 3.876   0.823   6.692   1.00 28.69 ? 40  GLU B N   1 
ATOM   996  C  CA  . GLU B 2 33 ? 4.820   -0.128  6.119   1.00 30.46 ? 40  GLU B CA  1 
ATOM   997  C  C   . GLU B 2 33 ? 4.173   -1.039  5.078   1.00 27.82 ? 40  GLU B C   1 
ATOM   998  O  O   . GLU B 2 33 ? 4.799   -1.414  4.094   1.00 25.52 ? 40  GLU B O   1 
ATOM   999  C  CB  . GLU B 2 33 ? 5.485   -0.943  7.218   1.00 36.79 ? 40  GLU B CB  1 
ATOM   1000 C  CG  . GLU B 2 33 ? 6.255   -0.079  8.207   1.00 43.76 ? 40  GLU B CG  1 
ATOM   1001 C  CD  . GLU B 2 33 ? 7.365   0.738   7.541   1.00 48.61 ? 40  GLU B CD  1 
ATOM   1002 O  OE1 . GLU B 2 33 ? 7.592   1.890   7.966   1.00 47.24 ? 40  GLU B OE1 1 
ATOM   1003 O  OE2 . GLU B 2 33 ? 8.013   0.232   6.594   1.00 57.49 ? 40  GLU B OE2 1 
ATOM   1004 N  N   . LEU B 2 34 ? 2.914   -1.394  5.304   1.00 26.97 ? 41  LEU B N   1 
ATOM   1005 C  CA  . LEU B 2 34 ? 2.208   -2.293  4.389   1.00 27.28 ? 41  LEU B CA  1 
ATOM   1006 C  C   . LEU B 2 34 ? 1.909   -1.600  3.051   1.00 25.45 ? 41  LEU B C   1 
ATOM   1007 O  O   . LEU B 2 34 ? 1.987   -2.219  1.977   1.00 26.05 ? 41  LEU B O   1 
ATOM   1008 C  CB  . LEU B 2 34 ? 0.924   -2.823  5.029   1.00 25.31 ? 41  LEU B CB  1 
ATOM   1009 C  CG  . LEU B 2 34 ? 0.100   -3.738  4.107   1.00 30.00 ? 41  LEU B CG  1 
ATOM   1010 C  CD1 . LEU B 2 34 ? 0.868   -5.003  3.813   1.00 33.97 ? 41  LEU B CD1 1 
ATOM   1011 C  CD2 . LEU B 2 34 ? -1.252  -4.065  4.715   1.00 33.02 ? 41  LEU B CD2 1 
ATOM   1012 N  N   . LEU B 2 35 ? 1.584   -0.313  3.097   1.00 24.45 ? 42  LEU B N   1 
ATOM   1013 C  CA  . LEU B 2 35 ? 1.341   0.411   1.847   1.00 24.09 ? 42  LEU B CA  1 
ATOM   1014 C  C   . LEU B 2 35 ? 2.635   0.524   1.039   1.00 22.35 ? 42  LEU B C   1 
ATOM   1015 O  O   . LEU B 2 35 ? 2.616   0.489   -0.186  1.00 21.18 ? 42  LEU B O   1 
ATOM   1016 C  CB  . LEU B 2 35 ? 0.764   1.810   2.102   1.00 21.96 ? 42  LEU B CB  1 
ATOM   1017 C  CG  . LEU B 2 35 ? -0.700  2.182   1.863   1.00 37.80 ? 42  LEU B CG  1 
ATOM   1018 C  CD1 . LEU B 2 35 ? -0.779  3.710   1.632   1.00 33.30 ? 42  LEU B CD1 1 
ATOM   1019 C  CD2 . LEU B 2 35 ? -1.392  1.402   0.712   1.00 26.76 ? 42  LEU B CD2 1 
ATOM   1020 N  N   . LYS B 2 36 ? 3.758   0.705   1.730   1.00 21.57 ? 43  LYS B N   1 
ATOM   1021 C  CA  . LYS B 2 36 ? 5.042   0.768   1.038   1.00 25.30 ? 43  LYS B CA  1 
ATOM   1022 C  C   . LYS B 2 36 ? 5.288   -0.539  0.301   1.00 24.11 ? 43  LYS B C   1 
ATOM   1023 O  O   . LYS B 2 36 ? 5.633   -0.544  -0.879  1.00 23.34 ? 43  LYS B O   1 
ATOM   1024 C  CB  . LYS B 2 36 ? 6.192   1.022   2.019   1.00 26.10 ? 43  LYS B CB  1 
ATOM   1025 C  CG  . LYS B 2 36 ? 7.565   1.030   1.324   1.00 29.85 ? 43  LYS B CG  1 
ATOM   1026 C  CD  . LYS B 2 36 ? 8.698   1.285   2.318   1.00 27.25 ? 43  LYS B CD  1 
ATOM   1027 C  CE  . LYS B 2 36 ? 10.041  1.331   1.590   1.00 32.77 ? 43  LYS B CE  1 
ATOM   1028 N  NZ  . LYS B 2 36 ? 11.049  2.140   2.327   1.00 33.55 ? 43  LYS B NZ  1 
ATOM   1029 N  N   . VAL B 2 37 ? 5.104   -1.651  1.008   1.00 24.16 ? 44  VAL B N   1 
ATOM   1030 C  CA  . VAL B 2 37 ? 5.273   -2.969  0.398   1.00 26.31 ? 44  VAL B CA  1 
ATOM   1031 C  C   . VAL B 2 37 ? 4.387   -3.126  -0.840  1.00 27.63 ? 44  VAL B C   1 
ATOM   1032 O  O   . VAL B 2 37 ? 4.831   -3.624  -1.876  1.00 24.08 ? 44  VAL B O   1 
ATOM   1033 C  CB  . VAL B 2 37 ? 4.978   -4.074  1.414   1.00 29.70 ? 44  VAL B CB  1 
ATOM   1034 C  CG1 . VAL B 2 37 ? 4.827   -5.430  0.728   1.00 30.10 ? 44  VAL B CG1 1 
ATOM   1035 C  CG2 . VAL B 2 37 ? 6.069   -4.096  2.500   1.00 36.03 ? 44  VAL B CG2 1 
ATOM   1036 N  N   . PHE B 2 38 ? 3.133   -2.694  -0.728  1.00 22.02 ? 45  PHE B N   1 
ATOM   1037 C  CA  . PHE B 2 38 ? 2.191   -2.781  -1.845  1.00 24.22 ? 45  PHE B CA  1 
ATOM   1038 C  C   . PHE B 2 38 ? 2.696   -2.041  -3.097  1.00 23.51 ? 45  PHE B C   1 
ATOM   1039 O  O   . PHE B 2 38 ? 2.694   -2.571  -4.209  1.00 23.30 ? 45  PHE B O   1 
ATOM   1040 C  CB  . PHE B 2 38 ? 0.818   -2.215  -1.418  1.00 22.87 ? 45  PHE B CB  1 
ATOM   1041 C  CG  . PHE B 2 38 ? -0.194  -2.187  -2.524  1.00 22.83 ? 45  PHE B CG  1 
ATOM   1042 C  CD1 . PHE B 2 38 ? -0.914  -3.341  -2.852  1.00 24.16 ? 45  PHE B CD1 1 
ATOM   1043 C  CD2 . PHE B 2 38 ? -0.430  -1.016  -3.245  1.00 25.15 ? 45  PHE B CD2 1 
ATOM   1044 C  CE1 . PHE B 2 38 ? -1.849  -3.323  -3.883  1.00 23.44 ? 45  PHE B CE1 1 
ATOM   1045 C  CE2 . PHE B 2 38 ? -1.358  -0.990  -4.276  1.00 21.07 ? 45  PHE B CE2 1 
ATOM   1046 C  CZ  . PHE B 2 38 ? -2.071  -2.152  -4.597  1.00 24.69 ? 45  PHE B CZ  1 
ATOM   1047 N  N   . VAL B 2 39 ? 3.106   -0.788  -2.905  1.00 20.30 ? 46  VAL B N   1 
ATOM   1048 C  CA  . VAL B 2 39 ? 3.579   0.037   -3.997  1.00 20.02 ? 46  VAL B CA  1 
ATOM   1049 C  C   . VAL B 2 39 ? 4.879   -0.532  -4.557  1.00 19.10 ? 46  VAL B C   1 
ATOM   1050 O  O   . VAL B 2 39 ? 5.031   -0.623  -5.743  1.00 18.14 ? 46  VAL B O   1 
ATOM   1051 C  CB  . VAL B 2 39 ? 3.807   1.500   -3.543  1.00 23.64 ? 46  VAL B CB  1 
ATOM   1052 C  CG1 . VAL B 2 39 ? 4.508   2.310   -4.650  1.00 23.85 ? 46  VAL B CG1 1 
ATOM   1053 C  CG2 . VAL B 2 39 ? 2.454   2.128   -3.156  1.00 21.74 ? 46  VAL B CG2 1 
ATOM   1054 N  N   . VAL B 2 40 ? 5.811   -0.913  -3.692  1.00 21.92 ? 47  VAL B N   1 
ATOM   1055 C  CA  . VAL B 2 40 ? 7.083   -1.441  -4.199  1.00 25.55 ? 47  VAL B CA  1 
ATOM   1056 C  C   . VAL B 2 40 ? 6.865   -2.740  -4.991  1.00 23.29 ? 47  VAL B C   1 
ATOM   1057 O  O   . VAL B 2 40 ? 7.466   -2.960  -6.058  1.00 24.12 ? 47  VAL B O   1 
ATOM   1058 C  CB  . VAL B 2 40 ? 8.133   -1.627  -3.062  1.00 24.48 ? 47  VAL B CB  1 
ATOM   1059 C  CG1 . VAL B 2 40 ? 9.344   -2.392  -3.587  1.00 31.82 ? 47  VAL B CG1 1 
ATOM   1060 C  CG2 . VAL B 2 40 ? 8.567   -0.259  -2.525  1.00 23.33 ? 47  VAL B CG2 1 
ATOM   1061 N  N   . GLU B 2 41 ? 5.979   -3.592  -4.488  1.00 27.07 ? 48  GLU B N   1 
ATOM   1062 C  CA  . GLU B 2 41 ? 5.633   -4.816  -5.216  1.00 26.27 ? 48  GLU B CA  1 
ATOM   1063 C  C   . GLU B 2 41 ? 5.019   -4.504  -6.578  1.00 28.92 ? 48  GLU B C   1 
ATOM   1064 O  O   . GLU B 2 41 ? 5.374   -5.133  -7.581  1.00 25.54 ? 48  GLU B O   1 
ATOM   1065 C  CB  . GLU B 2 41 ? 4.712   -5.713  -4.388  1.00 28.63 ? 48  GLU B CB  1 
ATOM   1066 C  CG  . GLU B 2 41 ? 5.447   -6.468  -3.304  1.00 34.71 ? 48  GLU B CG  1 
ATOM   1067 C  CD  . GLU B 2 41 ? 6.355   -7.558  -3.875  1.00 37.16 ? 48  GLU B CD  1 
ATOM   1068 O  OE1 . GLU B 2 41 ? 6.011   -8.130  -4.925  1.00 29.56 ? 48  GLU B OE1 1 
ATOM   1069 O  OE2 . GLU B 2 41 ? 7.412   -7.836  -3.274  1.00 44.60 ? 48  GLU B OE2 1 
ATOM   1070 N  N   . ALA B 2 42 ? 4.108   -3.533  -6.636  1.00 22.19 ? 49  ALA B N   1 
ATOM   1071 C  CA  . ALA B 2 42 ? 3.578   -3.141  -7.948  1.00 20.82 ? 49  ALA B CA  1 
ATOM   1072 C  C   . ALA B 2 42 ? 4.723   -2.748  -8.886  1.00 23.57 ? 49  ALA B C   1 
ATOM   1073 O  O   . ALA B 2 42 ? 4.792   -3.220  -10.024 1.00 24.83 ? 49  ALA B O   1 
ATOM   1074 C  CB  . ALA B 2 42 ? 2.563   -2.001  -7.829  1.00 20.90 ? 49  ALA B CB  1 
ATOM   1075 N  N   . ALA B 2 43 ? 5.620   -1.881  -8.403  1.00 21.52 ? 50  ALA B N   1 
ATOM   1076 C  CA  . ALA B 2 43 ? 6.717   -1.372  -9.238  1.00 20.96 ? 50  ALA B CA  1 
ATOM   1077 C  C   . ALA B 2 43 ? 7.655   -2.502  -9.690  1.00 26.90 ? 50  ALA B C   1 
ATOM   1078 O  O   . ALA B 2 43 ? 7.954   -2.647  -10.877 1.00 25.93 ? 50  ALA B O   1 
ATOM   1079 C  CB  . ALA B 2 43 ? 7.502   -0.309  -8.500  1.00 19.30 ? 50  ALA B CB  1 
ATOM   1080 N  N   . VAL B 2 44 ? 8.118   -3.284  -8.722  1.00 26.47 ? 51  VAL B N   1 
ATOM   1081 C  CA  . VAL B 2 44 ? 9.045   -4.374  -8.990  1.00 27.23 ? 51  VAL B CA  1 
ATOM   1082 C  C   . VAL B 2 44 ? 8.437   -5.417  -9.921  1.00 30.58 ? 51  VAL B C   1 
ATOM   1083 O  O   . VAL B 2 44 ? 9.088   -5.867  -10.854 1.00 28.59 ? 51  VAL B O   1 
ATOM   1084 C  CB  . VAL B 2 44 ? 9.534   -5.015  -7.681  1.00 29.01 ? 51  VAL B CB  1 
ATOM   1085 C  CG1 . VAL B 2 44 ? 10.163  -6.366  -7.940  1.00 43.65 ? 51  VAL B CG1 1 
ATOM   1086 C  CG2 . VAL B 2 44 ? 10.513  -4.073  -6.983  1.00 27.30 ? 51  VAL B CG2 1 
ATOM   1087 N  N   . ARG B 2 45 ? 7.178   -5.782  -9.693  1.00 27.86 ? 52  ARG B N   1 
ATOM   1088 C  CA  . ARG B 2 45 ? 6.522   -6.711  -10.604 1.00 30.90 ? 52  ARG B CA  1 
ATOM   1089 C  C   . ARG B 2 45 ? 6.396   -6.135  -12.010 1.00 28.90 ? 52  ARG B C   1 
ATOM   1090 O  O   . ARG B 2 45 ? 6.585   -6.845  -13.015 1.00 29.66 ? 52  ARG B O   1 
ATOM   1091 C  CB  . ARG B 2 45 ? 5.153   -7.123  -10.072 1.00 30.42 ? 52  ARG B CB  1 
ATOM   1092 C  CG  . ARG B 2 45 ? 5.220   -7.915  -8.782  1.00 31.70 ? 52  ARG B CG  1 
ATOM   1093 C  CD  . ARG B 2 45 ? 3.825   -8.241  -8.249  1.00 28.73 ? 52  ARG B CD  1 
ATOM   1094 N  NE  . ARG B 2 45 ? 3.915   -8.675  -6.858  1.00 36.28 ? 52  ARG B NE  1 
ATOM   1095 C  CZ  . ARG B 2 45 ? 3.114   -9.570  -6.298  1.00 35.72 ? 52  ARG B CZ  1 
ATOM   1096 N  NH1 . ARG B 2 45 ? 2.138   -10.128 -7.010  1.00 35.32 ? 52  ARG B NH1 1 
ATOM   1097 N  NH2 . ARG B 2 45 ? 3.277   -9.892  -5.021  1.00 38.12 ? 52  ARG B NH2 1 
ATOM   1098 N  N   . GLY B 2 46 ? 6.065   -4.850  -12.088 1.00 24.25 ? 53  GLY B N   1 
ATOM   1099 C  CA  . GLY B 2 46 ? 5.995   -4.172  -13.374 1.00 23.28 ? 53  GLY B CA  1 
ATOM   1100 C  C   . GLY B 2 46 ? 7.325   -4.233  -14.107 1.00 28.30 ? 53  GLY B C   1 
ATOM   1101 O  O   . GLY B 2 46 ? 7.373   -4.486  -15.313 1.00 27.04 ? 53  GLY B O   1 
ATOM   1102 N  N   . VAL B 2 47 ? 8.406   -3.988  -13.371 1.00 28.40 ? 54  VAL B N   1 
ATOM   1103 C  CA  . VAL B 2 47 ? 9.742   -4.067  -13.939 1.00 28.65 ? 54  VAL B CA  1 
ATOM   1104 C  C   . VAL B 2 47 ? 10.042  -5.488  -14.437 1.00 27.14 ? 54  VAL B C   1 
ATOM   1105 O  O   . VAL B 2 47 ? 10.610  -5.663  -15.514 1.00 30.55 ? 54  VAL B O   1 
ATOM   1106 C  CB  . VAL B 2 47 ? 10.832  -3.614  -12.947 1.00 27.48 ? 54  VAL B CB  1 
ATOM   1107 C  CG1 . VAL B 2 47 ? 12.219  -4.051  -13.451 1.00 30.57 ? 54  VAL B CG1 1 
ATOM   1108 C  CG2 . VAL B 2 47 ? 10.774  -2.105  -12.758 1.00 23.89 ? 54  VAL B CG2 1 
ATOM   1109 N  N   . ARG B 2 48 ? 9.662   -6.494  -13.660 1.00 27.70 ? 55  ARG B N   1 
ATOM   1110 C  CA  . ARG B 2 48 ? 9.847   -7.879  -14.103 1.00 35.28 ? 55  ARG B CA  1 
ATOM   1111 C  C   . ARG B 2 48 ? 9.107   -8.185  -15.404 1.00 34.50 ? 55  ARG B C   1 
ATOM   1112 O  O   . ARG B 2 48 ? 9.650   -8.833  -16.303 1.00 31.58 ? 55  ARG B O   1 
ATOM   1113 C  CB  . ARG B 2 48 ? 9.421   -8.862  -13.021 1.00 35.99 ? 55  ARG B CB  1 
ATOM   1114 C  CG  . ARG B 2 48 ? 10.341  -8.879  -11.825 1.00 45.18 ? 55  ARG B CG  1 
ATOM   1115 C  CD  . ARG B 2 48 ? 10.132  -10.148 -11.019 1.00 52.65 ? 55  ARG B CD  1 
ATOM   1116 N  NE  . ARG B 2 48 ? 9.956   -9.877  -9.594  1.00 55.38 ? 55  ARG B NE  1 
ATOM   1117 C  CZ  . ARG B 2 48 ? 8.794   -9.981  -8.958  1.00 49.78 ? 55  ARG B CZ  1 
ATOM   1118 N  NH1 . ARG B 2 48 ? 7.707   -10.358 -9.622  1.00 54.95 ? 55  ARG B NH1 1 
ATOM   1119 N  NH2 . ARG B 2 48 ? 8.723   -9.717  -7.660  1.00 54.83 ? 55  ARG B NH2 1 
ATOM   1120 N  N   . GLN B 2 49 ? 7.865   -7.726  -15.497 1.00 32.51 ? 56  GLN B N   1 
ATOM   1121 C  CA  . GLN B 2 49 ? 7.077   -7.902  -16.708 1.00 32.19 ? 56  GLN B CA  1 
ATOM   1122 C  C   . GLN B 2 49 ? 7.719   -7.207  -17.900 1.00 30.36 ? 56  GLN B C   1 
ATOM   1123 O  O   . GLN B 2 49 ? 7.776   -7.765  -18.991 1.00 30.91 ? 56  GLN B O   1 
ATOM   1124 C  CB  . GLN B 2 49 ? 5.651   -7.387  -16.514 1.00 29.28 ? 56  GLN B CB  1 
ATOM   1125 C  CG  . GLN B 2 49 ? 4.753   -7.623  -17.717 1.00 29.37 ? 56  GLN B CG  1 
ATOM   1126 C  CD  . GLN B 2 49 ? 4.511   -9.105  -17.990 1.00 35.51 ? 56  GLN B CD  1 
ATOM   1127 O  OE1 . GLN B 2 49 ? 4.346   -9.906  -17.064 1.00 36.79 ? 56  GLN B OE1 1 
ATOM   1128 N  NE2 . GLN B 2 49 ? 4.503   -9.475  -19.269 1.00 36.19 ? 56  GLN B NE2 1 
ATOM   1129 N  N   . ALA B 2 50 ? 8.171   -5.976  -17.696 1.00 28.83 ? 57  ALA B N   1 
ATOM   1130 C  CA  . ALA B 2 50 ? 8.843   -5.231  -18.745 1.00 28.52 ? 57  ALA B CA  1 
ATOM   1131 C  C   . ALA B 2 50 ? 10.109  -5.959  -19.213 1.00 30.01 ? 57  ALA B C   1 
ATOM   1132 O  O   . ALA B 2 50 ? 10.350  -6.082  -20.411 1.00 30.47 ? 57  ALA B O   1 
ATOM   1133 C  CB  . ALA B 2 50 ? 9.173   -3.818  -18.267 1.00 28.10 ? 57  ALA B CB  1 
ATOM   1134 N  N   . GLN B 2 51 ? 10.910  -6.427  -18.262 1.00 27.64 ? 58  GLN B N   1 
ATOM   1135 C  CA  . GLN B 2 51 ? 12.118  -7.190  -18.568 1.00 29.94 ? 58  GLN B CA  1 
ATOM   1136 C  C   . GLN B 2 51 ? 11.781  -8.414  -19.430 1.00 33.13 ? 58  GLN B C   1 
ATOM   1137 O  O   . GLN B 2 51 ? 12.424  -8.663  -20.463 1.00 31.93 ? 58  GLN B O   1 
ATOM   1138 C  CB  . GLN B 2 51 ? 12.848  -7.591  -17.274 1.00 28.87 ? 58  GLN B CB  1 
ATOM   1139 C  CG  . GLN B 2 51 ? 13.643  -6.440  -16.660 1.00 30.65 ? 58  GLN B CG  1 
ATOM   1140 C  CD  . GLN B 2 51 ? 14.217  -6.739  -15.280 1.00 28.92 ? 58  GLN B CD  1 
ATOM   1141 O  OE1 . GLN B 2 51 ? 13.866  -7.734  -14.636 1.00 31.31 ? 58  GLN B OE1 1 
ATOM   1142 N  NE2 . GLN B 2 51 ? 15.100  -5.863  -14.815 1.00 34.17 ? 58  GLN B NE2 1 
ATOM   1143 N  N   . ALA B 2 52 ? 10.746  -9.144  -19.014 1.00 30.26 ? 59  ALA B N   1 
ATOM   1144 C  CA  . ALA B 2 52 ? 10.307  -10.368 -19.670 1.00 31.76 ? 59  ALA B CA  1 
ATOM   1145 C  C   . ALA B 2 52 ? 9.859   -10.129 -21.098 1.00 36.22 ? 59  ALA B C   1 
ATOM   1146 O  O   . ALA B 2 52 ? 10.074  -10.980 -21.965 1.00 38.61 ? 59  ALA B O   1 
ATOM   1147 C  CB  . ALA B 2 52 ? 9.195   -11.043 -18.866 1.00 31.98 ? 59  ALA B CB  1 
ATOM   1148 N  N   . GLU B 2 53 ? 9.237   -8.985  -21.359 1.00 35.38 ? 60  GLU B N   1 
ATOM   1149 C  CA  . GLU B 2 53 ? 8.820   -8.697  -22.740 1.00 40.56 ? 60  GLU B CA  1 
ATOM   1150 C  C   . GLU B 2 53 ? 9.757   -7.753  -23.487 1.00 36.18 ? 60  GLU B C   1 
ATOM   1151 O  O   . GLU B 2 53 ? 9.440   -7.260  -24.577 1.00 36.99 ? 60  GLU B O   1 
ATOM   1152 C  CB  . GLU B 2 53 ? 7.351   -8.255  -22.843 1.00 41.67 ? 60  GLU B CB  1 
ATOM   1153 C  CG  . GLU B 2 53 ? 6.832   -7.342  -21.761 1.00 41.01 ? 60  GLU B CG  1 
ATOM   1154 C  CD  . GLU B 2 53 ? 5.372   -6.955  -21.995 1.00 38.52 ? 60  GLU B CD  1 
ATOM   1155 O  OE1 . GLU B 2 53 ? 5.125   -6.086  -22.855 1.00 39.02 ? 60  GLU B OE1 1 
ATOM   1156 O  OE2 . GLU B 2 53 ? 4.472   -7.525  -21.334 1.00 41.21 ? 60  GLU B OE2 1 
ATOM   1157 N  N   . ASP B 2 54 ? 10.924  -7.525  -22.893 1.00 33.00 ? 61  ASP B N   1 
ATOM   1158 C  CA  . ASP B 2 54 ? 11.970  -6.735  -23.516 1.00 32.45 ? 61  ASP B CA  1 
ATOM   1159 C  C   . ASP B 2 54 ? 11.463  -5.346  -23.908 1.00 40.46 ? 61  ASP B C   1 
ATOM   1160 O  O   . ASP B 2 54 ? 11.877  -4.782  -24.922 1.00 37.90 ? 61  ASP B O   1 
ATOM   1161 C  CB  . ASP B 2 54 ? 12.554  -7.475  -24.726 1.00 33.35 ? 61  ASP B CB  1 
ATOM   1162 C  CG  . ASP B 2 54 ? 13.894  -6.901  -25.171 1.00 41.38 ? 61  ASP B CG  1 
ATOM   1163 O  OD1 . ASP B 2 54 ? 14.620  -6.347  -24.312 1.00 41.01 ? 61  ASP B OD1 1 
ATOM   1164 O  OD2 . ASP B 2 54 ? 14.221  -7.014  -26.374 1.00 44.48 ? 61  ASP B OD2 1 
ATOM   1165 N  N   . ALA B 2 55 ? 10.560  -4.797  -23.097 1.00 38.12 ? 62  ALA B N   1 
ATOM   1166 C  CA  . ALA B 2 55 ? 10.056  -3.443  -23.327 1.00 37.66 ? 62  ALA B CA  1 
ATOM   1167 C  C   . ALA B 2 55 ? 11.071  -2.406  -22.860 1.00 37.34 ? 62  ALA B C   1 
ATOM   1168 O  O   . ALA B 2 55 ? 11.904  -2.688  -22.005 1.00 41.56 ? 62  ALA B O   1 
ATOM   1169 C  CB  . ALA B 2 55 ? 8.715   -3.238  -22.613 1.00 38.31 ? 62  ALA B CB  1 
ATOM   1170 N  N   . LEU B 2 56 ? 10.989  -1.199  -23.408 1.00 33.67 ? 63  LEU B N   1 
ATOM   1171 C  CA  . LEU B 2 56 ? 11.959  -0.159  -23.100 1.00 38.65 ? 63  LEU B CA  1 
ATOM   1172 C  C   . LEU B 2 56 ? 11.760  0.456   -21.716 1.00 40.72 ? 63  LEU B C   1 
ATOM   1173 O  O   . LEU B 2 56 ? 12.672  1.067   -21.162 1.00 35.60 ? 63  LEU B O   1 
ATOM   1174 C  CB  . LEU B 2 56 ? 11.927  0.929   -24.177 1.00 45.80 ? 63  LEU B CB  1 
ATOM   1175 C  CG  . LEU B 2 56 ? 12.352  0.428   -25.561 1.00 48.95 ? 63  LEU B CG  1 
ATOM   1176 C  CD1 . LEU B 2 56 ? 12.404  1.577   -26.564 1.00 49.91 ? 63  LEU B CD1 1 
ATOM   1177 C  CD2 . LEU B 2 56 ? 13.700  -0.255  -25.455 1.00 47.43 ? 63  LEU B CD2 1 
ATOM   1178 N  N   . ARG B 2 57 ? 10.561  0.287   -21.168 1.00 38.16 ? 64  ARG B N   1 
ATOM   1179 C  CA  . ARG B 2 57 ? 10.202  0.891   -19.891 1.00 35.72 ? 64  ARG B CA  1 
ATOM   1180 C  C   . ARG B 2 57 ? 8.914   0.251   -19.409 1.00 32.62 ? 64  ARG B C   1 
ATOM   1181 O  O   . ARG B 2 57 ? 8.251   -0.450  -20.170 1.00 33.68 ? 64  ARG B O   1 
ATOM   1182 C  CB  . ARG B 2 57 ? 9.971   2.391   -20.076 1.00 36.99 ? 64  ARG B CB  1 
ATOM   1183 C  CG  . ARG B 2 57 ? 8.741   2.710   -20.922 1.00 42.38 ? 64  ARG B CG  1 
ATOM   1184 C  CD  . ARG B 2 57 ? 8.631   4.208   -21.183 1.00 51.00 ? 64  ARG B CD  1 
ATOM   1185 N  NE  . ARG B 2 57 ? 9.815   4.707   -21.879 1.00 55.71 ? 64  ARG B NE  1 
ATOM   1186 C  CZ  . ARG B 2 57 ? 9.983   4.643   -23.197 1.00 58.37 ? 64  ARG B CZ  1 
ATOM   1187 N  NH1 . ARG B 2 57 ? 9.035   4.107   -23.959 1.00 63.25 ? 64  ARG B NH1 1 
ATOM   1188 N  NH2 . ARG B 2 57 ? 11.092  5.113   -23.754 1.00 62.14 ? 64  ARG B NH2 1 
ATOM   1189 N  N   . VAL B 2 58 ? 8.555   0.483   -18.151 1.00 31.27 ? 65  VAL B N   1 
ATOM   1190 C  CA  . VAL B 2 58 ? 7.285   -0.029  -17.654 1.00 29.27 ? 65  VAL B CA  1 
ATOM   1191 C  C   . VAL B 2 58 ? 6.193   0.942   -18.074 1.00 30.62 ? 65  VAL B C   1 
ATOM   1192 O  O   . VAL B 2 58 ? 6.082   2.042   -17.517 1.00 31.85 ? 65  VAL B O   1 
ATOM   1193 C  CB  . VAL B 2 58 ? 7.272   -0.197  -16.118 1.00 29.71 ? 65  VAL B CB  1 
ATOM   1194 C  CG1 . VAL B 2 58 ? 5.944   -0.815  -15.662 1.00 27.02 ? 65  VAL B CG1 1 
ATOM   1195 C  CG2 . VAL B 2 58 ? 8.445   -1.069  -15.657 1.00 28.33 ? 65  VAL B CG2 1 
ATOM   1196 N  N   . ASP B 2 59 ? 5.402   0.566   -19.073 1.00 31.43 ? 66  ASP B N   1 
ATOM   1197 C  CA  . ASP B 2 59 ? 4.201   1.348   -19.350 1.00 34.25 ? 66  ASP B CA  1 
ATOM   1198 C  C   . ASP B 2 59 ? 2.975   0.645   -18.813 1.00 34.44 ? 66  ASP B C   1 
ATOM   1199 O  O   . ASP B 2 59 ? 3.070   -0.415  -18.183 1.00 33.27 ? 66  ASP B O   1 
ATOM   1200 C  CB  . ASP B 2 59 ? 4.022   1.683   -20.830 1.00 37.49 ? 66  ASP B CB  1 
ATOM   1201 C  CG  . ASP B 2 59 ? 3.704   3.174   -21.051 1.00 50.20 ? 66  ASP B CG  1 
ATOM   1202 O  OD1 . ASP B 2 59 ? 2.734   3.729   -20.439 1.00 35.84 ? 66  ASP B OD1 1 
ATOM   1203 O  OD2 . ASP B 2 59 ? 4.468   3.797   -21.812 1.00 47.21 ? 66  ASP B OD2 1 
ATOM   1204 N  N   . VAL B 2 60 ? 1.816   1.235   -19.070 1.00 35.44 ? 67  VAL B N   1 
ATOM   1205 C  CA  . VAL B 2 60 ? 0.592   0.743   -18.455 1.00 34.17 ? 67  VAL B CA  1 
ATOM   1206 C  C   . VAL B 2 60 ? 0.253   -0.675  -18.887 1.00 30.98 ? 67  VAL B C   1 
ATOM   1207 O  O   . VAL B 2 60 ? -0.248  -1.461  -18.092 1.00 35.34 ? 67  VAL B O   1 
ATOM   1208 C  CB  . VAL B 2 60 ? -0.591  1.701   -18.700 1.00 39.28 ? 67  VAL B CB  1 
ATOM   1209 C  CG1 . VAL B 2 60 ? -1.898  1.075   -18.224 1.00 41.31 ? 67  VAL B CG1 1 
ATOM   1210 C  CG2 . VAL B 2 60 ? -0.337  3.015   -17.990 1.00 35.43 ? 67  VAL B CG2 1 
ATOM   1211 N  N   . ASP B 2 61 ? 0.537   -1.012  -20.140 1.00 35.91 ? 68  ASP B N   1 
ATOM   1212 C  CA  . ASP B 2 61 ? 0.291   -2.370  -20.628 1.00 36.90 ? 68  ASP B CA  1 
ATOM   1213 C  C   . ASP B 2 61 ? 0.983   -3.414  -19.748 1.00 33.57 ? 68  ASP B C   1 
ATOM   1214 O  O   . ASP B 2 61 ? 0.393   -4.425  -19.396 1.00 37.25 ? 68  ASP B O   1 
ATOM   1215 C  CB  . ASP B 2 61 ? 0.778   -2.538  -22.074 1.00 45.24 ? 68  ASP B CB  1 
ATOM   1216 C  CG  . ASP B 2 61 ? 0.089   -1.589  -23.046 1.00 56.45 ? 68  ASP B CG  1 
ATOM   1217 O  OD1 . ASP B 2 61 ? -1.014  -1.083  -22.732 1.00 55.38 ? 68  ASP B OD1 1 
ATOM   1218 O  OD2 . ASP B 2 61 ? 0.657   -1.356  -24.136 1.00 59.81 ? 68  ASP B OD2 1 
ATOM   1219 N  N   . GLN B 2 62 ? 2.245   -3.164  -19.407 1.00 33.04 ? 69  GLN B N   1 
ATOM   1220 C  CA  . GLN B 2 62 ? 2.996   -4.080  -18.554 1.00 34.20 ? 69  GLN B CA  1 
ATOM   1221 C  C   . GLN B 2 62 ? 2.381   -4.128  -17.166 1.00 31.28 ? 69  GLN B C   1 
ATOM   1222 O  O   . GLN B 2 62 ? 2.226   -5.194  -16.572 1.00 27.80 ? 69  GLN B O   1 
ATOM   1223 C  CB  . GLN B 2 62 ? 4.455   -3.623  -18.425 1.00 34.35 ? 69  GLN B CB  1 
ATOM   1224 C  CG  . GLN B 2 62 ? 5.323   -3.847  -19.671 1.00 38.53 ? 69  GLN B CG  1 
ATOM   1225 C  CD  . GLN B 2 62 ? 4.933   -2.955  -20.831 1.00 38.77 ? 69  GLN B CD  1 
ATOM   1226 O  OE1 . GLN B 2 62 ? 4.982   -1.725  -20.736 1.00 37.00 ? 69  GLN B OE1 1 
ATOM   1227 N  NE2 . GLN B 2 62 ? 4.537   -3.573  -21.935 1.00 43.22 ? 69  GLN B NE2 1 
ATOM   1228 N  N   . LEU B 2 63 ? 2.056   -2.953  -16.641 1.00 29.96 ? 70  LEU B N   1 
ATOM   1229 C  CA  . LEU B 2 63 ? 1.545   -2.869  -15.288 1.00 30.08 ? 70  LEU B CA  1 
ATOM   1230 C  C   . LEU B 2 63 ? 0.261   -3.677  -15.205 1.00 28.53 ? 70  LEU B C   1 
ATOM   1231 O  O   . LEU B 2 63 ? 0.071   -4.464  -14.284 1.00 28.79 ? 70  LEU B O   1 
ATOM   1232 C  CB  . LEU B 2 63 ? 1.270   -1.417  -14.895 1.00 25.93 ? 70  LEU B CB  1 
ATOM   1233 C  CG  . LEU B 2 63 ? 0.740   -1.320  -13.465 1.00 29.78 ? 70  LEU B CG  1 
ATOM   1234 C  CD1 . LEU B 2 63 ? 1.891   -1.600  -12.497 1.00 27.91 ? 70  LEU B CD1 1 
ATOM   1235 C  CD2 . LEU B 2 63 ? 0.092   0.043   -13.190 1.00 27.90 ? 70  LEU B CD2 1 
ATOM   1236 N  N   . GLU B 2 64 ? -0.622  -3.492  -16.182 1.00 31.16 ? 71  GLU B N   1 
ATOM   1237 C  CA  . GLU B 2 64 ? -1.922  -4.170  -16.145 1.00 33.15 ? 71  GLU B CA  1 
ATOM   1238 C  C   . GLU B 2 64 ? -1.821  -5.695  -16.024 1.00 32.74 ? 71  GLU B C   1 
ATOM   1239 O  O   . GLU B 2 64 ? -2.656  -6.326  -15.382 1.00 32.82 ? 71  GLU B O   1 
ATOM   1240 C  CB  . GLU B 2 64 ? -2.793  -3.775  -17.350 1.00 39.42 ? 71  GLU B CB  1 
ATOM   1241 C  CG  . GLU B 2 64 ? -3.389  -2.370  -17.240 1.00 42.72 ? 71  GLU B CG  1 
ATOM   1242 C  CD  . GLU B 2 64 ? -4.324  -2.026  -18.391 1.00 53.79 ? 71  GLU B CD  1 
ATOM   1243 O  OE1 . GLU B 2 64 ? -4.586  -2.908  -19.240 1.00 57.67 ? 71  GLU B OE1 1 
ATOM   1244 O  OE2 . GLU B 2 64 ? -4.798  -0.867  -18.449 1.00 52.51 ? 71  GLU B OE2 1 
ATOM   1245 N  N   . LYS B 2 65 ? -0.795  -6.288  -16.620 1.00 31.27 ? 72  LYS B N   1 
ATOM   1246 C  CA  . LYS B 2 65 ? -0.650  -7.742  -16.583 1.00 33.05 ? 72  LYS B CA  1 
ATOM   1247 C  C   . LYS B 2 65 ? -0.297  -8.265  -15.207 1.00 32.37 ? 72  LYS B C   1 
ATOM   1248 O  O   . LYS B 2 65 ? -0.545  -9.429  -14.905 1.00 32.06 ? 72  LYS B O   1 
ATOM   1249 C  CB  . LYS B 2 65 ? 0.399   -8.219  -17.589 1.00 36.31 ? 72  LYS B CB  1 
ATOM   1250 C  CG  . LYS B 2 65 ? -0.034  -8.031  -19.023 1.00 36.88 ? 72  LYS B CG  1 
ATOM   1251 C  CD  . LYS B 2 65 ? 1.082   -8.354  -19.993 1.00 40.64 ? 72  LYS B CD  1 
ATOM   1252 C  CE  . LYS B 2 65 ? 0.802   -7.725  -21.351 1.00 46.85 ? 72  LYS B CE  1 
ATOM   1253 N  NZ  . LYS B 2 65 ? 2.025   -7.688  -22.207 1.00 52.90 ? 72  LYS B NZ  1 
ATOM   1254 N  N   . VAL B 2 66 ? 0.286   -7.415  -14.369 1.00 28.25 ? 73  VAL B N   1 
ATOM   1255 C  CA  . VAL B 2 66 ? 0.736   -7.867  -13.064 1.00 26.35 ? 73  VAL B CA  1 
ATOM   1256 C  C   . VAL B 2 66 ? -0.318  -7.573  -11.993 1.00 28.36 ? 73  VAL B C   1 
ATOM   1257 O  O   . VAL B 2 66 ? -0.255  -8.087  -10.887 1.00 27.30 ? 73  VAL B O   1 
ATOM   1258 C  CB  . VAL B 2 66 ? 2.083   -7.206  -12.687 1.00 31.30 ? 73  VAL B CB  1 
ATOM   1259 C  CG1 . VAL B 2 66 ? 3.120   -7.460  -13.784 1.00 30.12 ? 73  VAL B CG1 1 
ATOM   1260 C  CG2 . VAL B 2 66 ? 1.908   -5.702  -12.451 1.00 27.66 ? 73  VAL B CG2 1 
ATOM   1261 N  N   . LEU B 2 67 ? -1.286  -6.737  -12.330 1.00 29.83 ? 74  LEU B N   1 
ATOM   1262 C  CA  . LEU B 2 67 ? -2.228  -6.256  -11.324 1.00 30.77 ? 74  LEU B CA  1 
ATOM   1263 C  C   . LEU B 2 67 ? -3.131  -7.343  -10.715 1.00 31.99 ? 74  LEU B C   1 
ATOM   1264 O  O   . LEU B 2 67 ? -3.262  -7.419  -9.497  1.00 29.74 ? 74  LEU B O   1 
ATOM   1265 C  CB  . LEU B 2 67 ? -3.023  -5.043  -11.844 1.00 32.66 ? 74  LEU B CB  1 
ATOM   1266 C  CG  . LEU B 2 67 ? -2.138  -3.817  -12.131 1.00 36.30 ? 74  LEU B CG  1 
ATOM   1267 C  CD1 . LEU B 2 67 ? -2.970  -2.571  -12.448 1.00 39.78 ? 74  LEU B CD1 1 
ATOM   1268 C  CD2 . LEU B 2 67 ? -1.199  -3.548  -10.975 1.00 29.30 ? 74  LEU B CD2 1 
ATOM   1269 N  N   . PRO B 2 68 ? -3.723  -8.215  -11.551 1.00 36.31 ? 75  PRO B N   1 
ATOM   1270 C  CA  . PRO B 2 68 ? -4.613  -9.230  -10.973 1.00 32.56 ? 75  PRO B CA  1 
ATOM   1271 C  C   . PRO B 2 68 ? -3.945  -10.017 -9.849  1.00 32.74 ? 75  PRO B C   1 
ATOM   1272 O  O   . PRO B 2 68 ? -4.535  -10.167 -8.778  1.00 31.49 ? 75  PRO B O   1 
ATOM   1273 C  CB  . PRO B 2 68 ? -4.912  -10.153 -12.155 1.00 37.52 ? 75  PRO B CB  1 
ATOM   1274 C  CG  . PRO B 2 68 ? -4.708  -9.295  -13.365 1.00 36.88 ? 75  PRO B CG  1 
ATOM   1275 C  CD  . PRO B 2 68 ? -3.584  -8.359  -13.012 1.00 34.30 ? 75  PRO B CD  1 
ATOM   1276 N  N   . GLN B 2 69 ? -2.724  -10.489 -10.071 1.00 32.74 ? 76  GLN B N   1 
ATOM   1277 C  CA  . GLN B 2 69 ? -2.054  -11.289 -9.049  1.00 34.68 ? 76  GLN B CA  1 
ATOM   1278 C  C   . GLN B 2 69 ? -1.573  -10.449 -7.866  1.00 33.06 ? 76  GLN B C   1 
ATOM   1279 O  O   . GLN B 2 69 ? -1.572  -10.913 -6.725  1.00 34.54 ? 76  GLN B O   1 
ATOM   1280 C  CB  . GLN B 2 69 ? -0.889  -12.098 -9.635  1.00 38.52 ? 76  GLN B CB  1 
ATOM   1281 C  CG  . GLN B 2 69 ? -0.303  -13.107 -8.657  1.00 39.46 ? 76  GLN B CG  1 
ATOM   1282 C  CD  . GLN B 2 69 ? -1.297  -14.221 -8.308  1.00 42.19 ? 76  GLN B CD  1 
ATOM   1283 O  OE1 . GLN B 2 69 ? -2.060  -14.681 -9.162  1.00 42.23 ? 76  GLN B OE1 1 
ATOM   1284 N  NE2 . GLN B 2 69 ? -1.300  -14.643 -7.048  1.00 42.52 ? 76  GLN B NE2 1 
ATOM   1285 N  N   . LEU B 2 70 ? -1.164  -9.213  -8.138  1.00 33.17 ? 77  LEU B N   1 
ATOM   1286 C  CA  . LEU B 2 70 ? -0.802  -8.299  -7.064  1.00 28.41 ? 77  LEU B CA  1 
ATOM   1287 C  C   . LEU B 2 70 ? -1.960  -8.180  -6.085  1.00 29.16 ? 77  LEU B C   1 
ATOM   1288 O  O   . LEU B 2 70 ? -1.781  -8.336  -4.881  1.00 26.20 ? 77  LEU B O   1 
ATOM   1289 C  CB  . LEU B 2 70 ? -0.463  -6.913  -7.614  1.00 29.30 ? 77  LEU B CB  1 
ATOM   1290 C  CG  . LEU B 2 70 ? -0.226  -5.848  -6.538  1.00 27.92 ? 77  LEU B CG  1 
ATOM   1291 C  CD1 . LEU B 2 70 ? 1.069   -6.137  -5.778  1.00 28.51 ? 77  LEU B CD1 1 
ATOM   1292 C  CD2 . LEU B 2 70 ? -0.196  -4.455  -7.157  1.00 27.13 ? 77  LEU B CD2 1 
ATOM   1293 N  N   . LEU B 2 71 ? -3.148  -7.903  -6.615  1.00 27.13 ? 78  LEU B N   1 
ATOM   1294 C  CA  . LEU B 2 71 ? -4.318  -7.678  -5.764  1.00 29.70 ? 78  LEU B CA  1 
ATOM   1295 C  C   . LEU B 2 71 ? -4.709  -8.950  -5.010  1.00 34.26 ? 78  LEU B C   1 
ATOM   1296 O  O   . LEU B 2 71 ? -5.144  -8.899  -3.858  1.00 29.41 ? 78  LEU B O   1 
ATOM   1297 C  CB  . LEU B 2 71 ? -5.485  -7.128  -6.584  1.00 30.18 ? 78  LEU B CB  1 
ATOM   1298 C  CG  . LEU B 2 71 ? -5.264  -5.701  -7.118  1.00 32.28 ? 78  LEU B CG  1 
ATOM   1299 C  CD1 . LEU B 2 71 ? -6.324  -5.331  -8.137  1.00 33.71 ? 78  LEU B CD1 1 
ATOM   1300 C  CD2 . LEU B 2 71 ? -5.228  -4.695  -5.980  1.00 29.05 ? 78  LEU B CD2 1 
ATOM   1301 N  N   . LEU B 2 72 ? -4.531  -10.098 -5.656  1.00 32.98 ? 79  LEU B N   1 
ATOM   1302 C  CA  . LEU B 2 72 ? -4.780  -11.367 -4.988  1.00 34.31 ? 79  LEU B CA  1 
ATOM   1303 C  C   . LEU B 2 72 ? -3.824  -11.534 -3.811  1.00 39.67 ? 79  LEU B C   1 
ATOM   1304 O  O   . LEU B 2 72 ? -4.188  -12.098 -2.777  1.00 40.27 ? 79  LEU B O   1 
ATOM   1305 C  CB  . LEU B 2 72 ? -4.629  -12.533 -5.962  1.00 36.05 ? 79  LEU B CB  1 
ATOM   1306 C  CG  . LEU B 2 72 ? -5.849  -12.795 -6.847  1.00 38.73 ? 79  LEU B CG  1 
ATOM   1307 C  CD1 . LEU B 2 72 ? -5.557  -13.871 -7.891  1.00 36.97 ? 79  LEU B CD1 1 
ATOM   1308 C  CD2 . LEU B 2 72 ? -7.051  -13.175 -5.978  1.00 36.61 ? 79  LEU B CD2 1 
ATOM   1309 N  N   . ASP B 2 73 ? -2.601  -11.034 -3.971  1.00 35.48 ? 80  ASP B N   1 
ATOM   1310 C  CA  . ASP B 2 73 ? -1.580  -11.187 -2.944  1.00 38.10 ? 80  ASP B CA  1 
ATOM   1311 C  C   . ASP B 2 73 ? -1.727  -10.162 -1.822  1.00 41.78 ? 80  ASP B C   1 
ATOM   1312 O  O   . ASP B 2 73 ? -1.035  -10.254 -0.815  1.00 45.07 ? 80  ASP B O   1 
ATOM   1313 C  CB  . ASP B 2 73 ? -0.169  -11.110 -3.540  1.00 37.92 ? 80  ASP B CB  1 
ATOM   1314 C  CG  . ASP B 2 73 ? 0.122   -12.238 -4.518  1.00 40.95 ? 80  ASP B CG  1 
ATOM   1315 O  OD1 . ASP B 2 73 ? -0.617  -13.242 -4.523  1.00 45.26 ? 80  ASP B OD1 1 
ATOM   1316 O  OD2 . ASP B 2 73 ? 1.105   -12.130 -5.276  1.00 43.32 ? 80  ASP B OD2 1 
ATOM   1317 N  N   . PHE B 2 74 ? -2.614  -9.184  -2.003  1.00 37.48 ? 81  PHE B N   1 
ATOM   1318 C  CA  . PHE B 2 74 ? -2.888  -8.200  -0.953  1.00 39.36 ? 81  PHE B CA  1 
ATOM   1319 C  C   . PHE B 2 74 ? -4.366  -8.144  -0.567  1.00 48.32 ? 81  PHE B C   1 
ATOM   1320 O  O   . PHE B 2 74 ? -4.896  -9.059  0.074   1.00 54.02 ? 81  PHE B O   1 
ATOM   1321 C  CB  . PHE B 2 74 ? -2.410  -6.811  -1.369  1.00 36.09 ? 81  PHE B CB  1 
ATOM   1322 C  CG  . PHE B 2 74 ? -0.931  -6.639  -1.291  1.00 35.61 ? 81  PHE B CG  1 
ATOM   1323 C  CD1 . PHE B 2 74 ? -0.338  -6.096  -0.157  1.00 37.47 ? 81  PHE B CD1 1 
ATOM   1324 C  CD2 . PHE B 2 74 ? -0.128  -7.015  -2.346  1.00 31.14 ? 81  PHE B CD2 1 
ATOM   1325 C  CE1 . PHE B 2 74 ? 1.030   -5.940  -0.083  1.00 33.91 ? 81  PHE B CE1 1 
ATOM   1326 C  CE2 . PHE B 2 74 ? 1.242   -6.858  -2.281  1.00 34.04 ? 81  PHE B CE2 1 
ATOM   1327 C  CZ  . PHE B 2 74 ? 1.824   -6.320  -1.144  1.00 31.32 ? 81  PHE B CZ  1 
HETATM 1328 O  O   . HOH C 3 .  ? 0.452   20.629  2.267   1.00 26.64 ? 201 HOH A O   1 
HETATM 1329 O  O   . HOH C 3 .  ? -15.969 -1.603  7.233   1.00 32.48 ? 202 HOH A O   1 
HETATM 1330 O  O   . HOH C 3 .  ? -17.444 -10.453 12.567  1.00 38.26 ? 203 HOH A O   1 
HETATM 1331 O  O   . HOH C 3 .  ? 3.656   10.560  2.293   1.00 32.66 ? 204 HOH A O   1 
HETATM 1332 O  O   . HOH C 3 .  ? 7.359   12.240  -6.658  1.00 35.50 ? 205 HOH A O   1 
HETATM 1333 O  O   . HOH C 3 .  ? -8.120  -0.809  19.777  1.00 41.50 ? 206 HOH A O   1 
HETATM 1334 O  O   . HOH C 3 .  ? 6.649   9.184   -19.481 1.00 42.17 ? 207 HOH A O   1 
HETATM 1335 O  O   . HOH C 3 .  ? -4.794  2.021   -11.649 1.00 42.60 ? 208 HOH A O   1 
HETATM 1336 O  O   . HOH C 3 .  ? 1.521   17.693  -2.570  1.00 48.31 ? 209 HOH A O   1 
HETATM 1337 O  O   . HOH C 3 .  ? 11.363  6.315   -14.187 1.00 42.05 ? 210 HOH A O   1 
HETATM 1338 O  O   . HOH C 3 .  ? -11.641 -9.561  20.165  1.00 43.81 ? 211 HOH A O   1 
HETATM 1339 O  O   . HOH C 3 .  ? -16.948 -12.561 16.244  1.00 43.03 ? 212 HOH A O   1 
HETATM 1340 O  O   . HOH C 3 .  ? -2.703  6.563   -16.011 1.00 44.99 ? 213 HOH A O   1 
HETATM 1341 O  O   . HOH C 3 .  ? 1.996   15.034  -6.679  1.00 39.53 ? 214 HOH A O   1 
HETATM 1342 O  O   . HOH C 3 .  ? -17.323 -7.498  11.352  1.00 38.60 ? 215 HOH A O   1 
HETATM 1343 O  O   . HOH C 3 .  ? -4.821  15.303  -7.231  1.00 38.36 ? 216 HOH A O   1 
HETATM 1344 O  O   . HOH C 3 .  ? -9.830  -8.110  20.750  1.00 40.41 ? 217 HOH A O   1 
HETATM 1345 O  O   . HOH C 3 .  ? 7.780   -1.507  4.829   1.00 47.98 ? 218 HOH A O   1 
HETATM 1346 O  O   . HOH C 3 .  ? -8.098  6.346   -0.552  1.00 32.50 ? 219 HOH A O   1 
HETATM 1347 O  O   . HOH C 3 .  ? -3.246  10.098  -9.986  1.00 49.99 ? 220 HOH A O   1 
HETATM 1348 O  O   . HOH C 3 .  ? -8.289  -1.440  -7.904  1.00 54.20 ? 221 HOH A O   1 
HETATM 1349 O  O   . HOH C 3 .  ? -8.128  -8.953  3.727   1.00 38.69 ? 222 HOH A O   1 
HETATM 1350 O  O   . HOH C 3 .  ? -7.075  -2.693  20.867  1.00 46.54 ? 223 HOH A O   1 
HETATM 1351 O  O   . HOH C 3 .  ? -4.135  9.514   -12.006 1.00 57.03 ? 224 HOH A O   1 
HETATM 1352 O  O   . HOH C 3 .  ? -6.522  4.251   -13.207 1.00 51.65 ? 225 HOH A O   1 
HETATM 1353 O  O   . HOH C 3 .  ? -19.150 -0.554  11.020  1.00 49.95 ? 226 HOH A O   1 
HETATM 1354 O  O   . HOH C 3 .  ? -7.231  21.907  -3.705  1.00 58.10 ? 227 HOH A O   1 
HETATM 1355 O  O   . HOH C 3 .  ? 2.959   16.881  -4.732  0.50 40.45 ? 228 HOH A O   1 
HETATM 1356 O  O   . HOH C 3 .  ? 17.676  2.884   -5.508  1.00 42.91 ? 229 HOH A O   1 
HETATM 1357 O  O   . HOH C 3 .  ? 4.323   14.266  -7.731  1.00 47.22 ? 230 HOH A O   1 
HETATM 1358 O  O   . HOH D 3 .  ? 5.905   3.666   4.069   1.00 31.51 ? 101 HOH B O   1 
HETATM 1359 O  O   . HOH D 3 .  ? -2.370  -1.523  18.846  1.00 38.08 ? 102 HOH B O   1 
HETATM 1360 O  O   . HOH D 3 .  ? -9.764  11.583  5.993   1.00 33.29 ? 103 HOH B O   1 
HETATM 1361 O  O   . HOH D 3 .  ? -7.729  7.240   14.528  1.00 39.67 ? 104 HOH B O   1 
HETATM 1362 O  O   . HOH D 3 .  ? -1.248  -10.943 -12.745 1.00 30.81 ? 105 HOH B O   1 
HETATM 1363 O  O   . HOH D 3 .  ? 5.848   -9.648  -12.798 1.00 40.93 ? 106 HOH B O   1 
HETATM 1364 O  O   . HOH D 3 .  ? -9.404  17.183  8.255   1.00 41.89 ? 107 HOH B O   1 
HETATM 1365 O  O   . HOH D 3 .  ? 1.640   -9.910  -9.969  1.00 34.01 ? 108 HOH B O   1 
HETATM 1366 O  O   . HOH D 3 .  ? 4.552   14.300  10.174  1.00 41.93 ? 109 HOH B O   1 
HETATM 1367 O  O   . HOH D 3 .  ? 11.721  -11.106 -15.918 1.00 33.54 ? 110 HOH B O   1 
HETATM 1368 O  O   . HOH D 3 .  ? 14.142  -10.614 -15.036 1.00 38.74 ? 111 HOH B O   1 
HETATM 1369 O  O   . HOH D 3 .  ? 8.539   -1.061  -25.044 1.00 46.66 ? 112 HOH B O   1 
HETATM 1370 O  O   . HOH D 3 .  ? 7.914   3.341   5.695   1.00 44.34 ? 113 HOH B O   1 
HETATM 1371 O  O   . HOH D 3 .  ? -9.357  12.167  8.809   1.00 43.92 ? 114 HOH B O   1 
HETATM 1372 O  O   . HOH D 3 .  ? 14.271  -2.831  -21.068 1.00 49.10 ? 115 HOH B O   1 
HETATM 1373 O  O   . HOH D 3 .  ? 16.287  -8.368  -27.242 1.00 43.24 ? 116 HOH B O   1 
HETATM 1374 O  O   . HOH D 3 .  ? 11.652  -13.410 -22.704 1.00 47.18 ? 117 HOH B O   1 
HETATM 1375 O  O   . HOH D 3 .  ? 2.476   12.533  9.397   1.00 42.99 ? 118 HOH B O   1 
HETATM 1376 O  O   . HOH D 3 .  ? 3.361   -10.773 -11.426 1.00 45.25 ? 119 HOH B O   1 
HETATM 1377 O  O   . HOH D 3 .  ? 2.650   -14.010 -6.254  1.00 47.03 ? 120 HOH B O   1 
HETATM 1378 O  O   . HOH D 3 .  ? 6.240   14.516  8.550   1.00 47.82 ? 121 HOH B O   1 
HETATM 1379 O  O   . HOH D 3 .  ? 2.928   4.684   18.059  1.00 50.11 ? 122 HOH B O   1 
HETATM 1380 O  O   . HOH D 3 .  ? -1.112  -11.938 -18.476 1.00 52.74 ? 123 HOH B O   1 
HETATM 1381 O  O   . HOH D 3 .  ? -2.117  -11.047 -16.632 1.00 43.81 ? 124 HOH B O   1 
HETATM 1382 O  O   . HOH D 3 .  ? -13.857 8.710   9.724   1.00 49.28 ? 125 HOH B O   1 
HETATM 1383 O  O   . HOH D 3 .  ? -4.550  -11.933 -15.537 1.00 49.05 ? 126 HOH B O   1 
# 
